data_7LZ9
# 
_entry.id   7LZ9 
# 
_audit_conform.dict_name       mmcif_pdbx.dic 
_audit_conform.dict_version    5.389 
_audit_conform.dict_location   http://mmcif.pdb.org/dictionaries/ascii/mmcif_pdbx.dic 
# 
loop_
_database_2.database_id 
_database_2.database_code 
_database_2.pdbx_database_accession 
_database_2.pdbx_DOI 
PDB   7LZ9         pdb_00007lz9 10.2210/pdb7lz9/pdb 
WWPDB D_1000255359 ?            ?                   
# 
loop_
_pdbx_audit_revision_history.ordinal 
_pdbx_audit_revision_history.data_content_type 
_pdbx_audit_revision_history.major_revision 
_pdbx_audit_revision_history.minor_revision 
_pdbx_audit_revision_history.revision_date 
1 'Structure model' 1 0 2021-07-14 
2 'Structure model' 1 1 2021-08-25 
3 'Structure model' 1 2 2024-04-03 
# 
_pdbx_audit_revision_details.ordinal             1 
_pdbx_audit_revision_details.revision_ordinal    1 
_pdbx_audit_revision_details.data_content_type   'Structure model' 
_pdbx_audit_revision_details.provider            repository 
_pdbx_audit_revision_details.type                'Initial release' 
_pdbx_audit_revision_details.description         ? 
_pdbx_audit_revision_details.details             ? 
# 
loop_
_pdbx_audit_revision_group.ordinal 
_pdbx_audit_revision_group.revision_ordinal 
_pdbx_audit_revision_group.data_content_type 
_pdbx_audit_revision_group.group 
1 2 'Structure model' 'Database references'    
2 3 'Structure model' 'Data collection'        
3 3 'Structure model' 'Refinement description' 
# 
loop_
_pdbx_audit_revision_category.ordinal 
_pdbx_audit_revision_category.revision_ordinal 
_pdbx_audit_revision_category.data_content_type 
_pdbx_audit_revision_category.category 
1 2 'Structure model' citation                      
2 2 'Structure model' citation_author               
3 2 'Structure model' database_2                    
4 3 'Structure model' chem_comp_atom                
5 3 'Structure model' chem_comp_bond                
6 3 'Structure model' pdbx_initial_refinement_model 
# 
loop_
_pdbx_audit_revision_item.ordinal 
_pdbx_audit_revision_item.revision_ordinal 
_pdbx_audit_revision_item.data_content_type 
_pdbx_audit_revision_item.item 
1  2 'Structure model' '_citation.country'                   
2  2 'Structure model' '_citation.journal_abbrev'            
3  2 'Structure model' '_citation.journal_id_ASTM'           
4  2 'Structure model' '_citation.journal_id_ISSN'           
5  2 'Structure model' '_citation.journal_volume'            
6  2 'Structure model' '_citation.page_first'                
7  2 'Structure model' '_citation.page_last'                 
8  2 'Structure model' '_citation.pdbx_database_id_PubMed'   
9  2 'Structure model' '_citation.title'                     
10 2 'Structure model' '_citation_author.identifier_ORCID'   
11 2 'Structure model' '_database_2.pdbx_DOI'                
12 2 'Structure model' '_database_2.pdbx_database_accession' 
# 
_pdbx_database_status.status_code                     REL 
_pdbx_database_status.status_code_sf                  REL 
_pdbx_database_status.status_code_mr                  ? 
_pdbx_database_status.entry_id                        7LZ9 
_pdbx_database_status.recvd_initial_deposition_date   2021-03-09 
_pdbx_database_status.SG_entry                        N 
_pdbx_database_status.deposit_site                    RCSB 
_pdbx_database_status.process_site                    RCSB 
_pdbx_database_status.status_code_cs                  ? 
_pdbx_database_status.status_code_nmr_data            ? 
_pdbx_database_status.methods_development_category    ? 
_pdbx_database_status.pdb_format_compatible           Y 
# 
loop_
_audit_author.name 
_audit_author.pdbx_ordinal 
_audit_author.identifier_ORCID 
'Maciunas, L.J.' 1 0000-0002-4430-9961 
'Loll, P.J.'     2 0000-0001-5416-4500 
# 
_citation.abstract                  ? 
_citation.abstract_id_CAS           ? 
_citation.book_id_ISBN              ? 
_citation.book_publisher            ? 
_citation.book_publisher_city       ? 
_citation.book_title                ? 
_citation.coordinate_linkage        ? 
_citation.country                   ? 
_citation.database_id_Medline       ? 
_citation.details                   ? 
_citation.id                        primary 
_citation.journal_abbrev            'Acta Crystallogr D Struct Biol' 
_citation.journal_id_ASTM           ? 
_citation.journal_id_CSD            ? 
_citation.journal_id_ISSN           2059-7983 
_citation.journal_full              ? 
_citation.journal_issue             ? 
_citation.journal_volume            77 
_citation.language                  ? 
_citation.page_first                1027 
_citation.page_last                 1039 
_citation.title                     
'Structures of full-length VanR from Streptomyces coelicolor in both the inactive and activated states.' 
_citation.year                      2021 
_citation.database_id_CSD           ? 
_citation.pdbx_database_id_DOI      10.1107/S2059798321006288 
_citation.pdbx_database_id_PubMed   34342276 
_citation.pdbx_database_id_patent   ? 
_citation.unpublished_flag          ? 
# 
loop_
_citation_author.citation_id 
_citation_author.name 
_citation_author.ordinal 
_citation_author.identifier_ORCID 
primary 'Maciunas, L.J.' 1 ? 
primary 'Porter, N.'     2 ? 
primary 'Lee, P.J.'      3 ? 
primary 'Gupta, K.'      4 ? 
primary 'Loll, P.J.'     5 ? 
# 
loop_
_entity.id 
_entity.type 
_entity.src_method 
_entity.pdbx_description 
_entity.formula_weight 
_entity.pdbx_number_of_molecules 
_entity.pdbx_ec 
_entity.pdbx_mutation 
_entity.pdbx_fragment 
_entity.details 
1 polymer     man 'Putative two-component system response regulator' 24976.266 1  ? ? ? 
'VanR in the inactive (dephosphorylated) form' 
2 non-polymer syn 'MAGNESIUM ION'                                    24.305    1  ? ? ? ? 
3 water       nat water                                              18.015    28 ? ? ? ? 
# 
_entity_poly.entity_id                      1 
_entity_poly.type                           'polypeptide(L)' 
_entity_poly.nstd_linkage                   no 
_entity_poly.nstd_monomer                   no 
_entity_poly.pdbx_seq_one_letter_code       
;GMRVLIVEDEPYLAEAIRDGLRLEAIAADIAGDGDTALELLSVNAYDIAVLDRDIPGPSGDEIAERIVASGSGMPILMLT
AADRLDDKASGFGLGADDYLTKPFELQELALRLRALDRRRAHSRPPVREIAGLRLDPFRREVYRGGRYVALTRKQFAVLE
VLVAAEGGVVSAEELLERAWDENADPFTNAVRITVSALRKRLGEPGIIATVPGVGYRIDTAPVSEQAGGDGG
;
_entity_poly.pdbx_seq_one_letter_code_can   
;GMRVLIVEDEPYLAEAIRDGLRLEAIAADIAGDGDTALELLSVNAYDIAVLDRDIPGPSGDEIAERIVASGSGMPILMLT
AADRLDDKASGFGLGADDYLTKPFELQELALRLRALDRRRAHSRPPVREIAGLRLDPFRREVYRGGRYVALTRKQFAVLE
VLVAAEGGVVSAEELLERAWDENADPFTNAVRITVSALRKRLGEPGIIATVPGVGYRIDTAPVSEQAGGDGG
;
_entity_poly.pdbx_strand_id                 A 
_entity_poly.pdbx_target_identifier         ? 
# 
loop_
_pdbx_entity_nonpoly.entity_id 
_pdbx_entity_nonpoly.name 
_pdbx_entity_nonpoly.comp_id 
2 'MAGNESIUM ION' MG  
3 water           HOH 
# 
loop_
_entity_poly_seq.entity_id 
_entity_poly_seq.num 
_entity_poly_seq.mon_id 
_entity_poly_seq.hetero 
1 1   GLY n 
1 2   MET n 
1 3   ARG n 
1 4   VAL n 
1 5   LEU n 
1 6   ILE n 
1 7   VAL n 
1 8   GLU n 
1 9   ASP n 
1 10  GLU n 
1 11  PRO n 
1 12  TYR n 
1 13  LEU n 
1 14  ALA n 
1 15  GLU n 
1 16  ALA n 
1 17  ILE n 
1 18  ARG n 
1 19  ASP n 
1 20  GLY n 
1 21  LEU n 
1 22  ARG n 
1 23  LEU n 
1 24  GLU n 
1 25  ALA n 
1 26  ILE n 
1 27  ALA n 
1 28  ALA n 
1 29  ASP n 
1 30  ILE n 
1 31  ALA n 
1 32  GLY n 
1 33  ASP n 
1 34  GLY n 
1 35  ASP n 
1 36  THR n 
1 37  ALA n 
1 38  LEU n 
1 39  GLU n 
1 40  LEU n 
1 41  LEU n 
1 42  SER n 
1 43  VAL n 
1 44  ASN n 
1 45  ALA n 
1 46  TYR n 
1 47  ASP n 
1 48  ILE n 
1 49  ALA n 
1 50  VAL n 
1 51  LEU n 
1 52  ASP n 
1 53  ARG n 
1 54  ASP n 
1 55  ILE n 
1 56  PRO n 
1 57  GLY n 
1 58  PRO n 
1 59  SER n 
1 60  GLY n 
1 61  ASP n 
1 62  GLU n 
1 63  ILE n 
1 64  ALA n 
1 65  GLU n 
1 66  ARG n 
1 67  ILE n 
1 68  VAL n 
1 69  ALA n 
1 70  SER n 
1 71  GLY n 
1 72  SER n 
1 73  GLY n 
1 74  MET n 
1 75  PRO n 
1 76  ILE n 
1 77  LEU n 
1 78  MET n 
1 79  LEU n 
1 80  THR n 
1 81  ALA n 
1 82  ALA n 
1 83  ASP n 
1 84  ARG n 
1 85  LEU n 
1 86  ASP n 
1 87  ASP n 
1 88  LYS n 
1 89  ALA n 
1 90  SER n 
1 91  GLY n 
1 92  PHE n 
1 93  GLY n 
1 94  LEU n 
1 95  GLY n 
1 96  ALA n 
1 97  ASP n 
1 98  ASP n 
1 99  TYR n 
1 100 LEU n 
1 101 THR n 
1 102 LYS n 
1 103 PRO n 
1 104 PHE n 
1 105 GLU n 
1 106 LEU n 
1 107 GLN n 
1 108 GLU n 
1 109 LEU n 
1 110 ALA n 
1 111 LEU n 
1 112 ARG n 
1 113 LEU n 
1 114 ARG n 
1 115 ALA n 
1 116 LEU n 
1 117 ASP n 
1 118 ARG n 
1 119 ARG n 
1 120 ARG n 
1 121 ALA n 
1 122 HIS n 
1 123 SER n 
1 124 ARG n 
1 125 PRO n 
1 126 PRO n 
1 127 VAL n 
1 128 ARG n 
1 129 GLU n 
1 130 ILE n 
1 131 ALA n 
1 132 GLY n 
1 133 LEU n 
1 134 ARG n 
1 135 LEU n 
1 136 ASP n 
1 137 PRO n 
1 138 PHE n 
1 139 ARG n 
1 140 ARG n 
1 141 GLU n 
1 142 VAL n 
1 143 TYR n 
1 144 ARG n 
1 145 GLY n 
1 146 GLY n 
1 147 ARG n 
1 148 TYR n 
1 149 VAL n 
1 150 ALA n 
1 151 LEU n 
1 152 THR n 
1 153 ARG n 
1 154 LYS n 
1 155 GLN n 
1 156 PHE n 
1 157 ALA n 
1 158 VAL n 
1 159 LEU n 
1 160 GLU n 
1 161 VAL n 
1 162 LEU n 
1 163 VAL n 
1 164 ALA n 
1 165 ALA n 
1 166 GLU n 
1 167 GLY n 
1 168 GLY n 
1 169 VAL n 
1 170 VAL n 
1 171 SER n 
1 172 ALA n 
1 173 GLU n 
1 174 GLU n 
1 175 LEU n 
1 176 LEU n 
1 177 GLU n 
1 178 ARG n 
1 179 ALA n 
1 180 TRP n 
1 181 ASP n 
1 182 GLU n 
1 183 ASN n 
1 184 ALA n 
1 185 ASP n 
1 186 PRO n 
1 187 PHE n 
1 188 THR n 
1 189 ASN n 
1 190 ALA n 
1 191 VAL n 
1 192 ARG n 
1 193 ILE n 
1 194 THR n 
1 195 VAL n 
1 196 SER n 
1 197 ALA n 
1 198 LEU n 
1 199 ARG n 
1 200 LYS n 
1 201 ARG n 
1 202 LEU n 
1 203 GLY n 
1 204 GLU n 
1 205 PRO n 
1 206 GLY n 
1 207 ILE n 
1 208 ILE n 
1 209 ALA n 
1 210 THR n 
1 211 VAL n 
1 212 PRO n 
1 213 GLY n 
1 214 VAL n 
1 215 GLY n 
1 216 TYR n 
1 217 ARG n 
1 218 ILE n 
1 219 ASP n 
1 220 THR n 
1 221 ALA n 
1 222 PRO n 
1 223 VAL n 
1 224 SER n 
1 225 GLU n 
1 226 GLN n 
1 227 ALA n 
1 228 GLY n 
1 229 GLY n 
1 230 ASP n 
1 231 GLY n 
1 232 GLY n 
# 
_entity_src_gen.entity_id                          1 
_entity_src_gen.pdbx_src_id                        1 
_entity_src_gen.pdbx_alt_source_flag               sample 
_entity_src_gen.pdbx_seq_type                      'Biological sequence' 
_entity_src_gen.pdbx_beg_seq_num                   1 
_entity_src_gen.pdbx_end_seq_num                   232 
_entity_src_gen.gene_src_common_name               ? 
_entity_src_gen.gene_src_genus                     ? 
_entity_src_gen.pdbx_gene_src_gene                 SCO3590 
_entity_src_gen.gene_src_species                   ? 
_entity_src_gen.gene_src_strain                    'ATCC BAA-471 / A3(2) / M145' 
_entity_src_gen.gene_src_tissue                    ? 
_entity_src_gen.gene_src_tissue_fraction           ? 
_entity_src_gen.gene_src_details                   ? 
_entity_src_gen.pdbx_gene_src_fragment             ? 
_entity_src_gen.pdbx_gene_src_scientific_name      'Streptomyces coelicolor (strain ATCC BAA-471 / A3(2) / M145)' 
_entity_src_gen.pdbx_gene_src_ncbi_taxonomy_id     100226 
_entity_src_gen.pdbx_gene_src_variant              ? 
_entity_src_gen.pdbx_gene_src_cell_line            ? 
_entity_src_gen.pdbx_gene_src_atcc                 ? 
_entity_src_gen.pdbx_gene_src_organ                ? 
_entity_src_gen.pdbx_gene_src_organelle            ? 
_entity_src_gen.pdbx_gene_src_cell                 ? 
_entity_src_gen.pdbx_gene_src_cellular_location    ? 
_entity_src_gen.host_org_common_name               ? 
_entity_src_gen.pdbx_host_org_scientific_name      'Escherichia coli BL21(DE3)' 
_entity_src_gen.pdbx_host_org_ncbi_taxonomy_id     469008 
_entity_src_gen.host_org_genus                     ? 
_entity_src_gen.pdbx_host_org_gene                 ? 
_entity_src_gen.pdbx_host_org_organ                ? 
_entity_src_gen.host_org_species                   ? 
_entity_src_gen.pdbx_host_org_tissue               ? 
_entity_src_gen.pdbx_host_org_tissue_fraction      ? 
_entity_src_gen.pdbx_host_org_strain               ? 
_entity_src_gen.pdbx_host_org_variant              ? 
_entity_src_gen.pdbx_host_org_cell_line            ? 
_entity_src_gen.pdbx_host_org_atcc                 ? 
_entity_src_gen.pdbx_host_org_culture_collection   ? 
_entity_src_gen.pdbx_host_org_cell                 ? 
_entity_src_gen.pdbx_host_org_organelle            ? 
_entity_src_gen.pdbx_host_org_cellular_location    ? 
_entity_src_gen.pdbx_host_org_vector_type          plasmid 
_entity_src_gen.pdbx_host_org_vector               ? 
_entity_src_gen.host_org_details                   ? 
_entity_src_gen.expression_system_id               ? 
_entity_src_gen.plasmid_name                       pETHSUL 
_entity_src_gen.plasmid_details                    ? 
_entity_src_gen.pdbx_description                   ? 
# 
loop_
_chem_comp.id 
_chem_comp.type 
_chem_comp.mon_nstd_flag 
_chem_comp.name 
_chem_comp.pdbx_synonyms 
_chem_comp.formula 
_chem_comp.formula_weight 
ALA 'L-peptide linking' y ALANINE         ? 'C3 H7 N O2'     89.093  
ARG 'L-peptide linking' y ARGININE        ? 'C6 H15 N4 O2 1' 175.209 
ASN 'L-peptide linking' y ASPARAGINE      ? 'C4 H8 N2 O3'    132.118 
ASP 'L-peptide linking' y 'ASPARTIC ACID' ? 'C4 H7 N O4'     133.103 
GLN 'L-peptide linking' y GLUTAMINE       ? 'C5 H10 N2 O3'   146.144 
GLU 'L-peptide linking' y 'GLUTAMIC ACID' ? 'C5 H9 N O4'     147.129 
GLY 'peptide linking'   y GLYCINE         ? 'C2 H5 N O2'     75.067  
HIS 'L-peptide linking' y HISTIDINE       ? 'C6 H10 N3 O2 1' 156.162 
HOH non-polymer         . WATER           ? 'H2 O'           18.015  
ILE 'L-peptide linking' y ISOLEUCINE      ? 'C6 H13 N O2'    131.173 
LEU 'L-peptide linking' y LEUCINE         ? 'C6 H13 N O2'    131.173 
LYS 'L-peptide linking' y LYSINE          ? 'C6 H15 N2 O2 1' 147.195 
MET 'L-peptide linking' y METHIONINE      ? 'C5 H11 N O2 S'  149.211 
MG  non-polymer         . 'MAGNESIUM ION' ? 'Mg 2'           24.305  
PHE 'L-peptide linking' y PHENYLALANINE   ? 'C9 H11 N O2'    165.189 
PRO 'L-peptide linking' y PROLINE         ? 'C5 H9 N O2'     115.130 
SER 'L-peptide linking' y SERINE          ? 'C3 H7 N O3'     105.093 
THR 'L-peptide linking' y THREONINE       ? 'C4 H9 N O3'     119.119 
TRP 'L-peptide linking' y TRYPTOPHAN      ? 'C11 H12 N2 O2'  204.225 
TYR 'L-peptide linking' y TYROSINE        ? 'C9 H11 N O3'    181.189 
VAL 'L-peptide linking' y VALINE          ? 'C5 H11 N O2'    117.146 
# 
loop_
_pdbx_poly_seq_scheme.asym_id 
_pdbx_poly_seq_scheme.entity_id 
_pdbx_poly_seq_scheme.seq_id 
_pdbx_poly_seq_scheme.mon_id 
_pdbx_poly_seq_scheme.ndb_seq_num 
_pdbx_poly_seq_scheme.pdb_seq_num 
_pdbx_poly_seq_scheme.auth_seq_num 
_pdbx_poly_seq_scheme.pdb_mon_id 
_pdbx_poly_seq_scheme.auth_mon_id 
_pdbx_poly_seq_scheme.pdb_strand_id 
_pdbx_poly_seq_scheme.pdb_ins_code 
_pdbx_poly_seq_scheme.hetero 
A 1 1   GLY 1   0   0   GLY GLY A . n 
A 1 2   MET 2   1   1   MET MET A . n 
A 1 3   ARG 3   2   2   ARG ARG A . n 
A 1 4   VAL 4   3   3   VAL VAL A . n 
A 1 5   LEU 5   4   4   LEU LEU A . n 
A 1 6   ILE 6   5   5   ILE ILE A . n 
A 1 7   VAL 7   6   6   VAL VAL A . n 
A 1 8   GLU 8   7   7   GLU GLU A . n 
A 1 9   ASP 9   8   8   ASP ASP A . n 
A 1 10  GLU 10  9   9   GLU GLU A . n 
A 1 11  PRO 11  10  10  PRO PRO A . n 
A 1 12  TYR 12  11  11  TYR TYR A . n 
A 1 13  LEU 13  12  12  LEU LEU A . n 
A 1 14  ALA 14  13  13  ALA ALA A . n 
A 1 15  GLU 15  14  14  GLU GLU A . n 
A 1 16  ALA 16  15  15  ALA ALA A . n 
A 1 17  ILE 17  16  16  ILE ILE A . n 
A 1 18  ARG 18  17  17  ARG ARG A . n 
A 1 19  ASP 19  18  18  ASP ASP A . n 
A 1 20  GLY 20  19  19  GLY GLY A . n 
A 1 21  LEU 21  20  20  LEU LEU A . n 
A 1 22  ARG 22  21  21  ARG ARG A . n 
A 1 23  LEU 23  22  22  LEU LEU A . n 
A 1 24  GLU 24  23  23  GLU GLU A . n 
A 1 25  ALA 25  24  24  ALA ALA A . n 
A 1 26  ILE 26  25  25  ILE ILE A . n 
A 1 27  ALA 27  26  26  ALA ALA A . n 
A 1 28  ALA 28  27  27  ALA ALA A . n 
A 1 29  ASP 29  28  28  ASP ASP A . n 
A 1 30  ILE 30  29  29  ILE ILE A . n 
A 1 31  ALA 31  30  30  ALA ALA A . n 
A 1 32  GLY 32  31  31  GLY GLY A . n 
A 1 33  ASP 33  32  32  ASP ASP A . n 
A 1 34  GLY 34  33  33  GLY GLY A . n 
A 1 35  ASP 35  34  34  ASP ASP A . n 
A 1 36  THR 36  35  35  THR THR A . n 
A 1 37  ALA 37  36  36  ALA ALA A . n 
A 1 38  LEU 38  37  37  LEU LEU A . n 
A 1 39  GLU 39  38  38  GLU GLU A . n 
A 1 40  LEU 40  39  39  LEU LEU A . n 
A 1 41  LEU 41  40  40  LEU LEU A . n 
A 1 42  SER 42  41  41  SER SER A . n 
A 1 43  VAL 43  42  42  VAL VAL A . n 
A 1 44  ASN 44  43  43  ASN ASN A . n 
A 1 45  ALA 45  44  44  ALA ALA A . n 
A 1 46  TYR 46  45  45  TYR TYR A . n 
A 1 47  ASP 47  46  46  ASP ASP A . n 
A 1 48  ILE 48  47  47  ILE ILE A . n 
A 1 49  ALA 49  48  48  ALA ALA A . n 
A 1 50  VAL 50  49  49  VAL VAL A . n 
A 1 51  LEU 51  50  50  LEU LEU A . n 
A 1 52  ASP 52  51  51  ASP ASP A . n 
A 1 53  ARG 53  52  52  ARG ARG A . n 
A 1 54  ASP 54  53  53  ASP ASP A . n 
A 1 55  ILE 55  54  54  ILE ILE A . n 
A 1 56  PRO 56  55  55  PRO PRO A . n 
A 1 57  GLY 57  56  56  GLY GLY A . n 
A 1 58  PRO 58  57  57  PRO PRO A . n 
A 1 59  SER 59  58  58  SER SER A . n 
A 1 60  GLY 60  59  59  GLY GLY A . n 
A 1 61  ASP 61  60  60  ASP ASP A . n 
A 1 62  GLU 62  61  61  GLU GLU A . n 
A 1 63  ILE 63  62  62  ILE ILE A . n 
A 1 64  ALA 64  63  63  ALA ALA A . n 
A 1 65  GLU 65  64  64  GLU GLU A . n 
A 1 66  ARG 66  65  65  ARG ARG A . n 
A 1 67  ILE 67  66  66  ILE ILE A . n 
A 1 68  VAL 68  67  67  VAL VAL A . n 
A 1 69  ALA 69  68  68  ALA ALA A . n 
A 1 70  SER 70  69  69  SER SER A . n 
A 1 71  GLY 71  70  70  GLY GLY A . n 
A 1 72  SER 72  71  71  SER SER A . n 
A 1 73  GLY 73  72  72  GLY GLY A . n 
A 1 74  MET 74  73  73  MET MET A . n 
A 1 75  PRO 75  74  74  PRO PRO A . n 
A 1 76  ILE 76  75  75  ILE ILE A . n 
A 1 77  LEU 77  76  76  LEU LEU A . n 
A 1 78  MET 78  77  77  MET MET A . n 
A 1 79  LEU 79  78  78  LEU LEU A . n 
A 1 80  THR 80  79  79  THR THR A . n 
A 1 81  ALA 81  80  80  ALA ALA A . n 
A 1 82  ALA 82  81  81  ALA ALA A . n 
A 1 83  ASP 83  82  ?   ?   ?   A . n 
A 1 84  ARG 84  83  ?   ?   ?   A . n 
A 1 85  LEU 85  84  ?   ?   ?   A . n 
A 1 86  ASP 86  85  ?   ?   ?   A . n 
A 1 87  ASP 87  86  ?   ?   ?   A . n 
A 1 88  LYS 88  87  ?   ?   ?   A . n 
A 1 89  ALA 89  88  ?   ?   ?   A . n 
A 1 90  SER 90  89  ?   ?   ?   A . n 
A 1 91  GLY 91  90  ?   ?   ?   A . n 
A 1 92  PHE 92  91  ?   ?   ?   A . n 
A 1 93  GLY 93  92  ?   ?   ?   A . n 
A 1 94  LEU 94  93  ?   ?   ?   A . n 
A 1 95  GLY 95  94  94  GLY GLY A . n 
A 1 96  ALA 96  95  95  ALA ALA A . n 
A 1 97  ASP 97  96  96  ASP ASP A . n 
A 1 98  ASP 98  97  97  ASP ASP A . n 
A 1 99  TYR 99  98  98  TYR TYR A . n 
A 1 100 LEU 100 99  99  LEU LEU A . n 
A 1 101 THR 101 100 100 THR THR A . n 
A 1 102 LYS 102 101 101 LYS LYS A . n 
A 1 103 PRO 103 102 102 PRO PRO A . n 
A 1 104 PHE 104 103 103 PHE PHE A . n 
A 1 105 GLU 105 104 104 GLU GLU A . n 
A 1 106 LEU 106 105 105 LEU LEU A . n 
A 1 107 GLN 107 106 106 GLN GLN A . n 
A 1 108 GLU 108 107 107 GLU GLU A . n 
A 1 109 LEU 109 108 108 LEU LEU A . n 
A 1 110 ALA 110 109 109 ALA ALA A . n 
A 1 111 LEU 111 110 110 LEU LEU A . n 
A 1 112 ARG 112 111 111 ARG ARG A . n 
A 1 113 LEU 113 112 112 LEU LEU A . n 
A 1 114 ARG 114 113 113 ARG ARG A . n 
A 1 115 ALA 115 114 114 ALA ALA A . n 
A 1 116 LEU 116 115 115 LEU LEU A . n 
A 1 117 ASP 117 116 116 ASP ASP A . n 
A 1 118 ARG 118 117 117 ARG ARG A . n 
A 1 119 ARG 119 118 118 ARG ARG A . n 
A 1 120 ARG 120 119 119 ARG ARG A . n 
A 1 121 ALA 121 120 120 ALA ALA A . n 
A 1 122 HIS 122 121 121 HIS HIS A . n 
A 1 123 SER 123 122 122 SER SER A . n 
A 1 124 ARG 124 123 123 ARG ARG A . n 
A 1 125 PRO 125 124 124 PRO PRO A . n 
A 1 126 PRO 126 125 125 PRO PRO A . n 
A 1 127 VAL 127 126 126 VAL VAL A . n 
A 1 128 ARG 128 127 127 ARG ARG A . n 
A 1 129 GLU 129 128 128 GLU GLU A . n 
A 1 130 ILE 130 129 129 ILE ILE A . n 
A 1 131 ALA 131 130 130 ALA ALA A . n 
A 1 132 GLY 132 131 131 GLY GLY A . n 
A 1 133 LEU 133 132 132 LEU LEU A . n 
A 1 134 ARG 134 133 133 ARG ARG A . n 
A 1 135 LEU 135 134 134 LEU LEU A . n 
A 1 136 ASP 136 135 135 ASP ASP A . n 
A 1 137 PRO 137 136 136 PRO PRO A . n 
A 1 138 PHE 138 137 137 PHE PHE A . n 
A 1 139 ARG 139 138 138 ARG ARG A . n 
A 1 140 ARG 140 139 139 ARG ARG A . n 
A 1 141 GLU 141 140 140 GLU GLU A . n 
A 1 142 VAL 142 141 141 VAL VAL A . n 
A 1 143 TYR 143 142 142 TYR TYR A . n 
A 1 144 ARG 144 143 143 ARG ARG A . n 
A 1 145 GLY 145 144 144 GLY GLY A . n 
A 1 146 GLY 146 145 145 GLY GLY A . n 
A 1 147 ARG 147 146 146 ARG ARG A . n 
A 1 148 TYR 148 147 147 TYR TYR A . n 
A 1 149 VAL 149 148 148 VAL VAL A . n 
A 1 150 ALA 150 149 149 ALA ALA A . n 
A 1 151 LEU 151 150 150 LEU LEU A . n 
A 1 152 THR 152 151 151 THR THR A . n 
A 1 153 ARG 153 152 152 ARG ARG A . n 
A 1 154 LYS 154 153 153 LYS LYS A . n 
A 1 155 GLN 155 154 154 GLN GLN A . n 
A 1 156 PHE 156 155 155 PHE PHE A . n 
A 1 157 ALA 157 156 156 ALA ALA A . n 
A 1 158 VAL 158 157 157 VAL VAL A . n 
A 1 159 LEU 159 158 158 LEU LEU A . n 
A 1 160 GLU 160 159 159 GLU GLU A . n 
A 1 161 VAL 161 160 160 VAL VAL A . n 
A 1 162 LEU 162 161 161 LEU LEU A . n 
A 1 163 VAL 163 162 162 VAL VAL A . n 
A 1 164 ALA 164 163 163 ALA ALA A . n 
A 1 165 ALA 165 164 164 ALA ALA A . n 
A 1 166 GLU 166 165 165 GLU GLU A . n 
A 1 167 GLY 167 166 166 GLY GLY A . n 
A 1 168 GLY 168 167 167 GLY GLY A . n 
A 1 169 VAL 169 168 168 VAL VAL A . n 
A 1 170 VAL 170 169 169 VAL VAL A . n 
A 1 171 SER 171 170 170 SER SER A . n 
A 1 172 ALA 172 171 171 ALA ALA A . n 
A 1 173 GLU 173 172 172 GLU GLU A . n 
A 1 174 GLU 174 173 173 GLU GLU A . n 
A 1 175 LEU 175 174 174 LEU LEU A . n 
A 1 176 LEU 176 175 175 LEU LEU A . n 
A 1 177 GLU 177 176 176 GLU GLU A . n 
A 1 178 ARG 178 177 177 ARG ARG A . n 
A 1 179 ALA 179 178 178 ALA ALA A . n 
A 1 180 TRP 180 179 179 TRP TRP A . n 
A 1 181 ASP 181 180 180 ASP ASP A . n 
A 1 182 GLU 182 181 181 GLU GLU A . n 
A 1 183 ASN 183 182 182 ASN ASN A . n 
A 1 184 ALA 184 183 183 ALA ALA A . n 
A 1 185 ASP 185 184 184 ASP ASP A . n 
A 1 186 PRO 186 185 185 PRO PRO A . n 
A 1 187 PHE 187 186 186 PHE PHE A . n 
A 1 188 THR 188 187 187 THR THR A . n 
A 1 189 ASN 189 188 188 ASN ASN A . n 
A 1 190 ALA 190 189 189 ALA ALA A . n 
A 1 191 VAL 191 190 190 VAL VAL A . n 
A 1 192 ARG 192 191 191 ARG ARG A . n 
A 1 193 ILE 193 192 192 ILE ILE A . n 
A 1 194 THR 194 193 193 THR THR A . n 
A 1 195 VAL 195 194 194 VAL VAL A . n 
A 1 196 SER 196 195 195 SER SER A . n 
A 1 197 ALA 197 196 196 ALA ALA A . n 
A 1 198 LEU 198 197 197 LEU LEU A . n 
A 1 199 ARG 199 198 198 ARG ARG A . n 
A 1 200 LYS 200 199 199 LYS LYS A . n 
A 1 201 ARG 201 200 200 ARG ARG A . n 
A 1 202 LEU 202 201 201 LEU LEU A . n 
A 1 203 GLY 203 202 202 GLY GLY A . n 
A 1 204 GLU 204 203 203 GLU GLU A . n 
A 1 205 PRO 205 204 204 PRO PRO A . n 
A 1 206 GLY 206 205 205 GLY GLY A . n 
A 1 207 ILE 207 206 206 ILE ILE A . n 
A 1 208 ILE 208 207 207 ILE ILE A . n 
A 1 209 ALA 209 208 208 ALA ALA A . n 
A 1 210 THR 210 209 209 THR THR A . n 
A 1 211 VAL 211 210 210 VAL VAL A . n 
A 1 212 PRO 212 211 211 PRO PRO A . n 
A 1 213 GLY 213 212 212 GLY GLY A . n 
A 1 214 VAL 214 213 213 VAL VAL A . n 
A 1 215 GLY 215 214 214 GLY GLY A . n 
A 1 216 TYR 216 215 215 TYR TYR A . n 
A 1 217 ARG 217 216 216 ARG ARG A . n 
A 1 218 ILE 218 217 217 ILE ILE A . n 
A 1 219 ASP 219 218 218 ASP ASP A . n 
A 1 220 THR 220 219 219 THR THR A . n 
A 1 221 ALA 221 220 ?   ?   ?   A . n 
A 1 222 PRO 222 221 ?   ?   ?   A . n 
A 1 223 VAL 223 222 ?   ?   ?   A . n 
A 1 224 SER 224 223 ?   ?   ?   A . n 
A 1 225 GLU 225 224 ?   ?   ?   A . n 
A 1 226 GLN 226 225 ?   ?   ?   A . n 
A 1 227 ALA 227 226 ?   ?   ?   A . n 
A 1 228 GLY 228 227 ?   ?   ?   A . n 
A 1 229 GLY 229 228 ?   ?   ?   A . n 
A 1 230 ASP 230 229 ?   ?   ?   A . n 
A 1 231 GLY 231 230 ?   ?   ?   A . n 
A 1 232 GLY 232 231 ?   ?   ?   A . n 
# 
loop_
_pdbx_nonpoly_scheme.asym_id 
_pdbx_nonpoly_scheme.entity_id 
_pdbx_nonpoly_scheme.mon_id 
_pdbx_nonpoly_scheme.ndb_seq_num 
_pdbx_nonpoly_scheme.pdb_seq_num 
_pdbx_nonpoly_scheme.auth_seq_num 
_pdbx_nonpoly_scheme.pdb_mon_id 
_pdbx_nonpoly_scheme.auth_mon_id 
_pdbx_nonpoly_scheme.pdb_strand_id 
_pdbx_nonpoly_scheme.pdb_ins_code 
B 2 MG  1  301 1  MG  MG  A . 
C 3 HOH 1  401 14 HOH HOH A . 
C 3 HOH 2  402 12 HOH HOH A . 
C 3 HOH 3  403 19 HOH HOH A . 
C 3 HOH 4  404 11 HOH HOH A . 
C 3 HOH 5  405 22 HOH HOH A . 
C 3 HOH 6  406 2  HOH HOH A . 
C 3 HOH 7  407 28 HOH HOH A . 
C 3 HOH 8  408 1  HOH HOH A . 
C 3 HOH 9  409 9  HOH HOH A . 
C 3 HOH 10 410 20 HOH HOH A . 
C 3 HOH 11 411 27 HOH HOH A . 
C 3 HOH 12 412 4  HOH HOH A . 
C 3 HOH 13 413 10 HOH HOH A . 
C 3 HOH 14 414 21 HOH HOH A . 
C 3 HOH 15 415 26 HOH HOH A . 
C 3 HOH 16 416 5  HOH HOH A . 
C 3 HOH 17 417 24 HOH HOH A . 
C 3 HOH 18 418 3  HOH HOH A . 
C 3 HOH 19 419 25 HOH HOH A . 
C 3 HOH 20 420 13 HOH HOH A . 
C 3 HOH 21 421 8  HOH HOH A . 
C 3 HOH 22 422 15 HOH HOH A . 
C 3 HOH 23 423 7  HOH HOH A . 
C 3 HOH 24 424 18 HOH HOH A . 
C 3 HOH 25 425 23 HOH HOH A . 
C 3 HOH 26 426 29 HOH HOH A . 
C 3 HOH 27 427 16 HOH HOH A . 
C 3 HOH 28 428 17 HOH HOH A . 
# 
loop_
_software.citation_id 
_software.classification 
_software.compiler_name 
_software.compiler_version 
_software.contact_author 
_software.contact_author_email 
_software.date 
_software.description 
_software.dependencies 
_software.hardware 
_software.language 
_software.location 
_software.mods 
_software.name 
_software.os 
_software.os_version 
_software.type 
_software.version 
_software.pdbx_ordinal 
? refinement        ? ? ? ? ? ? ? ? ? ? ? PHENIX      ? ? ? 1.16_3549 1 
? 'data extraction' ? ? ? ? ? ? ? ? ? ? ? PDB_EXTRACT ? ? ? 3.27      2 
? 'data reduction'  ? ? ? ? ? ? ? ? ? ? ? XDS         ? ? ? .         3 
? 'data scaling'    ? ? ? ? ? ? ? ? ? ? ? XSCALE      ? ? ? .         4 
? phasing           ? ? ? ? ? ? ? ? ? ? ? PHASER      ? ? ? .         5 
# 
_cell.angle_alpha                  90.000 
_cell.angle_alpha_esd              ? 
_cell.angle_beta                   90.000 
_cell.angle_beta_esd               ? 
_cell.angle_gamma                  120.000 
_cell.angle_gamma_esd              ? 
_cell.entry_id                     7LZ9 
_cell.details                      ? 
_cell.formula_units_Z              ? 
_cell.length_a                     74.380 
_cell.length_a_esd                 ? 
_cell.length_b                     74.380 
_cell.length_b_esd                 ? 
_cell.length_c                     138.230 
_cell.length_c_esd                 ? 
_cell.volume                       ? 
_cell.volume_esd                   ? 
_cell.Z_PDB                        12 
_cell.reciprocal_angle_alpha       ? 
_cell.reciprocal_angle_beta        ? 
_cell.reciprocal_angle_gamma       ? 
_cell.reciprocal_angle_alpha_esd   ? 
_cell.reciprocal_angle_beta_esd    ? 
_cell.reciprocal_angle_gamma_esd   ? 
_cell.reciprocal_length_a          ? 
_cell.reciprocal_length_b          ? 
_cell.reciprocal_length_c          ? 
_cell.reciprocal_length_a_esd      ? 
_cell.reciprocal_length_b_esd      ? 
_cell.reciprocal_length_c_esd      ? 
_cell.pdbx_unique_axis             ? 
# 
_symmetry.entry_id                         7LZ9 
_symmetry.cell_setting                     ? 
_symmetry.Int_Tables_number                179 
_symmetry.space_group_name_Hall            ? 
_symmetry.space_group_name_H-M             'P 65 2 2' 
_symmetry.pdbx_full_space_group_name_H-M   ? 
# 
_exptl.absorpt_coefficient_mu     ? 
_exptl.absorpt_correction_T_max   ? 
_exptl.absorpt_correction_T_min   ? 
_exptl.absorpt_correction_type    ? 
_exptl.absorpt_process_details    ? 
_exptl.entry_id                   7LZ9 
_exptl.crystals_number            1 
_exptl.details                    ? 
_exptl.method                     'X-RAY DIFFRACTION' 
_exptl.method_details             ? 
# 
_exptl_crystal.colour                      ? 
_exptl_crystal.density_diffrn              ? 
_exptl_crystal.density_Matthews            2.21 
_exptl_crystal.density_method              ? 
_exptl_crystal.density_percent_sol         44.34 
_exptl_crystal.description                 'thin needle' 
_exptl_crystal.F_000                       ? 
_exptl_crystal.id                          1 
_exptl_crystal.preparation                 ? 
_exptl_crystal.size_max                    ? 
_exptl_crystal.size_mid                    ? 
_exptl_crystal.size_min                    ? 
_exptl_crystal.size_rad                    ? 
_exptl_crystal.colour_lustre               ? 
_exptl_crystal.colour_modifier             ? 
_exptl_crystal.colour_primary              ? 
_exptl_crystal.density_meas                ? 
_exptl_crystal.density_meas_esd            ? 
_exptl_crystal.density_meas_gt             ? 
_exptl_crystal.density_meas_lt             ? 
_exptl_crystal.density_meas_temp           ? 
_exptl_crystal.density_meas_temp_esd       ? 
_exptl_crystal.density_meas_temp_gt        ? 
_exptl_crystal.density_meas_temp_lt        ? 
_exptl_crystal.pdbx_crystal_image_url      ? 
_exptl_crystal.pdbx_crystal_image_format   ? 
_exptl_crystal.pdbx_mosaicity              ? 
_exptl_crystal.pdbx_mosaicity_esd          ? 
# 
_exptl_crystal_grow.apparatus       ? 
_exptl_crystal_grow.atmosphere      ? 
_exptl_crystal_grow.crystal_id      1 
_exptl_crystal_grow.details         ? 
_exptl_crystal_grow.method          MICROBATCH 
_exptl_crystal_grow.method_ref      ? 
_exptl_crystal_grow.pH              ? 
_exptl_crystal_grow.pressure        ? 
_exptl_crystal_grow.pressure_esd    ? 
_exptl_crystal_grow.seeding         ? 
_exptl_crystal_grow.seeding_ref     ? 
_exptl_crystal_grow.temp            277 
_exptl_crystal_grow.temp_details    ? 
_exptl_crystal_grow.temp_esd        ? 
_exptl_crystal_grow.time            ? 
_exptl_crystal_grow.pdbx_details    
;Mix protein (11.3 mg/mL in 500 mM NaCl, 5 mM MgCl2, 10% glycerol, 40 mM Tris pH 8) 1:1 with 0.2 M MgCl2, 0.1 M Tris pH=8.5, 30% w/v PEG400; incubate under Al's Oil.
;
_exptl_crystal_grow.pdbx_pH_range   8-8.5 
# 
_diffrn.ambient_environment              ? 
_diffrn.ambient_temp                     100 
_diffrn.ambient_temp_details             ? 
_diffrn.ambient_temp_esd                 ? 
_diffrn.crystal_id                       1 
_diffrn.crystal_support                  ? 
_diffrn.crystal_treatment                ? 
_diffrn.details                          ? 
_diffrn.id                               1 
_diffrn.ambient_pressure                 ? 
_diffrn.ambient_pressure_esd             ? 
_diffrn.ambient_pressure_gt              ? 
_diffrn.ambient_pressure_lt              ? 
_diffrn.ambient_temp_gt                  ? 
_diffrn.ambient_temp_lt                  ? 
_diffrn.pdbx_serial_crystal_experiment   N 
# 
_diffrn_detector.details                      ? 
_diffrn_detector.detector                     PIXEL 
_diffrn_detector.diffrn_id                    1 
_diffrn_detector.type                         'DECTRIS EIGER X 9M' 
_diffrn_detector.area_resol_mean              ? 
_diffrn_detector.dtime                        ? 
_diffrn_detector.pdbx_frames_total            ? 
_diffrn_detector.pdbx_collection_time_total   ? 
_diffrn_detector.pdbx_collection_date         2020-11-13 
_diffrn_detector.pdbx_frequency               ? 
# 
_diffrn_radiation.collimation                      ? 
_diffrn_radiation.diffrn_id                        1 
_diffrn_radiation.filter_edge                      ? 
_diffrn_radiation.inhomogeneity                    ? 
_diffrn_radiation.monochromator                    ? 
_diffrn_radiation.polarisn_norm                    ? 
_diffrn_radiation.polarisn_ratio                   ? 
_diffrn_radiation.probe                            ? 
_diffrn_radiation.type                             ? 
_diffrn_radiation.xray_symbol                      ? 
_diffrn_radiation.wavelength_id                    1 
_diffrn_radiation.pdbx_monochromatic_or_laue_m_l   M 
_diffrn_radiation.pdbx_wavelength_list             ? 
_diffrn_radiation.pdbx_wavelength                  ? 
_diffrn_radiation.pdbx_diffrn_protocol             'SINGLE WAVELENGTH' 
_diffrn_radiation.pdbx_analyzer                    ? 
_diffrn_radiation.pdbx_scattering_type             x-ray 
# 
_diffrn_radiation_wavelength.id           1 
_diffrn_radiation_wavelength.wavelength   0.920089 
_diffrn_radiation_wavelength.wt           1.0 
# 
_diffrn_source.current                     ? 
_diffrn_source.details                     ? 
_diffrn_source.diffrn_id                   1 
_diffrn_source.power                       ? 
_diffrn_source.size                        ? 
_diffrn_source.source                      SYNCHROTRON 
_diffrn_source.target                      ? 
_diffrn_source.type                        'NSLS-II BEAMLINE 17-ID-1' 
_diffrn_source.voltage                     ? 
_diffrn_source.take-off_angle              ? 
_diffrn_source.pdbx_wavelength_list        0.920089 
_diffrn_source.pdbx_wavelength             ? 
_diffrn_source.pdbx_synchrotron_beamline   17-ID-1 
_diffrn_source.pdbx_synchrotron_site       NSLS-II 
# 
_reflns.B_iso_Wilson_estimate            33.8 
_reflns.entry_id                         7LZ9 
_reflns.data_reduction_details           ? 
_reflns.data_reduction_method            ? 
_reflns.d_resolution_high                2.30 
_reflns.d_resolution_low                 32.75 
_reflns.details                          ? 
_reflns.limit_h_max                      ? 
_reflns.limit_h_min                      ? 
_reflns.limit_k_max                      ? 
_reflns.limit_k_min                      ? 
_reflns.limit_l_max                      ? 
_reflns.limit_l_min                      ? 
_reflns.number_all                       ? 
_reflns.number_obs                       10592 
_reflns.observed_criterion               ? 
_reflns.observed_criterion_F_max         ? 
_reflns.observed_criterion_F_min         ? 
_reflns.observed_criterion_I_max         ? 
_reflns.observed_criterion_I_min         ? 
_reflns.observed_criterion_sigma_F       ? 
_reflns.observed_criterion_sigma_I       ? 
_reflns.percent_possible_obs             99.5 
_reflns.R_free_details                   ? 
_reflns.Rmerge_F_all                     ? 
_reflns.Rmerge_F_obs                     ? 
_reflns.Friedel_coverage                 ? 
_reflns.number_gt                        ? 
_reflns.threshold_expression             ? 
_reflns.pdbx_redundancy                  25.6 
_reflns.pdbx_Rmerge_I_obs                0.246 
_reflns.pdbx_Rmerge_I_all                ? 
_reflns.pdbx_Rsym_value                  ? 
_reflns.pdbx_netI_over_av_sigmaI         ? 
_reflns.pdbx_netI_over_sigmaI            10.9 
_reflns.pdbx_res_netI_over_av_sigmaI_2   ? 
_reflns.pdbx_res_netI_over_sigmaI_2      ? 
_reflns.pdbx_chi_squared                 ? 
_reflns.pdbx_scaling_rejects             ? 
_reflns.pdbx_d_res_high_opt              ? 
_reflns.pdbx_d_res_low_opt               ? 
_reflns.pdbx_d_res_opt_method            ? 
_reflns.phase_calculation_details        ? 
_reflns.pdbx_Rrim_I_all                  0.251 
_reflns.pdbx_Rpim_I_all                  0.049 
_reflns.pdbx_d_opt                       ? 
_reflns.pdbx_number_measured_all         ? 
_reflns.pdbx_diffrn_id                   1 
_reflns.pdbx_ordinal                     1 
_reflns.pdbx_CC_half                     0.998 
_reflns.pdbx_CC_star                     ? 
_reflns.pdbx_R_split                     ? 
# 
_reflns_shell.d_res_high                  2.30 
_reflns_shell.d_res_low                   2.38 
_reflns_shell.meanI_over_sigI_all         ? 
_reflns_shell.meanI_over_sigI_obs         1.9 
_reflns_shell.number_measured_all         ? 
_reflns_shell.number_measured_obs         ? 
_reflns_shell.number_possible             ? 
_reflns_shell.number_unique_all           ? 
_reflns_shell.number_unique_obs           1033 
_reflns_shell.percent_possible_all        98.9 
_reflns_shell.percent_possible_obs        ? 
_reflns_shell.Rmerge_F_all                ? 
_reflns_shell.Rmerge_F_obs                ? 
_reflns_shell.Rmerge_I_all                ? 
_reflns_shell.Rmerge_I_obs                1.953 
_reflns_shell.meanI_over_sigI_gt          ? 
_reflns_shell.meanI_over_uI_all           ? 
_reflns_shell.meanI_over_uI_gt            ? 
_reflns_shell.number_measured_gt          ? 
_reflns_shell.number_unique_gt            ? 
_reflns_shell.percent_possible_gt         ? 
_reflns_shell.Rmerge_F_gt                 ? 
_reflns_shell.Rmerge_I_gt                 ? 
_reflns_shell.pdbx_redundancy             23.8 
_reflns_shell.pdbx_Rsym_value             ? 
_reflns_shell.pdbx_chi_squared            ? 
_reflns_shell.pdbx_netI_over_sigmaI_all   ? 
_reflns_shell.pdbx_netI_over_sigmaI_obs   ? 
_reflns_shell.pdbx_Rrim_I_all             1.996 
_reflns_shell.pdbx_Rpim_I_all             0.145 
_reflns_shell.pdbx_rejects                ? 
_reflns_shell.pdbx_ordinal                1 
_reflns_shell.pdbx_diffrn_id              1 
_reflns_shell.pdbx_CC_half                0.696 
_reflns_shell.pdbx_CC_star                ? 
_reflns_shell.pdbx_R_split                ? 
# 
_refine.aniso_B[1][1]                            ? 
_refine.aniso_B[1][2]                            ? 
_refine.aniso_B[1][3]                            ? 
_refine.aniso_B[2][2]                            ? 
_refine.aniso_B[2][3]                            ? 
_refine.aniso_B[3][3]                            ? 
_refine.B_iso_max                                80.420 
_refine.B_iso_mean                               43.0008 
_refine.B_iso_min                                26.290 
_refine.correlation_coeff_Fo_to_Fc               ? 
_refine.correlation_coeff_Fo_to_Fc_free          ? 
_refine.details                                  ? 
_refine.diff_density_max                         ? 
_refine.diff_density_max_esd                     ? 
_refine.diff_density_min                         ? 
_refine.diff_density_min_esd                     ? 
_refine.diff_density_rms                         ? 
_refine.diff_density_rms_esd                     ? 
_refine.entry_id                                 7LZ9 
_refine.pdbx_refine_id                           'X-RAY DIFFRACTION' 
_refine.ls_abs_structure_details                 ? 
_refine.ls_abs_structure_Flack                   ? 
_refine.ls_abs_structure_Flack_esd               ? 
_refine.ls_abs_structure_Rogers                  ? 
_refine.ls_abs_structure_Rogers_esd              ? 
_refine.ls_d_res_high                            2.3000 
_refine.ls_d_res_low                             32.7500 
_refine.ls_extinction_coef                       ? 
_refine.ls_extinction_coef_esd                   ? 
_refine.ls_extinction_expression                 ? 
_refine.ls_extinction_method                     ? 
_refine.ls_goodness_of_fit_all                   ? 
_refine.ls_goodness_of_fit_all_esd               ? 
_refine.ls_goodness_of_fit_obs                   ? 
_refine.ls_goodness_of_fit_obs_esd               ? 
_refine.ls_hydrogen_treatment                    ? 
_refine.ls_matrix_type                           ? 
_refine.ls_number_constraints                    ? 
_refine.ls_number_parameters                     ? 
_refine.ls_number_reflns_all                     ? 
_refine.ls_number_reflns_obs                     10591 
_refine.ls_number_reflns_R_free                  529 
_refine.ls_number_reflns_R_work                  10062 
_refine.ls_number_restraints                     ? 
_refine.ls_percent_reflns_obs                    99.4400 
_refine.ls_percent_reflns_R_free                 4.9900 
_refine.ls_R_factor_all                          ? 
_refine.ls_R_factor_obs                          0.2045 
_refine.ls_R_factor_R_free                       0.2555 
_refine.ls_R_factor_R_free_error                 ? 
_refine.ls_R_factor_R_free_error_details         ? 
_refine.ls_R_factor_R_work                       0.2018 
_refine.ls_R_Fsqd_factor_obs                     ? 
_refine.ls_R_I_factor_obs                        ? 
_refine.ls_redundancy_reflns_all                 ? 
_refine.ls_redundancy_reflns_obs                 ? 
_refine.ls_restrained_S_all                      ? 
_refine.ls_restrained_S_obs                      ? 
_refine.ls_shift_over_esd_max                    ? 
_refine.ls_shift_over_esd_mean                   ? 
_refine.ls_structure_factor_coef                 ? 
_refine.ls_weighting_details                     ? 
_refine.ls_weighting_scheme                      ? 
_refine.ls_wR_factor_all                         ? 
_refine.ls_wR_factor_obs                         ? 
_refine.ls_wR_factor_R_free                      ? 
_refine.ls_wR_factor_R_work                      ? 
_refine.occupancy_max                            ? 
_refine.occupancy_min                            ? 
_refine.solvent_model_details                    'FLAT BULK SOLVENT MODEL' 
_refine.solvent_model_param_bsol                 ? 
_refine.solvent_model_param_ksol                 ? 
_refine.pdbx_R_complete                          ? 
_refine.ls_R_factor_gt                           ? 
_refine.ls_goodness_of_fit_gt                    ? 
_refine.ls_goodness_of_fit_ref                   ? 
_refine.ls_shift_over_su_max                     ? 
_refine.ls_shift_over_su_max_lt                  ? 
_refine.ls_shift_over_su_mean                    ? 
_refine.ls_shift_over_su_mean_lt                 ? 
_refine.pdbx_ls_sigma_I                          ? 
_refine.pdbx_ls_sigma_F                          1.360 
_refine.pdbx_ls_sigma_Fsqd                       ? 
_refine.pdbx_data_cutoff_high_absF               ? 
_refine.pdbx_data_cutoff_high_rms_absF           ? 
_refine.pdbx_data_cutoff_low_absF                ? 
_refine.pdbx_isotropic_thermal_model             ? 
_refine.pdbx_ls_cross_valid_method               THROUGHOUT 
_refine.pdbx_method_to_determine_struct          'MOLECULAR REPLACEMENT' 
_refine.pdbx_starting_model                      unpublished 
_refine.pdbx_stereochemistry_target_values       ML 
_refine.pdbx_R_Free_selection_details            random 
_refine.pdbx_stereochem_target_val_spec_case     ? 
_refine.pdbx_overall_ESU_R                       ? 
_refine.pdbx_overall_ESU_R_Free                  ? 
_refine.pdbx_solvent_vdw_probe_radii             1.1100 
_refine.pdbx_solvent_ion_probe_radii             ? 
_refine.pdbx_solvent_shrinkage_radii             0.9000 
_refine.pdbx_real_space_R                        ? 
_refine.pdbx_density_correlation                 ? 
_refine.pdbx_pd_number_of_powder_patterns        ? 
_refine.pdbx_pd_number_of_points                 ? 
_refine.pdbx_pd_meas_number_of_points            ? 
_refine.pdbx_pd_proc_ls_prof_R_factor            ? 
_refine.pdbx_pd_proc_ls_prof_wR_factor           ? 
_refine.pdbx_pd_Marquardt_correlation_coeff      ? 
_refine.pdbx_pd_Fsqrd_R_factor                   ? 
_refine.pdbx_pd_ls_matrix_band_width             ? 
_refine.pdbx_overall_phase_error                 26.2600 
_refine.pdbx_overall_SU_R_free_Cruickshank_DPI   ? 
_refine.pdbx_overall_SU_R_free_Blow_DPI          ? 
_refine.pdbx_overall_SU_R_Blow_DPI               ? 
_refine.pdbx_TLS_residual_ADP_flag               ? 
_refine.pdbx_diffrn_id                           1 
_refine.overall_SU_B                             ? 
_refine.overall_SU_ML                            0.2400 
_refine.overall_SU_R_Cruickshank_DPI             ? 
_refine.overall_SU_R_free                        ? 
_refine.overall_FOM_free_R_set                   ? 
_refine.overall_FOM_work_R_set                   ? 
_refine.pdbx_average_fsc_overall                 ? 
_refine.pdbx_average_fsc_work                    ? 
_refine.pdbx_average_fsc_free                    ? 
# 
_refine_hist.pdbx_refine_id                   'X-RAY DIFFRACTION' 
_refine_hist.cycle_id                         final 
_refine_hist.details                          ? 
_refine_hist.d_res_high                       2.3000 
_refine_hist.d_res_low                        32.7500 
_refine_hist.number_atoms_solvent             28 
_refine_hist.number_atoms_total               1623 
_refine_hist.number_reflns_all                ? 
_refine_hist.number_reflns_obs                ? 
_refine_hist.number_reflns_R_free             ? 
_refine_hist.number_reflns_R_work             ? 
_refine_hist.R_factor_all                     ? 
_refine_hist.R_factor_obs                     ? 
_refine_hist.R_factor_R_free                  ? 
_refine_hist.R_factor_R_work                  ? 
_refine_hist.pdbx_number_residues_total       208 
_refine_hist.pdbx_B_iso_mean_ligand           46.96 
_refine_hist.pdbx_B_iso_mean_solvent          39.43 
_refine_hist.pdbx_number_atoms_protein        1594 
_refine_hist.pdbx_number_atoms_nucleic_acid   0 
_refine_hist.pdbx_number_atoms_ligand         1 
_refine_hist.pdbx_number_atoms_lipid          ? 
_refine_hist.pdbx_number_atoms_carb           ? 
_refine_hist.pdbx_pseudo_atom_details         ? 
# 
loop_
_refine_ls_shell.pdbx_refine_id 
_refine_ls_shell.d_res_high 
_refine_ls_shell.d_res_low 
_refine_ls_shell.number_reflns_all 
_refine_ls_shell.number_reflns_obs 
_refine_ls_shell.number_reflns_R_free 
_refine_ls_shell.number_reflns_R_work 
_refine_ls_shell.percent_reflns_obs 
_refine_ls_shell.percent_reflns_R_free 
_refine_ls_shell.R_factor_all 
_refine_ls_shell.R_factor_obs 
_refine_ls_shell.R_factor_R_free 
_refine_ls_shell.R_factor_R_free_error 
_refine_ls_shell.R_factor_R_work 
_refine_ls_shell.redundancy_reflns_all 
_refine_ls_shell.redundancy_reflns_obs 
_refine_ls_shell.wR_factor_all 
_refine_ls_shell.wR_factor_obs 
_refine_ls_shell.wR_factor_R_free 
_refine_ls_shell.wR_factor_R_work 
_refine_ls_shell.pdbx_R_complete 
_refine_ls_shell.pdbx_total_number_of_bins_used 
_refine_ls_shell.pdbx_phase_error 
_refine_ls_shell.pdbx_fsc_work 
_refine_ls_shell.pdbx_fsc_free 
'X-RAY DIFFRACTION' 2.3001 2.5315 . . 128 2437 99.0000  . . . 0.3214 0.0000 0.2534 . . . . . . . . . . . 
'X-RAY DIFFRACTION' 2.5315 2.8976 . . 129 2456 99.0000  . . . 0.2954 0.0000 0.2429 . . . . . . . . . . . 
'X-RAY DIFFRACTION' 2.8976 3.6499 . . 132 2494 100.0000 . . . 0.3109 0.0000 0.2190 . . . . . . . . . . . 
'X-RAY DIFFRACTION' 3.6499 32.75  . . 140 2675 100.0000 . . . 0.2054 0.0000 0.1722 . . . . . . . . . . . 
# 
_struct.entry_id                     7LZ9 
_struct.title                        'Inactive form of VanR from S. coelicolor' 
_struct.pdbx_model_details           ? 
_struct.pdbx_formula_weight          ? 
_struct.pdbx_formula_weight_method   ? 
_struct.pdbx_model_type_details      ? 
_struct.pdbx_CASP_flag               N 
# 
_struct_keywords.entry_id        7LZ9 
_struct_keywords.text            'inactive, antibiotic resistance, response regulator, TRANSCRIPTION' 
_struct_keywords.pdbx_keywords   TRANSCRIPTION 
# 
loop_
_struct_asym.id 
_struct_asym.pdbx_blank_PDB_chainid_flag 
_struct_asym.pdbx_modified 
_struct_asym.entity_id 
_struct_asym.details 
A N N 1 ? 
B N N 2 ? 
C N N 3 ? 
# 
_struct_ref.id                         1 
_struct_ref.db_name                    UNP 
_struct_ref.db_code                    Q8CJW1_STRCO 
_struct_ref.pdbx_db_accession          Q8CJW1 
_struct_ref.pdbx_db_isoform            ? 
_struct_ref.entity_id                  1 
_struct_ref.pdbx_seq_one_letter_code   
;MRVLIVEDEPYLAEAIRDGLRLEAIAADIAGDGDTALELLSVNAYDIAVLDRDIPGPSGDEIAERIVASGSGMPILMLTA
ADRLDDKASGFGLGADDYLTKPFELQELALRLRALDRRRAHSRPPVREIAGLRLDPFRREVYRGGRYVALTRKQFAVLEV
LVAAEGGVVSAEELLERAWDENADPFTNAVRITVSALRKRLGEPGIIATVPGVGYRIDTAPVSEQAGGDGG
;
_struct_ref.pdbx_align_begin           1 
# 
_struct_ref_seq.align_id                      1 
_struct_ref_seq.ref_id                        1 
_struct_ref_seq.pdbx_PDB_id_code              7LZ9 
_struct_ref_seq.pdbx_strand_id                A 
_struct_ref_seq.seq_align_beg                 2 
_struct_ref_seq.pdbx_seq_align_beg_ins_code   ? 
_struct_ref_seq.seq_align_end                 232 
_struct_ref_seq.pdbx_seq_align_end_ins_code   ? 
_struct_ref_seq.pdbx_db_accession             Q8CJW1 
_struct_ref_seq.db_align_beg                  1 
_struct_ref_seq.pdbx_db_align_beg_ins_code    ? 
_struct_ref_seq.db_align_end                  231 
_struct_ref_seq.pdbx_db_align_end_ins_code    ? 
_struct_ref_seq.pdbx_auth_seq_align_beg       1 
_struct_ref_seq.pdbx_auth_seq_align_end       231 
# 
_struct_ref_seq_dif.align_id                     1 
_struct_ref_seq_dif.pdbx_pdb_id_code             7LZ9 
_struct_ref_seq_dif.mon_id                       GLY 
_struct_ref_seq_dif.pdbx_pdb_strand_id           A 
_struct_ref_seq_dif.seq_num                      1 
_struct_ref_seq_dif.pdbx_pdb_ins_code            ? 
_struct_ref_seq_dif.pdbx_seq_db_name             UNP 
_struct_ref_seq_dif.pdbx_seq_db_accession_code   Q8CJW1 
_struct_ref_seq_dif.db_mon_id                    ? 
_struct_ref_seq_dif.pdbx_seq_db_seq_num          ? 
_struct_ref_seq_dif.details                      'expression tag' 
_struct_ref_seq_dif.pdbx_auth_seq_num            0 
_struct_ref_seq_dif.pdbx_ordinal                 1 
# 
_pdbx_struct_assembly.id                   1 
_pdbx_struct_assembly.details              author_and_software_defined_assembly 
_pdbx_struct_assembly.method_details       PISA 
_pdbx_struct_assembly.oligomeric_details   monomeric 
_pdbx_struct_assembly.oligomeric_count     1 
# 
_pdbx_struct_assembly_gen.assembly_id       1 
_pdbx_struct_assembly_gen.oper_expression   1 
_pdbx_struct_assembly_gen.asym_id_list      A,B,C 
# 
_pdbx_struct_assembly_auth_evidence.id                     1 
_pdbx_struct_assembly_auth_evidence.assembly_id            1 
_pdbx_struct_assembly_auth_evidence.experimental_support   none 
_pdbx_struct_assembly_auth_evidence.details                ? 
# 
_pdbx_struct_oper_list.id                   1 
_pdbx_struct_oper_list.type                 'identity operation' 
_pdbx_struct_oper_list.name                 1_555 
_pdbx_struct_oper_list.symmetry_operation   x,y,z 
_pdbx_struct_oper_list.matrix[1][1]         1.0000000000 
_pdbx_struct_oper_list.matrix[1][2]         0.0000000000 
_pdbx_struct_oper_list.matrix[1][3]         0.0000000000 
_pdbx_struct_oper_list.vector[1]            0.0000000000 
_pdbx_struct_oper_list.matrix[2][1]         0.0000000000 
_pdbx_struct_oper_list.matrix[2][2]         1.0000000000 
_pdbx_struct_oper_list.matrix[2][3]         0.0000000000 
_pdbx_struct_oper_list.vector[2]            0.0000000000 
_pdbx_struct_oper_list.matrix[3][1]         0.0000000000 
_pdbx_struct_oper_list.matrix[3][2]         0.0000000000 
_pdbx_struct_oper_list.matrix[3][3]         1.0000000000 
_pdbx_struct_oper_list.vector[3]            0.0000000000 
# 
loop_
_struct_conf.conf_type_id 
_struct_conf.id 
_struct_conf.pdbx_PDB_helix_id 
_struct_conf.beg_label_comp_id 
_struct_conf.beg_label_asym_id 
_struct_conf.beg_label_seq_id 
_struct_conf.pdbx_beg_PDB_ins_code 
_struct_conf.end_label_comp_id 
_struct_conf.end_label_asym_id 
_struct_conf.end_label_seq_id 
_struct_conf.pdbx_end_PDB_ins_code 
_struct_conf.beg_auth_comp_id 
_struct_conf.beg_auth_asym_id 
_struct_conf.beg_auth_seq_id 
_struct_conf.end_auth_comp_id 
_struct_conf.end_auth_asym_id 
_struct_conf.end_auth_seq_id 
_struct_conf.pdbx_PDB_helix_class 
_struct_conf.details 
_struct_conf.pdbx_PDB_helix_length 
HELX_P HELX_P1 AA1 TYR A 12  ? LEU A 23  ? TYR A 11  LEU A 22  1 ? 12 
HELX_P HELX_P2 AA2 ASP A 33  ? ASN A 44  ? ASP A 32  ASN A 43  1 ? 12 
HELX_P HELX_P3 AA3 SER A 59  ? GLY A 71  ? SER A 58  GLY A 70  1 ? 13 
HELX_P HELX_P4 AA4 GLU A 105 ? ARG A 120 ? GLU A 104 ARG A 119 1 ? 16 
HELX_P HELX_P5 AA5 THR A 152 ? ALA A 165 ? THR A 151 ALA A 164 1 ? 14 
HELX_P HELX_P6 AA6 SER A 171 ? TRP A 180 ? SER A 170 TRP A 179 1 ? 10 
HELX_P HELX_P7 AA7 THR A 188 ? GLY A 203 ? THR A 187 GLY A 202 1 ? 16 
# 
_struct_conf_type.id          HELX_P 
_struct_conf_type.criteria    ? 
_struct_conf_type.reference   ? 
# 
loop_
_struct_conn.id 
_struct_conn.conn_type_id 
_struct_conn.pdbx_leaving_atom_flag 
_struct_conn.pdbx_PDB_id 
_struct_conn.ptnr1_label_asym_id 
_struct_conn.ptnr1_label_comp_id 
_struct_conn.ptnr1_label_seq_id 
_struct_conn.ptnr1_label_atom_id 
_struct_conn.pdbx_ptnr1_label_alt_id 
_struct_conn.pdbx_ptnr1_PDB_ins_code 
_struct_conn.pdbx_ptnr1_standard_comp_id 
_struct_conn.ptnr1_symmetry 
_struct_conn.ptnr2_label_asym_id 
_struct_conn.ptnr2_label_comp_id 
_struct_conn.ptnr2_label_seq_id 
_struct_conn.ptnr2_label_atom_id 
_struct_conn.pdbx_ptnr2_label_alt_id 
_struct_conn.pdbx_ptnr2_PDB_ins_code 
_struct_conn.ptnr1_auth_asym_id 
_struct_conn.ptnr1_auth_comp_id 
_struct_conn.ptnr1_auth_seq_id 
_struct_conn.ptnr2_auth_asym_id 
_struct_conn.ptnr2_auth_comp_id 
_struct_conn.ptnr2_auth_seq_id 
_struct_conn.ptnr2_symmetry 
_struct_conn.pdbx_ptnr3_label_atom_id 
_struct_conn.pdbx_ptnr3_label_seq_id 
_struct_conn.pdbx_ptnr3_label_comp_id 
_struct_conn.pdbx_ptnr3_label_asym_id 
_struct_conn.pdbx_ptnr3_label_alt_id 
_struct_conn.pdbx_ptnr3_PDB_ins_code 
_struct_conn.details 
_struct_conn.pdbx_dist_value 
_struct_conn.pdbx_value_order 
_struct_conn.pdbx_role 
metalc1 metalc ? ? A ASP 9  OD1 ? ? ? 1_555 B MG  . MG ? ? A ASP 8   A MG  301 1_555 ? ? ? ? ? ? ? 2.125 ? ? 
metalc2 metalc ? ? A ASP 52 OD2 ? ? ? 1_555 B MG  . MG ? ? A ASP 51  A MG  301 1_555 ? ? ? ? ? ? ? 2.122 ? ? 
metalc3 metalc ? ? A ASP 54 O   ? ? ? 1_555 B MG  . MG ? ? A ASP 53  A MG  301 1_555 ? ? ? ? ? ? ? 2.056 ? ? 
metalc4 metalc ? ? B MG  .  MG  ? ? ? 1_555 C HOH . O  ? ? A MG  301 A HOH 402 1_555 ? ? ? ? ? ? ? 2.119 ? ? 
metalc5 metalc ? ? B MG  .  MG  ? ? ? 1_555 C HOH . O  ? ? A MG  301 A HOH 404 1_555 ? ? ? ? ? ? ? 2.074 ? ? 
metalc6 metalc ? ? B MG  .  MG  ? ? ? 1_555 C HOH . O  ? ? A MG  301 A HOH 413 1_555 ? ? ? ? ? ? ? 2.159 ? ? 
# 
_struct_conn_type.id          metalc 
_struct_conn_type.criteria    ? 
_struct_conn_type.reference   ? 
# 
loop_
_pdbx_struct_conn_angle.id 
_pdbx_struct_conn_angle.ptnr1_label_atom_id 
_pdbx_struct_conn_angle.ptnr1_label_alt_id 
_pdbx_struct_conn_angle.ptnr1_label_asym_id 
_pdbx_struct_conn_angle.ptnr1_label_comp_id 
_pdbx_struct_conn_angle.ptnr1_label_seq_id 
_pdbx_struct_conn_angle.ptnr1_auth_atom_id 
_pdbx_struct_conn_angle.ptnr1_auth_asym_id 
_pdbx_struct_conn_angle.ptnr1_auth_comp_id 
_pdbx_struct_conn_angle.ptnr1_auth_seq_id 
_pdbx_struct_conn_angle.ptnr1_PDB_ins_code 
_pdbx_struct_conn_angle.ptnr1_symmetry 
_pdbx_struct_conn_angle.ptnr2_label_atom_id 
_pdbx_struct_conn_angle.ptnr2_label_alt_id 
_pdbx_struct_conn_angle.ptnr2_label_asym_id 
_pdbx_struct_conn_angle.ptnr2_label_comp_id 
_pdbx_struct_conn_angle.ptnr2_label_seq_id 
_pdbx_struct_conn_angle.ptnr2_auth_atom_id 
_pdbx_struct_conn_angle.ptnr2_auth_asym_id 
_pdbx_struct_conn_angle.ptnr2_auth_comp_id 
_pdbx_struct_conn_angle.ptnr2_auth_seq_id 
_pdbx_struct_conn_angle.ptnr2_PDB_ins_code 
_pdbx_struct_conn_angle.ptnr2_symmetry 
_pdbx_struct_conn_angle.ptnr3_label_atom_id 
_pdbx_struct_conn_angle.ptnr3_label_alt_id 
_pdbx_struct_conn_angle.ptnr3_label_asym_id 
_pdbx_struct_conn_angle.ptnr3_label_comp_id 
_pdbx_struct_conn_angle.ptnr3_label_seq_id 
_pdbx_struct_conn_angle.ptnr3_auth_atom_id 
_pdbx_struct_conn_angle.ptnr3_auth_asym_id 
_pdbx_struct_conn_angle.ptnr3_auth_comp_id 
_pdbx_struct_conn_angle.ptnr3_auth_seq_id 
_pdbx_struct_conn_angle.ptnr3_PDB_ins_code 
_pdbx_struct_conn_angle.ptnr3_symmetry 
_pdbx_struct_conn_angle.value 
_pdbx_struct_conn_angle.value_esd 
1  OD1 ? A ASP 9  ? A ASP 8   ? 1_555 MG ? B MG . ? A MG 301 ? 1_555 OD2 ? A ASP 52 ? A ASP 51  ? 1_555 85.6  ? 
2  OD1 ? A ASP 9  ? A ASP 8   ? 1_555 MG ? B MG . ? A MG 301 ? 1_555 O   ? A ASP 54 ? A ASP 53  ? 1_555 101.7 ? 
3  OD2 ? A ASP 52 ? A ASP 51  ? 1_555 MG ? B MG . ? A MG 301 ? 1_555 O   ? A ASP 54 ? A ASP 53  ? 1_555 92.0  ? 
4  OD1 ? A ASP 9  ? A ASP 8   ? 1_555 MG ? B MG . ? A MG 301 ? 1_555 O   ? C HOH .  ? A HOH 402 ? 1_555 74.2  ? 
5  OD2 ? A ASP 52 ? A ASP 51  ? 1_555 MG ? B MG . ? A MG 301 ? 1_555 O   ? C HOH .  ? A HOH 402 ? 1_555 81.1  ? 
6  O   ? A ASP 54 ? A ASP 53  ? 1_555 MG ? B MG . ? A MG 301 ? 1_555 O   ? C HOH .  ? A HOH 402 ? 1_555 172.1 ? 
7  OD1 ? A ASP 9  ? A ASP 8   ? 1_555 MG ? B MG . ? A MG 301 ? 1_555 O   ? C HOH .  ? A HOH 404 ? 1_555 91.2  ? 
8  OD2 ? A ASP 52 ? A ASP 51  ? 1_555 MG ? B MG . ? A MG 301 ? 1_555 O   ? C HOH .  ? A HOH 404 ? 1_555 176.6 ? 
9  O   ? A ASP 54 ? A ASP 53  ? 1_555 MG ? B MG . ? A MG 301 ? 1_555 O   ? C HOH .  ? A HOH 404 ? 1_555 89.7  ? 
10 O   ? C HOH .  ? A HOH 402 ? 1_555 MG ? B MG . ? A MG 301 ? 1_555 O   ? C HOH .  ? A HOH 404 ? 1_555 97.1  ? 
11 OD1 ? A ASP 9  ? A ASP 8   ? 1_555 MG ? B MG . ? A MG 301 ? 1_555 O   ? C HOH .  ? A HOH 413 ? 1_555 155.8 ? 
12 OD2 ? A ASP 52 ? A ASP 51  ? 1_555 MG ? B MG . ? A MG 301 ? 1_555 O   ? C HOH .  ? A HOH 413 ? 1_555 79.2  ? 
13 O   ? A ASP 54 ? A ASP 53  ? 1_555 MG ? B MG . ? A MG 301 ? 1_555 O   ? C HOH .  ? A HOH 413 ? 1_555 97.5  ? 
14 O   ? C HOH .  ? A HOH 402 ? 1_555 MG ? B MG . ? A MG 301 ? 1_555 O   ? C HOH .  ? A HOH 413 ? 1_555 84.9  ? 
15 O   ? C HOH .  ? A HOH 404 ? 1_555 MG ? B MG . ? A MG 301 ? 1_555 O   ? C HOH .  ? A HOH 413 ? 1_555 103.6 ? 
# 
loop_
_struct_mon_prot_cis.pdbx_id 
_struct_mon_prot_cis.label_comp_id 
_struct_mon_prot_cis.label_seq_id 
_struct_mon_prot_cis.label_asym_id 
_struct_mon_prot_cis.label_alt_id 
_struct_mon_prot_cis.pdbx_PDB_ins_code 
_struct_mon_prot_cis.auth_comp_id 
_struct_mon_prot_cis.auth_seq_id 
_struct_mon_prot_cis.auth_asym_id 
_struct_mon_prot_cis.pdbx_label_comp_id_2 
_struct_mon_prot_cis.pdbx_label_seq_id_2 
_struct_mon_prot_cis.pdbx_label_asym_id_2 
_struct_mon_prot_cis.pdbx_PDB_ins_code_2 
_struct_mon_prot_cis.pdbx_auth_comp_id_2 
_struct_mon_prot_cis.pdbx_auth_seq_id_2 
_struct_mon_prot_cis.pdbx_auth_asym_id_2 
_struct_mon_prot_cis.pdbx_PDB_model_num 
_struct_mon_prot_cis.pdbx_omega_angle 
1 LYS 102 A . ? LYS 101 A PRO 103 A ? PRO 102 A 1 -2.80 
2 GLU 204 A . ? GLU 203 A PRO 205 A ? PRO 204 A 1 -2.03 
# 
loop_
_struct_sheet.id 
_struct_sheet.type 
_struct_sheet.number_strands 
_struct_sheet.details 
AA1 ? 5 ? 
AA2 ? 4 ? 
AA3 ? 2 ? 
# 
loop_
_struct_sheet_order.sheet_id 
_struct_sheet_order.range_id_1 
_struct_sheet_order.range_id_2 
_struct_sheet_order.offset 
_struct_sheet_order.sense 
AA1 1 2 ? parallel      
AA1 2 3 ? parallel      
AA1 3 4 ? parallel      
AA1 4 5 ? parallel      
AA2 1 2 ? anti-parallel 
AA2 2 3 ? anti-parallel 
AA2 3 4 ? anti-parallel 
AA3 1 2 ? anti-parallel 
# 
loop_
_struct_sheet_range.sheet_id 
_struct_sheet_range.id 
_struct_sheet_range.beg_label_comp_id 
_struct_sheet_range.beg_label_asym_id 
_struct_sheet_range.beg_label_seq_id 
_struct_sheet_range.pdbx_beg_PDB_ins_code 
_struct_sheet_range.end_label_comp_id 
_struct_sheet_range.end_label_asym_id 
_struct_sheet_range.end_label_seq_id 
_struct_sheet_range.pdbx_end_PDB_ins_code 
_struct_sheet_range.beg_auth_comp_id 
_struct_sheet_range.beg_auth_asym_id 
_struct_sheet_range.beg_auth_seq_id 
_struct_sheet_range.end_auth_comp_id 
_struct_sheet_range.end_auth_asym_id 
_struct_sheet_range.end_auth_seq_id 
AA1 1 ILE A 26  ? ALA A 31  ? ILE A 25  ALA A 30  
AA1 2 MET A 2   ? VAL A 7   ? MET A 1   VAL A 6   
AA1 3 ILE A 48  ? ASP A 52  ? ILE A 47  ASP A 51  
AA1 4 ILE A 76  ? THR A 80  ? ILE A 75  THR A 79  
AA1 5 ASP A 98  ? THR A 101 ? ASP A 97  THR A 100 
AA2 1 GLU A 129 ? ILE A 130 ? GLU A 128 ILE A 129 
AA2 2 LEU A 133 ? ASP A 136 ? LEU A 132 ASP A 135 
AA2 3 GLU A 141 ? ARG A 144 ? GLU A 140 ARG A 143 
AA2 4 ARG A 147 ? VAL A 149 ? ARG A 146 VAL A 148 
AA3 1 ILE A 208 ? VAL A 211 ? ILE A 207 VAL A 210 
AA3 2 GLY A 215 ? ILE A 218 ? GLY A 214 ILE A 217 
# 
loop_
_pdbx_struct_sheet_hbond.sheet_id 
_pdbx_struct_sheet_hbond.range_id_1 
_pdbx_struct_sheet_hbond.range_id_2 
_pdbx_struct_sheet_hbond.range_1_label_atom_id 
_pdbx_struct_sheet_hbond.range_1_label_comp_id 
_pdbx_struct_sheet_hbond.range_1_label_asym_id 
_pdbx_struct_sheet_hbond.range_1_label_seq_id 
_pdbx_struct_sheet_hbond.range_1_PDB_ins_code 
_pdbx_struct_sheet_hbond.range_1_auth_atom_id 
_pdbx_struct_sheet_hbond.range_1_auth_comp_id 
_pdbx_struct_sheet_hbond.range_1_auth_asym_id 
_pdbx_struct_sheet_hbond.range_1_auth_seq_id 
_pdbx_struct_sheet_hbond.range_2_label_atom_id 
_pdbx_struct_sheet_hbond.range_2_label_comp_id 
_pdbx_struct_sheet_hbond.range_2_label_asym_id 
_pdbx_struct_sheet_hbond.range_2_label_seq_id 
_pdbx_struct_sheet_hbond.range_2_PDB_ins_code 
_pdbx_struct_sheet_hbond.range_2_auth_atom_id 
_pdbx_struct_sheet_hbond.range_2_auth_comp_id 
_pdbx_struct_sheet_hbond.range_2_auth_asym_id 
_pdbx_struct_sheet_hbond.range_2_auth_seq_id 
AA1 1 2 O ASP A 29  ? O ASP A 28  N ILE A 6   ? N ILE A 5   
AA1 2 3 N LEU A 5   ? N LEU A 4   O VAL A 50  ? O VAL A 49  
AA1 3 4 N ALA A 49  ? N ALA A 48  O LEU A 77  ? O LEU A 76  
AA1 4 5 N MET A 78  ? N MET A 77  O LEU A 100 ? O LEU A 99  
AA2 1 2 N ILE A 130 ? N ILE A 129 O LEU A 133 ? O LEU A 132 
AA2 2 3 N ASP A 136 ? N ASP A 135 O GLU A 141 ? O GLU A 140 
AA2 3 4 N VAL A 142 ? N VAL A 141 O VAL A 149 ? O VAL A 148 
AA3 1 2 N VAL A 211 ? N VAL A 210 O GLY A 215 ? O GLY A 214 
# 
loop_
_pdbx_validate_torsion.id 
_pdbx_validate_torsion.PDB_model_num 
_pdbx_validate_torsion.auth_comp_id 
_pdbx_validate_torsion.auth_asym_id 
_pdbx_validate_torsion.auth_seq_id 
_pdbx_validate_torsion.PDB_ins_code 
_pdbx_validate_torsion.label_alt_id 
_pdbx_validate_torsion.phi 
_pdbx_validate_torsion.psi 
1 1 TYR A 11  ? ? 72.58   -12.49 
2 1 TRP A 179 ? ? -109.24 -72.32 
3 1 PRO A 185 ? ? -65.46  83.66  
# 
_pdbx_entry_details.entry_id                 7LZ9 
_pdbx_entry_details.has_ligand_of_interest   N 
_pdbx_entry_details.compound_details         ? 
_pdbx_entry_details.source_details           ? 
_pdbx_entry_details.nonpolymer_details       ? 
_pdbx_entry_details.sequence_details         ? 
# 
loop_
_pdbx_unobs_or_zero_occ_residues.id 
_pdbx_unobs_or_zero_occ_residues.PDB_model_num 
_pdbx_unobs_or_zero_occ_residues.polymer_flag 
_pdbx_unobs_or_zero_occ_residues.occupancy_flag 
_pdbx_unobs_or_zero_occ_residues.auth_asym_id 
_pdbx_unobs_or_zero_occ_residues.auth_comp_id 
_pdbx_unobs_or_zero_occ_residues.auth_seq_id 
_pdbx_unobs_or_zero_occ_residues.PDB_ins_code 
_pdbx_unobs_or_zero_occ_residues.label_asym_id 
_pdbx_unobs_or_zero_occ_residues.label_comp_id 
_pdbx_unobs_or_zero_occ_residues.label_seq_id 
1  1 Y 1 A ASP 82  ? A ASP 83  
2  1 Y 1 A ARG 83  ? A ARG 84  
3  1 Y 1 A LEU 84  ? A LEU 85  
4  1 Y 1 A ASP 85  ? A ASP 86  
5  1 Y 1 A ASP 86  ? A ASP 87  
6  1 Y 1 A LYS 87  ? A LYS 88  
7  1 Y 1 A ALA 88  ? A ALA 89  
8  1 Y 1 A SER 89  ? A SER 90  
9  1 Y 1 A GLY 90  ? A GLY 91  
10 1 Y 1 A PHE 91  ? A PHE 92  
11 1 Y 1 A GLY 92  ? A GLY 93  
12 1 Y 1 A LEU 93  ? A LEU 94  
13 1 Y 1 A ALA 220 ? A ALA 221 
14 1 Y 1 A PRO 221 ? A PRO 222 
15 1 Y 1 A VAL 222 ? A VAL 223 
16 1 Y 1 A SER 223 ? A SER 224 
17 1 Y 1 A GLU 224 ? A GLU 225 
18 1 Y 1 A GLN 225 ? A GLN 226 
19 1 Y 1 A ALA 226 ? A ALA 227 
20 1 Y 1 A GLY 227 ? A GLY 228 
21 1 Y 1 A GLY 228 ? A GLY 229 
22 1 Y 1 A ASP 229 ? A ASP 230 
23 1 Y 1 A GLY 230 ? A GLY 231 
24 1 Y 1 A GLY 231 ? A GLY 232 
# 
loop_
_chem_comp_atom.comp_id 
_chem_comp_atom.atom_id 
_chem_comp_atom.type_symbol 
_chem_comp_atom.pdbx_aromatic_flag 
_chem_comp_atom.pdbx_stereo_config 
_chem_comp_atom.pdbx_ordinal 
ALA N    N  N N 1   
ALA CA   C  N S 2   
ALA C    C  N N 3   
ALA O    O  N N 4   
ALA CB   C  N N 5   
ALA OXT  O  N N 6   
ALA H    H  N N 7   
ALA H2   H  N N 8   
ALA HA   H  N N 9   
ALA HB1  H  N N 10  
ALA HB2  H  N N 11  
ALA HB3  H  N N 12  
ALA HXT  H  N N 13  
ARG N    N  N N 14  
ARG CA   C  N S 15  
ARG C    C  N N 16  
ARG O    O  N N 17  
ARG CB   C  N N 18  
ARG CG   C  N N 19  
ARG CD   C  N N 20  
ARG NE   N  N N 21  
ARG CZ   C  N N 22  
ARG NH1  N  N N 23  
ARG NH2  N  N N 24  
ARG OXT  O  N N 25  
ARG H    H  N N 26  
ARG H2   H  N N 27  
ARG HA   H  N N 28  
ARG HB2  H  N N 29  
ARG HB3  H  N N 30  
ARG HG2  H  N N 31  
ARG HG3  H  N N 32  
ARG HD2  H  N N 33  
ARG HD3  H  N N 34  
ARG HE   H  N N 35  
ARG HH11 H  N N 36  
ARG HH12 H  N N 37  
ARG HH21 H  N N 38  
ARG HH22 H  N N 39  
ARG HXT  H  N N 40  
ASN N    N  N N 41  
ASN CA   C  N S 42  
ASN C    C  N N 43  
ASN O    O  N N 44  
ASN CB   C  N N 45  
ASN CG   C  N N 46  
ASN OD1  O  N N 47  
ASN ND2  N  N N 48  
ASN OXT  O  N N 49  
ASN H    H  N N 50  
ASN H2   H  N N 51  
ASN HA   H  N N 52  
ASN HB2  H  N N 53  
ASN HB3  H  N N 54  
ASN HD21 H  N N 55  
ASN HD22 H  N N 56  
ASN HXT  H  N N 57  
ASP N    N  N N 58  
ASP CA   C  N S 59  
ASP C    C  N N 60  
ASP O    O  N N 61  
ASP CB   C  N N 62  
ASP CG   C  N N 63  
ASP OD1  O  N N 64  
ASP OD2  O  N N 65  
ASP OXT  O  N N 66  
ASP H    H  N N 67  
ASP H2   H  N N 68  
ASP HA   H  N N 69  
ASP HB2  H  N N 70  
ASP HB3  H  N N 71  
ASP HD2  H  N N 72  
ASP HXT  H  N N 73  
GLN N    N  N N 74  
GLN CA   C  N S 75  
GLN C    C  N N 76  
GLN O    O  N N 77  
GLN CB   C  N N 78  
GLN CG   C  N N 79  
GLN CD   C  N N 80  
GLN OE1  O  N N 81  
GLN NE2  N  N N 82  
GLN OXT  O  N N 83  
GLN H    H  N N 84  
GLN H2   H  N N 85  
GLN HA   H  N N 86  
GLN HB2  H  N N 87  
GLN HB3  H  N N 88  
GLN HG2  H  N N 89  
GLN HG3  H  N N 90  
GLN HE21 H  N N 91  
GLN HE22 H  N N 92  
GLN HXT  H  N N 93  
GLU N    N  N N 94  
GLU CA   C  N S 95  
GLU C    C  N N 96  
GLU O    O  N N 97  
GLU CB   C  N N 98  
GLU CG   C  N N 99  
GLU CD   C  N N 100 
GLU OE1  O  N N 101 
GLU OE2  O  N N 102 
GLU OXT  O  N N 103 
GLU H    H  N N 104 
GLU H2   H  N N 105 
GLU HA   H  N N 106 
GLU HB2  H  N N 107 
GLU HB3  H  N N 108 
GLU HG2  H  N N 109 
GLU HG3  H  N N 110 
GLU HE2  H  N N 111 
GLU HXT  H  N N 112 
GLY N    N  N N 113 
GLY CA   C  N N 114 
GLY C    C  N N 115 
GLY O    O  N N 116 
GLY OXT  O  N N 117 
GLY H    H  N N 118 
GLY H2   H  N N 119 
GLY HA2  H  N N 120 
GLY HA3  H  N N 121 
GLY HXT  H  N N 122 
HIS N    N  N N 123 
HIS CA   C  N S 124 
HIS C    C  N N 125 
HIS O    O  N N 126 
HIS CB   C  N N 127 
HIS CG   C  Y N 128 
HIS ND1  N  Y N 129 
HIS CD2  C  Y N 130 
HIS CE1  C  Y N 131 
HIS NE2  N  Y N 132 
HIS OXT  O  N N 133 
HIS H    H  N N 134 
HIS H2   H  N N 135 
HIS HA   H  N N 136 
HIS HB2  H  N N 137 
HIS HB3  H  N N 138 
HIS HD1  H  N N 139 
HIS HD2  H  N N 140 
HIS HE1  H  N N 141 
HIS HE2  H  N N 142 
HIS HXT  H  N N 143 
HOH O    O  N N 144 
HOH H1   H  N N 145 
HOH H2   H  N N 146 
ILE N    N  N N 147 
ILE CA   C  N S 148 
ILE C    C  N N 149 
ILE O    O  N N 150 
ILE CB   C  N S 151 
ILE CG1  C  N N 152 
ILE CG2  C  N N 153 
ILE CD1  C  N N 154 
ILE OXT  O  N N 155 
ILE H    H  N N 156 
ILE H2   H  N N 157 
ILE HA   H  N N 158 
ILE HB   H  N N 159 
ILE HG12 H  N N 160 
ILE HG13 H  N N 161 
ILE HG21 H  N N 162 
ILE HG22 H  N N 163 
ILE HG23 H  N N 164 
ILE HD11 H  N N 165 
ILE HD12 H  N N 166 
ILE HD13 H  N N 167 
ILE HXT  H  N N 168 
LEU N    N  N N 169 
LEU CA   C  N S 170 
LEU C    C  N N 171 
LEU O    O  N N 172 
LEU CB   C  N N 173 
LEU CG   C  N N 174 
LEU CD1  C  N N 175 
LEU CD2  C  N N 176 
LEU OXT  O  N N 177 
LEU H    H  N N 178 
LEU H2   H  N N 179 
LEU HA   H  N N 180 
LEU HB2  H  N N 181 
LEU HB3  H  N N 182 
LEU HG   H  N N 183 
LEU HD11 H  N N 184 
LEU HD12 H  N N 185 
LEU HD13 H  N N 186 
LEU HD21 H  N N 187 
LEU HD22 H  N N 188 
LEU HD23 H  N N 189 
LEU HXT  H  N N 190 
LYS N    N  N N 191 
LYS CA   C  N S 192 
LYS C    C  N N 193 
LYS O    O  N N 194 
LYS CB   C  N N 195 
LYS CG   C  N N 196 
LYS CD   C  N N 197 
LYS CE   C  N N 198 
LYS NZ   N  N N 199 
LYS OXT  O  N N 200 
LYS H    H  N N 201 
LYS H2   H  N N 202 
LYS HA   H  N N 203 
LYS HB2  H  N N 204 
LYS HB3  H  N N 205 
LYS HG2  H  N N 206 
LYS HG3  H  N N 207 
LYS HD2  H  N N 208 
LYS HD3  H  N N 209 
LYS HE2  H  N N 210 
LYS HE3  H  N N 211 
LYS HZ1  H  N N 212 
LYS HZ2  H  N N 213 
LYS HZ3  H  N N 214 
LYS HXT  H  N N 215 
MET N    N  N N 216 
MET CA   C  N S 217 
MET C    C  N N 218 
MET O    O  N N 219 
MET CB   C  N N 220 
MET CG   C  N N 221 
MET SD   S  N N 222 
MET CE   C  N N 223 
MET OXT  O  N N 224 
MET H    H  N N 225 
MET H2   H  N N 226 
MET HA   H  N N 227 
MET HB2  H  N N 228 
MET HB3  H  N N 229 
MET HG2  H  N N 230 
MET HG3  H  N N 231 
MET HE1  H  N N 232 
MET HE2  H  N N 233 
MET HE3  H  N N 234 
MET HXT  H  N N 235 
MG  MG   MG N N 236 
PHE N    N  N N 237 
PHE CA   C  N S 238 
PHE C    C  N N 239 
PHE O    O  N N 240 
PHE CB   C  N N 241 
PHE CG   C  Y N 242 
PHE CD1  C  Y N 243 
PHE CD2  C  Y N 244 
PHE CE1  C  Y N 245 
PHE CE2  C  Y N 246 
PHE CZ   C  Y N 247 
PHE OXT  O  N N 248 
PHE H    H  N N 249 
PHE H2   H  N N 250 
PHE HA   H  N N 251 
PHE HB2  H  N N 252 
PHE HB3  H  N N 253 
PHE HD1  H  N N 254 
PHE HD2  H  N N 255 
PHE HE1  H  N N 256 
PHE HE2  H  N N 257 
PHE HZ   H  N N 258 
PHE HXT  H  N N 259 
PRO N    N  N N 260 
PRO CA   C  N S 261 
PRO C    C  N N 262 
PRO O    O  N N 263 
PRO CB   C  N N 264 
PRO CG   C  N N 265 
PRO CD   C  N N 266 
PRO OXT  O  N N 267 
PRO H    H  N N 268 
PRO HA   H  N N 269 
PRO HB2  H  N N 270 
PRO HB3  H  N N 271 
PRO HG2  H  N N 272 
PRO HG3  H  N N 273 
PRO HD2  H  N N 274 
PRO HD3  H  N N 275 
PRO HXT  H  N N 276 
SER N    N  N N 277 
SER CA   C  N S 278 
SER C    C  N N 279 
SER O    O  N N 280 
SER CB   C  N N 281 
SER OG   O  N N 282 
SER OXT  O  N N 283 
SER H    H  N N 284 
SER H2   H  N N 285 
SER HA   H  N N 286 
SER HB2  H  N N 287 
SER HB3  H  N N 288 
SER HG   H  N N 289 
SER HXT  H  N N 290 
THR N    N  N N 291 
THR CA   C  N S 292 
THR C    C  N N 293 
THR O    O  N N 294 
THR CB   C  N R 295 
THR OG1  O  N N 296 
THR CG2  C  N N 297 
THR OXT  O  N N 298 
THR H    H  N N 299 
THR H2   H  N N 300 
THR HA   H  N N 301 
THR HB   H  N N 302 
THR HG1  H  N N 303 
THR HG21 H  N N 304 
THR HG22 H  N N 305 
THR HG23 H  N N 306 
THR HXT  H  N N 307 
TRP N    N  N N 308 
TRP CA   C  N S 309 
TRP C    C  N N 310 
TRP O    O  N N 311 
TRP CB   C  N N 312 
TRP CG   C  Y N 313 
TRP CD1  C  Y N 314 
TRP CD2  C  Y N 315 
TRP NE1  N  Y N 316 
TRP CE2  C  Y N 317 
TRP CE3  C  Y N 318 
TRP CZ2  C  Y N 319 
TRP CZ3  C  Y N 320 
TRP CH2  C  Y N 321 
TRP OXT  O  N N 322 
TRP H    H  N N 323 
TRP H2   H  N N 324 
TRP HA   H  N N 325 
TRP HB2  H  N N 326 
TRP HB3  H  N N 327 
TRP HD1  H  N N 328 
TRP HE1  H  N N 329 
TRP HE3  H  N N 330 
TRP HZ2  H  N N 331 
TRP HZ3  H  N N 332 
TRP HH2  H  N N 333 
TRP HXT  H  N N 334 
TYR N    N  N N 335 
TYR CA   C  N S 336 
TYR C    C  N N 337 
TYR O    O  N N 338 
TYR CB   C  N N 339 
TYR CG   C  Y N 340 
TYR CD1  C  Y N 341 
TYR CD2  C  Y N 342 
TYR CE1  C  Y N 343 
TYR CE2  C  Y N 344 
TYR CZ   C  Y N 345 
TYR OH   O  N N 346 
TYR OXT  O  N N 347 
TYR H    H  N N 348 
TYR H2   H  N N 349 
TYR HA   H  N N 350 
TYR HB2  H  N N 351 
TYR HB3  H  N N 352 
TYR HD1  H  N N 353 
TYR HD2  H  N N 354 
TYR HE1  H  N N 355 
TYR HE2  H  N N 356 
TYR HH   H  N N 357 
TYR HXT  H  N N 358 
VAL N    N  N N 359 
VAL CA   C  N S 360 
VAL C    C  N N 361 
VAL O    O  N N 362 
VAL CB   C  N N 363 
VAL CG1  C  N N 364 
VAL CG2  C  N N 365 
VAL OXT  O  N N 366 
VAL H    H  N N 367 
VAL H2   H  N N 368 
VAL HA   H  N N 369 
VAL HB   H  N N 370 
VAL HG11 H  N N 371 
VAL HG12 H  N N 372 
VAL HG13 H  N N 373 
VAL HG21 H  N N 374 
VAL HG22 H  N N 375 
VAL HG23 H  N N 376 
VAL HXT  H  N N 377 
# 
loop_
_chem_comp_bond.comp_id 
_chem_comp_bond.atom_id_1 
_chem_comp_bond.atom_id_2 
_chem_comp_bond.value_order 
_chem_comp_bond.pdbx_aromatic_flag 
_chem_comp_bond.pdbx_stereo_config 
_chem_comp_bond.pdbx_ordinal 
ALA N   CA   sing N N 1   
ALA N   H    sing N N 2   
ALA N   H2   sing N N 3   
ALA CA  C    sing N N 4   
ALA CA  CB   sing N N 5   
ALA CA  HA   sing N N 6   
ALA C   O    doub N N 7   
ALA C   OXT  sing N N 8   
ALA CB  HB1  sing N N 9   
ALA CB  HB2  sing N N 10  
ALA CB  HB3  sing N N 11  
ALA OXT HXT  sing N N 12  
ARG N   CA   sing N N 13  
ARG N   H    sing N N 14  
ARG N   H2   sing N N 15  
ARG CA  C    sing N N 16  
ARG CA  CB   sing N N 17  
ARG CA  HA   sing N N 18  
ARG C   O    doub N N 19  
ARG C   OXT  sing N N 20  
ARG CB  CG   sing N N 21  
ARG CB  HB2  sing N N 22  
ARG CB  HB3  sing N N 23  
ARG CG  CD   sing N N 24  
ARG CG  HG2  sing N N 25  
ARG CG  HG3  sing N N 26  
ARG CD  NE   sing N N 27  
ARG CD  HD2  sing N N 28  
ARG CD  HD3  sing N N 29  
ARG NE  CZ   sing N N 30  
ARG NE  HE   sing N N 31  
ARG CZ  NH1  sing N N 32  
ARG CZ  NH2  doub N N 33  
ARG NH1 HH11 sing N N 34  
ARG NH1 HH12 sing N N 35  
ARG NH2 HH21 sing N N 36  
ARG NH2 HH22 sing N N 37  
ARG OXT HXT  sing N N 38  
ASN N   CA   sing N N 39  
ASN N   H    sing N N 40  
ASN N   H2   sing N N 41  
ASN CA  C    sing N N 42  
ASN CA  CB   sing N N 43  
ASN CA  HA   sing N N 44  
ASN C   O    doub N N 45  
ASN C   OXT  sing N N 46  
ASN CB  CG   sing N N 47  
ASN CB  HB2  sing N N 48  
ASN CB  HB3  sing N N 49  
ASN CG  OD1  doub N N 50  
ASN CG  ND2  sing N N 51  
ASN ND2 HD21 sing N N 52  
ASN ND2 HD22 sing N N 53  
ASN OXT HXT  sing N N 54  
ASP N   CA   sing N N 55  
ASP N   H    sing N N 56  
ASP N   H2   sing N N 57  
ASP CA  C    sing N N 58  
ASP CA  CB   sing N N 59  
ASP CA  HA   sing N N 60  
ASP C   O    doub N N 61  
ASP C   OXT  sing N N 62  
ASP CB  CG   sing N N 63  
ASP CB  HB2  sing N N 64  
ASP CB  HB3  sing N N 65  
ASP CG  OD1  doub N N 66  
ASP CG  OD2  sing N N 67  
ASP OD2 HD2  sing N N 68  
ASP OXT HXT  sing N N 69  
GLN N   CA   sing N N 70  
GLN N   H    sing N N 71  
GLN N   H2   sing N N 72  
GLN CA  C    sing N N 73  
GLN CA  CB   sing N N 74  
GLN CA  HA   sing N N 75  
GLN C   O    doub N N 76  
GLN C   OXT  sing N N 77  
GLN CB  CG   sing N N 78  
GLN CB  HB2  sing N N 79  
GLN CB  HB3  sing N N 80  
GLN CG  CD   sing N N 81  
GLN CG  HG2  sing N N 82  
GLN CG  HG3  sing N N 83  
GLN CD  OE1  doub N N 84  
GLN CD  NE2  sing N N 85  
GLN NE2 HE21 sing N N 86  
GLN NE2 HE22 sing N N 87  
GLN OXT HXT  sing N N 88  
GLU N   CA   sing N N 89  
GLU N   H    sing N N 90  
GLU N   H2   sing N N 91  
GLU CA  C    sing N N 92  
GLU CA  CB   sing N N 93  
GLU CA  HA   sing N N 94  
GLU C   O    doub N N 95  
GLU C   OXT  sing N N 96  
GLU CB  CG   sing N N 97  
GLU CB  HB2  sing N N 98  
GLU CB  HB3  sing N N 99  
GLU CG  CD   sing N N 100 
GLU CG  HG2  sing N N 101 
GLU CG  HG3  sing N N 102 
GLU CD  OE1  doub N N 103 
GLU CD  OE2  sing N N 104 
GLU OE2 HE2  sing N N 105 
GLU OXT HXT  sing N N 106 
GLY N   CA   sing N N 107 
GLY N   H    sing N N 108 
GLY N   H2   sing N N 109 
GLY CA  C    sing N N 110 
GLY CA  HA2  sing N N 111 
GLY CA  HA3  sing N N 112 
GLY C   O    doub N N 113 
GLY C   OXT  sing N N 114 
GLY OXT HXT  sing N N 115 
HIS N   CA   sing N N 116 
HIS N   H    sing N N 117 
HIS N   H2   sing N N 118 
HIS CA  C    sing N N 119 
HIS CA  CB   sing N N 120 
HIS CA  HA   sing N N 121 
HIS C   O    doub N N 122 
HIS C   OXT  sing N N 123 
HIS CB  CG   sing N N 124 
HIS CB  HB2  sing N N 125 
HIS CB  HB3  sing N N 126 
HIS CG  ND1  sing Y N 127 
HIS CG  CD2  doub Y N 128 
HIS ND1 CE1  doub Y N 129 
HIS ND1 HD1  sing N N 130 
HIS CD2 NE2  sing Y N 131 
HIS CD2 HD2  sing N N 132 
HIS CE1 NE2  sing Y N 133 
HIS CE1 HE1  sing N N 134 
HIS NE2 HE2  sing N N 135 
HIS OXT HXT  sing N N 136 
HOH O   H1   sing N N 137 
HOH O   H2   sing N N 138 
ILE N   CA   sing N N 139 
ILE N   H    sing N N 140 
ILE N   H2   sing N N 141 
ILE CA  C    sing N N 142 
ILE CA  CB   sing N N 143 
ILE CA  HA   sing N N 144 
ILE C   O    doub N N 145 
ILE C   OXT  sing N N 146 
ILE CB  CG1  sing N N 147 
ILE CB  CG2  sing N N 148 
ILE CB  HB   sing N N 149 
ILE CG1 CD1  sing N N 150 
ILE CG1 HG12 sing N N 151 
ILE CG1 HG13 sing N N 152 
ILE CG2 HG21 sing N N 153 
ILE CG2 HG22 sing N N 154 
ILE CG2 HG23 sing N N 155 
ILE CD1 HD11 sing N N 156 
ILE CD1 HD12 sing N N 157 
ILE CD1 HD13 sing N N 158 
ILE OXT HXT  sing N N 159 
LEU N   CA   sing N N 160 
LEU N   H    sing N N 161 
LEU N   H2   sing N N 162 
LEU CA  C    sing N N 163 
LEU CA  CB   sing N N 164 
LEU CA  HA   sing N N 165 
LEU C   O    doub N N 166 
LEU C   OXT  sing N N 167 
LEU CB  CG   sing N N 168 
LEU CB  HB2  sing N N 169 
LEU CB  HB3  sing N N 170 
LEU CG  CD1  sing N N 171 
LEU CG  CD2  sing N N 172 
LEU CG  HG   sing N N 173 
LEU CD1 HD11 sing N N 174 
LEU CD1 HD12 sing N N 175 
LEU CD1 HD13 sing N N 176 
LEU CD2 HD21 sing N N 177 
LEU CD2 HD22 sing N N 178 
LEU CD2 HD23 sing N N 179 
LEU OXT HXT  sing N N 180 
LYS N   CA   sing N N 181 
LYS N   H    sing N N 182 
LYS N   H2   sing N N 183 
LYS CA  C    sing N N 184 
LYS CA  CB   sing N N 185 
LYS CA  HA   sing N N 186 
LYS C   O    doub N N 187 
LYS C   OXT  sing N N 188 
LYS CB  CG   sing N N 189 
LYS CB  HB2  sing N N 190 
LYS CB  HB3  sing N N 191 
LYS CG  CD   sing N N 192 
LYS CG  HG2  sing N N 193 
LYS CG  HG3  sing N N 194 
LYS CD  CE   sing N N 195 
LYS CD  HD2  sing N N 196 
LYS CD  HD3  sing N N 197 
LYS CE  NZ   sing N N 198 
LYS CE  HE2  sing N N 199 
LYS CE  HE3  sing N N 200 
LYS NZ  HZ1  sing N N 201 
LYS NZ  HZ2  sing N N 202 
LYS NZ  HZ3  sing N N 203 
LYS OXT HXT  sing N N 204 
MET N   CA   sing N N 205 
MET N   H    sing N N 206 
MET N   H2   sing N N 207 
MET CA  C    sing N N 208 
MET CA  CB   sing N N 209 
MET CA  HA   sing N N 210 
MET C   O    doub N N 211 
MET C   OXT  sing N N 212 
MET CB  CG   sing N N 213 
MET CB  HB2  sing N N 214 
MET CB  HB3  sing N N 215 
MET CG  SD   sing N N 216 
MET CG  HG2  sing N N 217 
MET CG  HG3  sing N N 218 
MET SD  CE   sing N N 219 
MET CE  HE1  sing N N 220 
MET CE  HE2  sing N N 221 
MET CE  HE3  sing N N 222 
MET OXT HXT  sing N N 223 
PHE N   CA   sing N N 224 
PHE N   H    sing N N 225 
PHE N   H2   sing N N 226 
PHE CA  C    sing N N 227 
PHE CA  CB   sing N N 228 
PHE CA  HA   sing N N 229 
PHE C   O    doub N N 230 
PHE C   OXT  sing N N 231 
PHE CB  CG   sing N N 232 
PHE CB  HB2  sing N N 233 
PHE CB  HB3  sing N N 234 
PHE CG  CD1  doub Y N 235 
PHE CG  CD2  sing Y N 236 
PHE CD1 CE1  sing Y N 237 
PHE CD1 HD1  sing N N 238 
PHE CD2 CE2  doub Y N 239 
PHE CD2 HD2  sing N N 240 
PHE CE1 CZ   doub Y N 241 
PHE CE1 HE1  sing N N 242 
PHE CE2 CZ   sing Y N 243 
PHE CE2 HE2  sing N N 244 
PHE CZ  HZ   sing N N 245 
PHE OXT HXT  sing N N 246 
PRO N   CA   sing N N 247 
PRO N   CD   sing N N 248 
PRO N   H    sing N N 249 
PRO CA  C    sing N N 250 
PRO CA  CB   sing N N 251 
PRO CA  HA   sing N N 252 
PRO C   O    doub N N 253 
PRO C   OXT  sing N N 254 
PRO CB  CG   sing N N 255 
PRO CB  HB2  sing N N 256 
PRO CB  HB3  sing N N 257 
PRO CG  CD   sing N N 258 
PRO CG  HG2  sing N N 259 
PRO CG  HG3  sing N N 260 
PRO CD  HD2  sing N N 261 
PRO CD  HD3  sing N N 262 
PRO OXT HXT  sing N N 263 
SER N   CA   sing N N 264 
SER N   H    sing N N 265 
SER N   H2   sing N N 266 
SER CA  C    sing N N 267 
SER CA  CB   sing N N 268 
SER CA  HA   sing N N 269 
SER C   O    doub N N 270 
SER C   OXT  sing N N 271 
SER CB  OG   sing N N 272 
SER CB  HB2  sing N N 273 
SER CB  HB3  sing N N 274 
SER OG  HG   sing N N 275 
SER OXT HXT  sing N N 276 
THR N   CA   sing N N 277 
THR N   H    sing N N 278 
THR N   H2   sing N N 279 
THR CA  C    sing N N 280 
THR CA  CB   sing N N 281 
THR CA  HA   sing N N 282 
THR C   O    doub N N 283 
THR C   OXT  sing N N 284 
THR CB  OG1  sing N N 285 
THR CB  CG2  sing N N 286 
THR CB  HB   sing N N 287 
THR OG1 HG1  sing N N 288 
THR CG2 HG21 sing N N 289 
THR CG2 HG22 sing N N 290 
THR CG2 HG23 sing N N 291 
THR OXT HXT  sing N N 292 
TRP N   CA   sing N N 293 
TRP N   H    sing N N 294 
TRP N   H2   sing N N 295 
TRP CA  C    sing N N 296 
TRP CA  CB   sing N N 297 
TRP CA  HA   sing N N 298 
TRP C   O    doub N N 299 
TRP C   OXT  sing N N 300 
TRP CB  CG   sing N N 301 
TRP CB  HB2  sing N N 302 
TRP CB  HB3  sing N N 303 
TRP CG  CD1  doub Y N 304 
TRP CG  CD2  sing Y N 305 
TRP CD1 NE1  sing Y N 306 
TRP CD1 HD1  sing N N 307 
TRP CD2 CE2  doub Y N 308 
TRP CD2 CE3  sing Y N 309 
TRP NE1 CE2  sing Y N 310 
TRP NE1 HE1  sing N N 311 
TRP CE2 CZ2  sing Y N 312 
TRP CE3 CZ3  doub Y N 313 
TRP CE3 HE3  sing N N 314 
TRP CZ2 CH2  doub Y N 315 
TRP CZ2 HZ2  sing N N 316 
TRP CZ3 CH2  sing Y N 317 
TRP CZ3 HZ3  sing N N 318 
TRP CH2 HH2  sing N N 319 
TRP OXT HXT  sing N N 320 
TYR N   CA   sing N N 321 
TYR N   H    sing N N 322 
TYR N   H2   sing N N 323 
TYR CA  C    sing N N 324 
TYR CA  CB   sing N N 325 
TYR CA  HA   sing N N 326 
TYR C   O    doub N N 327 
TYR C   OXT  sing N N 328 
TYR CB  CG   sing N N 329 
TYR CB  HB2  sing N N 330 
TYR CB  HB3  sing N N 331 
TYR CG  CD1  doub Y N 332 
TYR CG  CD2  sing Y N 333 
TYR CD1 CE1  sing Y N 334 
TYR CD1 HD1  sing N N 335 
TYR CD2 CE2  doub Y N 336 
TYR CD2 HD2  sing N N 337 
TYR CE1 CZ   doub Y N 338 
TYR CE1 HE1  sing N N 339 
TYR CE2 CZ   sing Y N 340 
TYR CE2 HE2  sing N N 341 
TYR CZ  OH   sing N N 342 
TYR OH  HH   sing N N 343 
TYR OXT HXT  sing N N 344 
VAL N   CA   sing N N 345 
VAL N   H    sing N N 346 
VAL N   H2   sing N N 347 
VAL CA  C    sing N N 348 
VAL CA  CB   sing N N 349 
VAL CA  HA   sing N N 350 
VAL C   O    doub N N 351 
VAL C   OXT  sing N N 352 
VAL CB  CG1  sing N N 353 
VAL CB  CG2  sing N N 354 
VAL CB  HB   sing N N 355 
VAL CG1 HG11 sing N N 356 
VAL CG1 HG12 sing N N 357 
VAL CG1 HG13 sing N N 358 
VAL CG2 HG21 sing N N 359 
VAL CG2 HG22 sing N N 360 
VAL CG2 HG23 sing N N 361 
VAL OXT HXT  sing N N 362 
# 
loop_
_pdbx_audit_support.funding_organization 
_pdbx_audit_support.country 
_pdbx_audit_support.grant_number 
_pdbx_audit_support.ordinal 
'National Institutes of Health/National Institute Of Allergy and Infectious Diseases (NIH/NIAID)' 'United States' 'R01 AI 148679' 
1 
'National Institutes of Health/National Institute Of Allergy and Infectious Diseases (NIH/NIAID)' 'United States' 'F31 AI 136385' 
2 
# 
_pdbx_initial_refinement_model.accession_code   ? 
_pdbx_initial_refinement_model.id               1 
_pdbx_initial_refinement_model.entity_id_list   ? 
_pdbx_initial_refinement_model.type             other 
_pdbx_initial_refinement_model.source_name      ? 
_pdbx_initial_refinement_model.details          unpublished 
# 
_atom_sites.entry_id                    7LZ9 
_atom_sites.Cartn_transf_matrix[1][1]   ? 
_atom_sites.Cartn_transf_matrix[1][2]   ? 
_atom_sites.Cartn_transf_matrix[1][3]   ? 
_atom_sites.Cartn_transf_matrix[2][1]   ? 
_atom_sites.Cartn_transf_matrix[2][2]   ? 
_atom_sites.Cartn_transf_matrix[2][3]   ? 
_atom_sites.Cartn_transf_matrix[3][1]   ? 
_atom_sites.Cartn_transf_matrix[3][2]   ? 
_atom_sites.Cartn_transf_matrix[3][3]   ? 
_atom_sites.Cartn_transf_vector[1]      ? 
_atom_sites.Cartn_transf_vector[2]      ? 
_atom_sites.Cartn_transf_vector[3]      ? 
_atom_sites.fract_transf_matrix[1][1]   -0.00361651 
_atom_sites.fract_transf_matrix[1][2]   -0.01470605 
_atom_sites.fract_transf_matrix[1][3]   0.00341212 
_atom_sites.fract_transf_matrix[2][1]   -0.00744174 
_atom_sites.fract_transf_matrix[2][2]   -0.00878063 
_atom_sites.fract_transf_matrix[2][3]   -0.01041708 
_atom_sites.fract_transf_matrix[3][1]   0.00634840 
_atom_sites.fract_transf_matrix[3][2]   -0.00218594 
_atom_sites.fract_transf_matrix[3][3]   -0.00269262 
_atom_sites.fract_transf_vector[1]      0.407791 
_atom_sites.fract_transf_vector[2]      0.573996 
_atom_sites.fract_transf_vector[3]      0.354580 
_atom_sites.solution_primary            ? 
_atom_sites.solution_secondary          ? 
_atom_sites.solution_hydrogens          ? 
_atom_sites.special_details             ? 
# 
loop_
_atom_type.symbol 
C  
MG 
N  
O  
S  
# 
loop_
_atom_site.group_PDB 
_atom_site.id 
_atom_site.type_symbol 
_atom_site.label_atom_id 
_atom_site.label_alt_id 
_atom_site.label_comp_id 
_atom_site.label_asym_id 
_atom_site.label_entity_id 
_atom_site.label_seq_id 
_atom_site.pdbx_PDB_ins_code 
_atom_site.Cartn_x 
_atom_site.Cartn_y 
_atom_site.Cartn_z 
_atom_site.occupancy 
_atom_site.B_iso_or_equiv 
_atom_site.pdbx_formal_charge 
_atom_site.auth_seq_id 
_atom_site.auth_comp_id 
_atom_site.auth_asym_id 
_atom_site.auth_atom_id 
_atom_site.pdbx_PDB_model_num 
ATOM   1    N  N   . GLY A 1 1   ? -14.344 6.899   11.091  1.00 61.74 ? 0   GLY A N   1 
ATOM   2    C  CA  . GLY A 1 1   ? -14.756 5.520   10.916  1.00 53.90 ? 0   GLY A CA  1 
ATOM   3    C  C   . GLY A 1 1   ? -13.921 4.772   9.897   1.00 52.14 ? 0   GLY A C   1 
ATOM   4    O  O   . GLY A 1 1   ? -12.843 5.225   9.505   1.00 52.67 ? 0   GLY A O   1 
ATOM   5    N  N   . MET A 1 2   ? -14.429 3.626   9.458   1.00 45.80 ? 1   MET A N   1 
ATOM   6    C  CA  . MET A 1 2   ? -13.712 2.789   8.511   1.00 48.45 ? 1   MET A CA  1 
ATOM   7    C  C   . MET A 1 2   ? -13.944 3.253   7.077   1.00 42.73 ? 1   MET A C   1 
ATOM   8    O  O   . MET A 1 2   ? -15.026 3.725   6.719   1.00 43.46 ? 1   MET A O   1 
ATOM   9    C  CB  . MET A 1 2   ? -14.147 1.333   8.647   1.00 46.91 ? 1   MET A CB  1 
ATOM   10   C  CG  . MET A 1 2   ? -13.499 0.582   9.785   1.00 51.53 ? 1   MET A CG  1 
ATOM   11   S  SD  . MET A 1 2   ? -14.050 -1.132  9.781   1.00 62.07 ? 1   MET A SD  1 
ATOM   12   C  CE  . MET A 1 2   ? -13.967 -1.470  8.033   1.00 36.39 ? 1   MET A CE  1 
ATOM   13   N  N   . ARG A 1 3   ? -12.907 3.111   6.256   1.00 40.46 ? 2   ARG A N   1 
ATOM   14   C  CA  . ARG A 1 3   ? -12.981 3.344   4.818   1.00 39.19 ? 2   ARG A CA  1 
ATOM   15   C  C   . ARG A 1 3   ? -12.587 2.055   4.118   1.00 37.74 ? 2   ARG A C   1 
ATOM   16   O  O   . ARG A 1 3   ? -11.473 1.560   4.313   1.00 42.59 ? 2   ARG A O   1 
ATOM   17   C  CB  . ARG A 1 3   ? -12.056 4.481   4.384   1.00 45.68 ? 2   ARG A CB  1 
ATOM   18   C  CG  . ARG A 1 3   ? -12.574 5.878   4.659   1.00 48.37 ? 2   ARG A CG  1 
ATOM   19   C  CD  . ARG A 1 3   ? -12.373 6.783   3.447   1.00 57.92 ? 2   ARG A CD  1 
ATOM   20   N  NE  . ARG A 1 3   ? -13.478 6.673   2.498   1.00 59.25 ? 2   ARG A NE  1 
ATOM   21   C  CZ  . ARG A 1 3   ? -13.751 7.571   1.557   1.00 58.07 ? 2   ARG A CZ  1 
ATOM   22   N  NH1 . ARG A 1 3   ? -12.993 8.652   1.430   1.00 57.62 ? 2   ARG A NH1 1 
ATOM   23   N  NH2 . ARG A 1 3   ? -14.782 7.387   0.741   1.00 53.79 ? 2   ARG A NH2 1 
ATOM   24   N  N   . VAL A 1 4   ? -13.492 1.510   3.307   1.00 34.03 ? 3   VAL A N   1 
ATOM   25   C  CA  . VAL A 1 4   ? -13.223 0.277   2.584   1.00 34.70 ? 3   VAL A CA  1 
ATOM   26   C  C   . VAL A 1 4   ? -13.318 0.544   1.088   1.00 34.23 ? 3   VAL A C   1 
ATOM   27   O  O   . VAL A 1 4   ? -13.899 1.533   0.639   1.00 32.84 ? 3   VAL A O   1 
ATOM   28   C  CB  . VAL A 1 4   ? -14.179 -0.862  2.989   1.00 38.26 ? 3   VAL A CB  1 
ATOM   29   C  CG1 . VAL A 1 4   ? -14.151 -1.069  4.488   1.00 34.50 ? 3   VAL A CG1 1 
ATOM   30   C  CG2 . VAL A 1 4   ? -15.596 -0.567  2.509   1.00 36.59 ? 3   VAL A CG2 1 
ATOM   31   N  N   . LEU A 1 5   ? -12.718 -0.358  0.319   1.00 35.36 ? 4   LEU A N   1 
ATOM   32   C  CA  . LEU A 1 5   ? -12.810 -0.358  -1.134  1.00 33.99 ? 4   LEU A CA  1 
ATOM   33   C  C   . LEU A 1 5   ? -13.590 -1.589  -1.570  1.00 33.38 ? 4   LEU A C   1 
ATOM   34   O  O   . LEU A 1 5   ? -13.250 -2.712  -1.184  1.00 36.52 ? 4   LEU A O   1 
ATOM   35   C  CB  . LEU A 1 5   ? -11.419 -0.351  -1.773  1.00 33.99 ? 4   LEU A CB  1 
ATOM   36   C  CG  . LEU A 1 5   ? -11.363 -0.565  -3.287  1.00 33.68 ? 4   LEU A CG  1 
ATOM   37   C  CD1 . LEU A 1 5   ? -11.958 0.619   -4.034  1.00 32.47 ? 4   LEU A CD1 1 
ATOM   38   C  CD2 . LEU A 1 5   ? -9.933  -0.811  -3.735  1.00 36.52 ? 4   LEU A CD2 1 
ATOM   39   N  N   . ILE A 1 6   ? -14.638 -1.379  -2.358  1.00 33.81 ? 5   ILE A N   1 
ATOM   40   C  CA  . ILE A 1 6   ? -15.505 -2.455  -2.823  1.00 35.11 ? 5   ILE A CA  1 
ATOM   41   C  C   . ILE A 1 6   ? -15.331 -2.588  -4.328  1.00 33.51 ? 5   ILE A C   1 
ATOM   42   O  O   . ILE A 1 6   ? -15.625 -1.651  -5.082  1.00 35.35 ? 5   ILE A O   1 
ATOM   43   C  CB  . ILE A 1 6   ? -16.974 -2.196  -2.458  1.00 35.50 ? 5   ILE A CB  1 
ATOM   44   C  CG1 . ILE A 1 6   ? -17.111 -1.935  -0.959  1.00 36.98 ? 5   ILE A CG1 1 
ATOM   45   C  CG2 . ILE A 1 6   ? -17.833 -3.375  -2.857  1.00 32.36 ? 5   ILE A CG2 1 
ATOM   46   C  CD1 . ILE A 1 6   ? -18.488 -1.451  -0.558  1.00 41.56 ? 5   ILE A CD1 1 
ATOM   47   N  N   . VAL A 1 7   ? -14.855 -3.749  -4.767  1.00 32.71 ? 6   VAL A N   1 
ATOM   48   C  CA  . VAL A 1 7   ? -14.670 -4.044  -6.184  1.00 35.48 ? 6   VAL A CA  1 
ATOM   49   C  C   . VAL A 1 7   ? -15.627 -5.172  -6.546  1.00 35.17 ? 6   VAL A C   1 
ATOM   50   O  O   . VAL A 1 7   ? -15.456 -6.314  -6.105  1.00 39.44 ? 6   VAL A O   1 
ATOM   51   C  CB  . VAL A 1 7   ? -13.219 -4.417  -6.505  1.00 33.93 ? 6   VAL A CB  1 
ATOM   52   C  CG1 . VAL A 1 7   ? -13.030 -4.546  -8.004  1.00 32.46 ? 6   VAL A CG1 1 
ATOM   53   C  CG2 . VAL A 1 7   ? -12.281 -3.371  -5.947  1.00 31.00 ? 6   VAL A CG2 1 
ATOM   54   N  N   . GLU A 1 8   ? -16.640 -4.848  -7.348  1.00 35.61 ? 7   GLU A N   1 
ATOM   55   C  CA  . GLU A 1 8   ? -17.654 -5.814  -7.746  1.00 39.12 ? 7   GLU A CA  1 
ATOM   56   C  C   . GLU A 1 8   ? -18.303 -5.308  -9.026  1.00 42.81 ? 7   GLU A C   1 
ATOM   57   O  O   . GLU A 1 8   ? -18.640 -4.125  -9.120  1.00 41.39 ? 7   GLU A O   1 
ATOM   58   C  CB  . GLU A 1 8   ? -18.695 -6.004  -6.637  1.00 40.59 ? 7   GLU A CB  1 
ATOM   59   C  CG  . GLU A 1 8   ? -19.995 -6.651  -7.097  1.00 49.18 ? 7   GLU A CG  1 
ATOM   60   C  CD  . GLU A 1 8   ? -19.836 -8.125  -7.424  1.00 47.51 ? 7   GLU A CD  1 
ATOM   61   O  OE1 . GLU A 1 8   ? -19.301 -8.873  -6.575  1.00 46.65 ? 7   GLU A OE1 1 
ATOM   62   O  OE2 . GLU A 1 8   ? -20.240 -8.533  -8.532  1.00 50.23 ? 7   GLU A OE2 1 
ATOM   63   N  N   . ASP A 1 9   ? -18.477 -6.198  -10.006 1.00 39.76 ? 8   ASP A N   1 
ATOM   64   C  CA  . ASP A 1 9   ? -18.901 -5.777  -11.336 1.00 42.08 ? 8   ASP A CA  1 
ATOM   65   C  C   . ASP A 1 9   ? -20.377 -6.014  -11.625 1.00 38.96 ? 8   ASP A C   1 
ATOM   66   O  O   . ASP A 1 9   ? -20.906 -5.401  -12.558 1.00 40.67 ? 8   ASP A O   1 
ATOM   67   C  CB  . ASP A 1 9   ? -18.071 -6.492  -12.410 1.00 41.65 ? 8   ASP A CB  1 
ATOM   68   C  CG  . ASP A 1 9   ? -18.201 -8.002  -12.340 1.00 48.03 ? 8   ASP A CG  1 
ATOM   69   O  OD1 . ASP A 1 9   ? -18.173 -8.555  -11.217 1.00 53.37 ? 8   ASP A OD1 1 
ATOM   70   O  OD2 . ASP A 1 9   ? -18.329 -8.639  -13.404 1.00 46.21 ? 8   ASP A OD2 1 
ATOM   71   N  N   . GLU A 1 10  ? -21.043 -6.888  -10.877 1.00 42.97 ? 9   GLU A N   1 
ATOM   72   C  CA  . GLU A 1 10  ? -22.454 -7.140  -11.123 1.00 43.99 ? 9   GLU A CA  1 
ATOM   73   C  C   . GLU A 1 10  ? -23.241 -5.833  -11.041 1.00 43.70 ? 9   GLU A C   1 
ATOM   74   O  O   . GLU A 1 10  ? -23.007 -5.022  -10.137 1.00 42.56 ? 9   GLU A O   1 
ATOM   75   C  CB  . GLU A 1 10  ? -23.008 -8.150  -10.116 1.00 40.45 ? 9   GLU A CB  1 
ATOM   76   C  CG  . GLU A 1 10  ? -24.472 -8.511  -10.353 1.00 44.50 ? 9   GLU A CG  1 
ATOM   77   C  CD  . GLU A 1 10  ? -25.003 -9.517  -9.351  1.00 50.87 ? 9   GLU A CD  1 
ATOM   78   O  OE1 . GLU A 1 10  ? -26.189 -9.406  -8.970  1.00 51.20 ? 9   GLU A OE1 1 
ATOM   79   O  OE2 . GLU A 1 10  ? -24.237 -10.416 -8.944  1.00 55.62 ? 9   GLU A OE2 1 
ATOM   80   N  N   . PRO A 1 11  ? -24.158 -5.585  -11.975 1.00 43.66 ? 10  PRO A N   1 
ATOM   81   C  CA  . PRO A 1 11  ? -24.888 -4.311  -11.982 1.00 43.75 ? 10  PRO A CA  1 
ATOM   82   C  C   . PRO A 1 11  ? -25.576 -4.022  -10.655 1.00 43.31 ? 10  PRO A C   1 
ATOM   83   O  O   . PRO A 1 11  ? -26.227 -4.889  -10.065 1.00 37.60 ? 10  PRO A O   1 
ATOM   84   C  CB  . PRO A 1 11  ? -25.900 -4.498  -13.117 1.00 43.85 ? 10  PRO A CB  1 
ATOM   85   C  CG  . PRO A 1 11  ? -25.216 -5.437  -14.059 1.00 44.76 ? 10  PRO A CG  1 
ATOM   86   C  CD  . PRO A 1 11  ? -24.440 -6.389  -13.179 1.00 48.38 ? 10  PRO A CD  1 
ATOM   87   N  N   . TYR A 1 12  ? -25.396 -2.783  -10.183 1.00 43.83 ? 11  TYR A N   1 
ATOM   88   C  CA  . TYR A 1 12  ? -26.050 -2.223  -9.000  1.00 39.55 ? 11  TYR A CA  1 
ATOM   89   C  C   . TYR A 1 12  ? -25.515 -2.792  -7.692  1.00 35.03 ? 11  TYR A C   1 
ATOM   90   O  O   . TYR A 1 12  ? -25.799 -2.242  -6.624  1.00 38.78 ? 11  TYR A O   1 
ATOM   91   C  CB  . TYR A 1 12  ? -27.569 -2.426  -9.066  1.00 40.00 ? 11  TYR A CB  1 
ATOM   92   C  CG  . TYR A 1 12  ? -28.168 -2.144  -10.426 1.00 43.40 ? 11  TYR A CG  1 
ATOM   93   C  CD1 . TYR A 1 12  ? -27.972 -0.920  -11.050 1.00 42.40 ? 11  TYR A CD1 1 
ATOM   94   C  CD2 . TYR A 1 12  ? -28.921 -3.107  -11.089 1.00 45.85 ? 11  TYR A CD2 1 
ATOM   95   C  CE1 . TYR A 1 12  ? -28.510 -0.657  -12.295 1.00 48.70 ? 11  TYR A CE1 1 
ATOM   96   C  CE2 . TYR A 1 12  ? -29.461 -2.854  -12.339 1.00 52.38 ? 11  TYR A CE2 1 
ATOM   97   C  CZ  . TYR A 1 12  ? -29.253 -1.626  -12.936 1.00 54.74 ? 11  TYR A CZ  1 
ATOM   98   O  OH  . TYR A 1 12  ? -29.788 -1.364  -14.178 1.00 61.97 ? 11  TYR A OH  1 
ATOM   99   N  N   . LEU A 1 13  ? -24.738 -3.875  -7.750  1.00 37.06 ? 12  LEU A N   1 
ATOM   100  C  CA  . LEU A 1 13  ? -24.380 -4.583  -6.522  1.00 38.45 ? 12  LEU A CA  1 
ATOM   101  C  C   . LEU A 1 13  ? -23.336 -3.815  -5.719  1.00 36.59 ? 12  LEU A C   1 
ATOM   102  O  O   . LEU A 1 13  ? -23.466 -3.668  -4.498  1.00 38.99 ? 12  LEU A O   1 
ATOM   103  C  CB  . LEU A 1 13  ? -23.878 -5.991  -6.843  1.00 38.78 ? 12  LEU A CB  1 
ATOM   104  C  CG  . LEU A 1 13  ? -23.583 -6.841  -5.603  1.00 41.56 ? 12  LEU A CG  1 
ATOM   105  C  CD1 . LEU A 1 13  ? -24.784 -6.860  -4.667  1.00 37.88 ? 12  LEU A CD1 1 
ATOM   106  C  CD2 . LEU A 1 13  ? -23.173 -8.256  -5.980  1.00 39.93 ? 12  LEU A CD2 1 
ATOM   107  N  N   . ALA A 1 14  ? -22.284 -3.334  -6.381  1.00 32.20 ? 13  ALA A N   1 
ATOM   108  C  CA  . ALA A 1 14  ? -21.273 -2.552  -5.678  1.00 36.40 ? 13  ALA A CA  1 
ATOM   109  C  C   . ALA A 1 14  ? -21.902 -1.362  -4.964  1.00 38.18 ? 13  ALA A C   1 
ATOM   110  O  O   . ALA A 1 14  ? -21.600 -1.099  -3.793  1.00 35.46 ? 13  ALA A O   1 
ATOM   111  C  CB  . ALA A 1 14  ? -20.192 -2.087  -6.656  1.00 34.69 ? 13  ALA A CB  1 
ATOM   112  N  N   . GLU A 1 15  ? -22.803 -0.648  -5.644  1.00 37.35 ? 14  GLU A N   1 
ATOM   113  C  CA  . GLU A 1 15  ? -23.446 0.507   -5.028  1.00 36.09 ? 14  GLU A CA  1 
ATOM   114  C  C   . GLU A 1 15  ? -24.387 0.086   -3.906  1.00 35.55 ? 14  GLU A C   1 
ATOM   115  O  O   . GLU A 1 15  ? -24.480 0.762   -2.876  1.00 37.90 ? 14  GLU A O   1 
ATOM   116  C  CB  . GLU A 1 15  ? -24.202 1.313   -6.083  1.00 41.85 ? 14  GLU A CB  1 
ATOM   117  C  CG  . GLU A 1 15  ? -24.784 2.603   -5.542  1.00 47.78 ? 14  GLU A CG  1 
ATOM   118  C  CD  . GLU A 1 15  ? -23.777 3.376   -4.711  1.00 52.58 ? 14  GLU A CD  1 
ATOM   119  O  OE1 . GLU A 1 15  ? -22.743 3.803   -5.274  1.00 54.68 ? 14  GLU A OE1 1 
ATOM   120  O  OE2 . GLU A 1 15  ? -24.010 3.550   -3.495  1.00 48.56 ? 14  GLU A OE2 1 
ATOM   121  N  N   . ALA A 1 16  ? -25.094 -1.029  -4.084  1.00 35.97 ? 15  ALA A N   1 
ATOM   122  C  CA  . ALA A 1 16  ? -25.992 -1.499  -3.037  1.00 36.11 ? 15  ALA A CA  1 
ATOM   123  C  C   . ALA A 1 16  ? -25.219 -1.914  -1.790  1.00 37.54 ? 15  ALA A C   1 
ATOM   124  O  O   . ALA A 1 16  ? -25.681 -1.689  -0.667  1.00 35.41 ? 15  ALA A O   1 
ATOM   125  C  CB  . ALA A 1 16  ? -26.847 -2.653  -3.559  1.00 34.00 ? 15  ALA A CB  1 
ATOM   126  N  N   . ILE A 1 17  ? -24.040 -2.518  -1.964  1.00 35.48 ? 16  ILE A N   1 
ATOM   127  C  CA  . ILE A 1 17  ? -23.242 -2.924  -0.810  1.00 35.72 ? 16  ILE A CA  1 
ATOM   128  C  C   . ILE A 1 17  ? -22.756 -1.700  -0.044  1.00 33.07 ? 16  ILE A C   1 
ATOM   129  O  O   . ILE A 1 17  ? -22.860 -1.634  1.184   1.00 33.83 ? 16  ILE A O   1 
ATOM   130  C  CB  . ILE A 1 17  ? -22.068 -3.820  -1.250  1.00 36.35 ? 16  ILE A CB  1 
ATOM   131  C  CG1 . ILE A 1 17  ? -22.577 -5.158  -1.778  1.00 31.39 ? 16  ILE A CG1 1 
ATOM   132  C  CG2 . ILE A 1 17  ? -21.108 -4.059  -0.096  1.00 33.45 ? 16  ILE A CG2 1 
ATOM   133  C  CD1 . ILE A 1 17  ? -21.509 -5.963  -2.485  1.00 37.38 ? 16  ILE A CD1 1 
ATOM   134  N  N   . ARG A 1 18  ? -22.211 -0.710  -0.760  1.00 32.32 ? 17  ARG A N   1 
ATOM   135  C  CA  . ARG A 1 18  ? -21.823 0.542   -0.115  1.00 35.10 ? 17  ARG A CA  1 
ATOM   136  C  C   . ARG A 1 18  ? -23.008 1.186   0.594   1.00 37.15 ? 17  ARG A C   1 
ATOM   137  O  O   . ARG A 1 18  ? -22.862 1.739   1.692   1.00 37.74 ? 17  ARG A O   1 
ATOM   138  C  CB  . ARG A 1 18  ? -21.231 1.497   -1.153  1.00 35.51 ? 17  ARG A CB  1 
ATOM   139  C  CG  . ARG A 1 18  ? -21.340 2.962   -0.784  1.00 40.62 ? 17  ARG A CG  1 
ATOM   140  C  CD  . ARG A 1 18  ? -20.357 3.803   -1.566  1.00 34.82 ? 17  ARG A CD  1 
ATOM   141  N  NE  . ARG A 1 18  ? -20.930 4.321   -2.806  1.00 42.02 ? 17  ARG A NE  1 
ATOM   142  C  CZ  . ARG A 1 18  ? -20.276 5.102   -3.660  1.00 45.52 ? 17  ARG A CZ  1 
ATOM   143  N  NH1 . ARG A 1 18  ? -19.021 5.459   -3.410  1.00 42.80 ? 17  ARG A NH1 1 
ATOM   144  N  NH2 . ARG A 1 18  ? -20.871 5.524   -4.767  1.00 42.24 ? 17  ARG A NH2 1 
ATOM   145  N  N   . ASP A 1 19  ? -24.193 1.108   -0.012  1.00 36.80 ? 18  ASP A N   1 
ATOM   146  C  CA  . ASP A 1 19  ? -25.392 1.681   0.589   1.00 34.81 ? 18  ASP A CA  1 
ATOM   147  C  C   . ASP A 1 19  ? -25.711 1.022   1.924   1.00 35.00 ? 18  ASP A C   1 
ATOM   148  O  O   . ASP A 1 19  ? -26.049 1.704   2.899   1.00 30.12 ? 18  ASP A O   1 
ATOM   149  C  CB  . ASP A 1 19  ? -26.568 1.541   -0.378  1.00 35.41 ? 18  ASP A CB  1 
ATOM   150  C  CG  . ASP A 1 19  ? -27.744 2.405   0.004   1.00 38.87 ? 18  ASP A CG  1 
ATOM   151  O  OD1 . ASP A 1 19  ? -27.628 3.645   -0.100  1.00 40.04 ? 18  ASP A OD1 1 
ATOM   152  O  OD2 . ASP A 1 19  ? -28.786 1.843   0.402   1.00 36.71 ? 18  ASP A OD2 1 
ATOM   153  N  N   . GLY A 1 20  ? -25.601 -0.307  1.992   1.00 34.74 ? 19  GLY A N   1 
ATOM   154  C  CA  . GLY A 1 20  ? -25.876 -1.003  3.236   1.00 30.46 ? 19  GLY A CA  1 
ATOM   155  C  C   . GLY A 1 20  ? -24.880 -0.717  4.339   1.00 37.30 ? 19  GLY A C   1 
ATOM   156  O  O   . GLY A 1 20  ? -25.211 -0.884  5.519   1.00 33.02 ? 19  GLY A O   1 
ATOM   157  N  N   . LEU A 1 21  ? -23.671 -0.284  3.986   1.00 37.09 ? 20  LEU A N   1 
ATOM   158  C  CA  . LEU A 1 21  ? -22.654 0.035   4.978   1.00 37.41 ? 20  LEU A CA  1 
ATOM   159  C  C   . LEU A 1 21  ? -22.737 1.471   5.477   1.00 34.13 ? 20  LEU A C   1 
ATOM   160  O  O   . LEU A 1 21  ? -22.202 1.764   6.553   1.00 39.00 ? 20  LEU A O   1 
ATOM   161  C  CB  . LEU A 1 21  ? -21.255 -0.211  4.400   1.00 36.45 ? 20  LEU A CB  1 
ATOM   162  C  CG  . LEU A 1 21  ? -20.893 -1.640  3.985   1.00 35.12 ? 20  LEU A CG  1 
ATOM   163  C  CD1 . LEU A 1 21  ? -19.557 -1.646  3.262   1.00 33.41 ? 20  LEU A CD1 1 
ATOM   164  C  CD2 . LEU A 1 21  ? -20.864 -2.584  5.187   1.00 31.14 ? 20  LEU A CD2 1 
ATOM   165  N  N   . ARG A 1 22  ? -23.396 2.357   4.724   1.00 36.31 ? 21  ARG A N   1 
ATOM   166  C  CA  . ARG A 1 22  ? -23.399 3.787   5.026   1.00 35.73 ? 21  ARG A CA  1 
ATOM   167  C  C   . ARG A 1 22  ? -23.776 4.062   6.476   1.00 39.48 ? 21  ARG A C   1 
ATOM   168  O  O   . ARG A 1 22  ? -23.025 4.707   7.217   1.00 42.95 ? 21  ARG A O   1 
ATOM   169  C  CB  . ARG A 1 22  ? -24.362 4.513   4.083   1.00 39.44 ? 21  ARG A CB  1 
ATOM   170  C  CG  . ARG A 1 22  ? -23.818 4.727   2.689   1.00 42.84 ? 21  ARG A CG  1 
ATOM   171  C  CD  . ARG A 1 22  ? -24.596 5.798   1.942   1.00 42.86 ? 21  ARG A CD  1 
ATOM   172  N  NE  . ARG A 1 22  ? -23.886 6.205   0.734   1.00 46.26 ? 21  ARG A NE  1 
ATOM   173  C  CZ  . ARG A 1 22  ? -24.168 5.760   -0.487  1.00 45.43 ? 21  ARG A CZ  1 
ATOM   174  N  NH1 . ARG A 1 22  ? -25.162 4.897   -0.672  1.00 45.17 ? 21  ARG A NH1 1 
ATOM   175  N  NH2 . ARG A 1 22  ? -23.457 6.180   -1.525  1.00 40.75 ? 21  ARG A NH2 1 
ATOM   176  N  N   . LEU A 1 23  ? -24.942 3.581   6.898   1.00 40.40 ? 22  LEU A N   1 
ATOM   177  C  CA  . LEU A 1 23  ? -25.414 3.819   8.257   1.00 35.85 ? 22  LEU A CA  1 
ATOM   178  C  C   . LEU A 1 23  ? -24.775 2.887   9.275   1.00 43.75 ? 22  LEU A C   1 
ATOM   179  O  O   . LEU A 1 23  ? -25.141 2.936   10.454  1.00 43.19 ? 22  LEU A O   1 
ATOM   180  C  CB  . LEU A 1 23  ? -26.935 3.684   8.311   1.00 41.55 ? 22  LEU A CB  1 
ATOM   181  C  CG  . LEU A 1 23  ? -27.683 4.583   7.324   1.00 40.26 ? 22  LEU A CG  1 
ATOM   182  C  CD1 . LEU A 1 23  ? -29.144 4.188   7.254   1.00 37.28 ? 22  LEU A CD1 1 
ATOM   183  C  CD2 . LEU A 1 23  ? -27.533 6.044   7.716   1.00 42.90 ? 22  LEU A CD2 1 
ATOM   184  N  N   . GLU A 1 24  ? -23.848 2.034   8.851   1.00 43.47 ? 23  GLU A N   1 
ATOM   185  C  CA  . GLU A 1 24  ? -23.009 1.278   9.768   1.00 43.97 ? 23  GLU A CA  1 
ATOM   186  C  C   . GLU A 1 24  ? -21.720 2.017   10.099  1.00 42.44 ? 23  GLU A C   1 
ATOM   187  O  O   . GLU A 1 24  ? -20.826 1.432   10.718  1.00 51.48 ? 23  GLU A O   1 
ATOM   188  C  CB  . GLU A 1 24  ? -22.694 -0.101  9.181   1.00 44.31 ? 23  GLU A CB  1 
ATOM   189  C  CG  . GLU A 1 24  ? -23.795 -1.129  9.397   1.00 49.93 ? 23  GLU A CG  1 
ATOM   190  C  CD  . GLU A 1 24  ? -23.963 -1.506  10.860  1.00 62.22 ? 23  GLU A CD  1 
ATOM   191  O  OE1 . GLU A 1 24  ? -23.079 -2.206  11.403  1.00 59.26 ? 23  GLU A OE1 1 
ATOM   192  O  OE2 . GLU A 1 24  ? -24.978 -1.097  11.469  1.00 67.57 ? 23  GLU A OE2 1 
ATOM   193  N  N   . ALA A 1 25  ? -21.615 3.288   9.701   1.00 39.76 ? 24  ALA A N   1 
ATOM   194  C  CA  . ALA A 1 25  ? -20.419 4.105   9.906   1.00 45.19 ? 24  ALA A CA  1 
ATOM   195  C  C   . ALA A 1 25  ? -19.206 3.523   9.184   1.00 44.30 ? 24  ALA A C   1 
ATOM   196  O  O   . ALA A 1 25  ? -18.068 3.676   9.636   1.00 43.58 ? 24  ALA A O   1 
ATOM   197  C  CB  . ALA A 1 25  ? -20.119 4.303   11.396  1.00 38.99 ? 24  ALA A CB  1 
ATOM   198  N  N   . ILE A 1 26  ? -19.436 2.859   8.054   1.00 44.43 ? 25  ILE A N   1 
ATOM   199  C  CA  . ILE A 1 26  ? -18.372 2.292   7.230   1.00 41.25 ? 25  ILE A CA  1 
ATOM   200  C  C   . ILE A 1 26  ? -18.508 2.911   5.844   1.00 37.92 ? 25  ILE A C   1 
ATOM   201  O  O   . ILE A 1 26  ? -19.387 2.523   5.063   1.00 37.69 ? 25  ILE A O   1 
ATOM   202  C  CB  . ILE A 1 26  ? -18.437 0.762   7.167   1.00 33.41 ? 25  ILE A CB  1 
ATOM   203  C  CG1 . ILE A 1 26  ? -18.281 0.163   8.564   1.00 46.19 ? 25  ILE A CG1 1 
ATOM   204  C  CG2 . ILE A 1 26  ? -17.369 0.224   6.241   1.00 40.03 ? 25  ILE A CG2 1 
ATOM   205  C  CD1 . ILE A 1 26  ? -18.258 -1.352  8.586   1.00 41.23 ? 25  ILE A CD1 1 
ATOM   206  N  N   . ALA A 1 27  ? -17.646 3.876   5.533   1.00 38.43 ? 26  ALA A N   1 
ATOM   207  C  CA  . ALA A 1 27  ? -17.663 4.520   4.229   1.00 35.15 ? 26  ALA A CA  1 
ATOM   208  C  C   . ALA A 1 27  ? -16.928 3.665   3.202   1.00 39.53 ? 26  ALA A C   1 
ATOM   209  O  O   . ALA A 1 27  ? -16.104 2.809   3.539   1.00 38.42 ? 26  ALA A O   1 
ATOM   210  C  CB  . ALA A 1 27  ? -17.030 5.908   4.303   1.00 43.49 ? 26  ALA A CB  1 
ATOM   211  N  N   . ALA A 1 28  ? -17.223 3.912   1.929   1.00 36.79 ? 27  ALA A N   1 
ATOM   212  C  CA  . ALA A 1 28  ? -16.725 3.034   0.884   1.00 34.81 ? 27  ALA A CA  1 
ATOM   213  C  C   . ALA A 1 28  ? -16.570 3.780   -0.430  1.00 40.16 ? 27  ALA A C   1 
ATOM   214  O  O   . ALA A 1 28  ? -17.383 4.646   -0.765  1.00 40.52 ? 27  ALA A O   1 
ATOM   215  C  CB  . ALA A 1 28  ? -17.660 1.837   0.691   1.00 37.14 ? 27  ALA A CB  1 
ATOM   216  N  N   . ASP A 1 29  ? -15.513 3.441   -1.160  1.00 33.15 ? 28  ASP A N   1 
ATOM   217  C  CA  . ASP A 1 29  ? -15.401 3.722   -2.582  1.00 34.54 ? 28  ASP A CA  1 
ATOM   218  C  C   . ASP A 1 29  ? -15.717 2.445   -3.352  1.00 36.60 ? 28  ASP A C   1 
ATOM   219  O  O   . ASP A 1 29  ? -15.586 1.334   -2.834  1.00 36.75 ? 28  ASP A O   1 
ATOM   220  C  CB  . ASP A 1 29  ? -14.001 4.228   -2.943  1.00 37.26 ? 28  ASP A CB  1 
ATOM   221  C  CG  . ASP A 1 29  ? -13.747 5.655   -2.474  1.00 46.23 ? 28  ASP A CG  1 
ATOM   222  O  OD1 . ASP A 1 29  ? -14.709 6.446   -2.371  1.00 50.09 ? 28  ASP A OD1 1 
ATOM   223  O  OD2 . ASP A 1 29  ? -12.573 5.988   -2.209  1.00 44.76 ? 28  ASP A OD2 1 
ATOM   224  N  N   . ILE A 1 30  ? -16.149 2.607   -4.601  1.00 40.19 ? 29  ILE A N   1 
ATOM   225  C  CA  . ILE A 1 30  ? -16.554 1.465   -5.406  1.00 38.10 ? 29  ILE A CA  1 
ATOM   226  C  C   . ILE A 1 30  ? -15.807 1.479   -6.730  1.00 35.72 ? 29  ILE A C   1 
ATOM   227  O  O   . ILE A 1 30  ? -15.345 2.517   -7.209  1.00 34.34 ? 29  ILE A O   1 
ATOM   228  C  CB  . ILE A 1 30  ? -18.078 1.425   -5.655  1.00 37.47 ? 29  ILE A CB  1 
ATOM   229  C  CG1 . ILE A 1 30  ? -18.539 2.700   -6.363  1.00 38.21 ? 29  ILE A CG1 1 
ATOM   230  C  CG2 . ILE A 1 30  ? -18.826 1.225   -4.343  1.00 38.88 ? 29  ILE A CG2 1 
ATOM   231  C  CD1 . ILE A 1 30  ? -19.989 2.660   -6.794  1.00 46.55 ? 29  ILE A CD1 1 
ATOM   232  N  N   . ALA A 1 31  ? -15.695 0.292   -7.316  1.00 36.26 ? 30  ALA A N   1 
ATOM   233  C  CA  . ALA A 1 31  ? -15.079 0.103   -8.617  1.00 36.54 ? 30  ALA A CA  1 
ATOM   234  C  C   . ALA A 1 31  ? -15.689 -1.137  -9.249  1.00 36.40 ? 30  ALA A C   1 
ATOM   235  O  O   . ALA A 1 31  ? -15.996 -2.108  -8.551  1.00 34.46 ? 30  ALA A O   1 
ATOM   236  C  CB  . ALA A 1 31  ? -13.557 -0.037  -8.504  1.00 33.85 ? 30  ALA A CB  1 
ATOM   237  N  N   . GLY A 1 32  ? -15.867 -1.098  -10.566 1.00 33.08 ? 31  GLY A N   1 
ATOM   238  C  CA  . GLY A 1 32  ? -16.465 -2.214  -11.269 1.00 38.14 ? 31  GLY A CA  1 
ATOM   239  C  C   . GLY A 1 32  ? -15.462 -3.092  -11.991 1.00 41.62 ? 31  GLY A C   1 
ATOM   240  O  O   . GLY A 1 32  ? -15.826 -4.151  -12.509 1.00 42.25 ? 31  GLY A O   1 
ATOM   241  N  N   . ASP A 1 33  ? -14.199 -2.669  -12.031 1.00 38.27 ? 32  ASP A N   1 
ATOM   242  C  CA  . ASP A 1 33  ? -13.173 -3.410  -12.751 1.00 40.14 ? 32  ASP A CA  1 
ATOM   243  C  C   . ASP A 1 33  ? -11.822 -3.186  -12.089 1.00 38.38 ? 32  ASP A C   1 
ATOM   244  O  O   . ASP A 1 33  ? -11.635 -2.248  -11.310 1.00 37.60 ? 32  ASP A O   1 
ATOM   245  C  CB  . ASP A 1 33  ? -13.117 -3.004  -14.228 1.00 42.44 ? 32  ASP A CB  1 
ATOM   246  C  CG  . ASP A 1 33  ? -12.445 -1.663  -14.437 1.00 46.42 ? 32  ASP A CG  1 
ATOM   247  O  OD1 . ASP A 1 33  ? -11.225 -1.645  -14.704 1.00 46.86 ? 32  ASP A OD1 1 
ATOM   248  O  OD2 . ASP A 1 33  ? -13.136 -0.627  -14.340 1.00 48.93 ? 32  ASP A OD2 1 
ATOM   249  N  N   . GLY A 1 34  ? -10.871 -4.061  -12.430 1.00 41.08 ? 33  GLY A N   1 
ATOM   250  C  CA  . GLY A 1 34  ? -9.583  -4.055  -11.761 1.00 38.60 ? 33  GLY A CA  1 
ATOM   251  C  C   . GLY A 1 34  ? -8.731  -2.840  -12.064 1.00 36.95 ? 33  GLY A C   1 
ATOM   252  O  O   . GLY A 1 34  ? -7.934  -2.417  -11.223 1.00 40.51 ? 33  GLY A O   1 
ATOM   253  N  N   . ASP A 1 35  ? -8.871  -2.269  -13.264 1.00 36.04 ? 34  ASP A N   1 
ATOM   254  C  CA  . ASP A 1 35  ? -8.104  -1.071  -13.599 1.00 38.66 ? 34  ASP A CA  1 
ATOM   255  C  C   . ASP A 1 35  ? -8.530  0.112   -12.741 1.00 38.88 ? 34  ASP A C   1 
ATOM   256  O  O   . ASP A 1 35  ? -7.682  0.864   -12.247 1.00 39.82 ? 34  ASP A O   1 
ATOM   257  C  CB  . ASP A 1 35  ? -8.260  -0.734  -15.082 1.00 39.26 ? 34  ASP A CB  1 
ATOM   258  C  CG  . ASP A 1 35  ? -7.363  -1.580  -15.971 1.00 46.80 ? 34  ASP A CG  1 
ATOM   259  O  OD1 . ASP A 1 35  ? -6.269  -1.974  -15.511 1.00 45.32 ? 34  ASP A OD1 1 
ATOM   260  O  OD2 . ASP A 1 35  ? -7.754  -1.848  -17.129 1.00 46.82 ? 34  ASP A OD2 1 
ATOM   261  N  N   . THR A 1 36  ? -9.841  0.295   -12.556 1.00 37.55 ? 35  THR A N   1 
ATOM   262  C  CA  . THR A 1 36  ? -10.325 1.351   -11.673 1.00 36.79 ? 35  THR A CA  1 
ATOM   263  C  C   . THR A 1 36  ? -9.898  1.099   -10.233 1.00 31.90 ? 35  THR A C   1 
ATOM   264  O  O   . THR A 1 36  ? -9.527  2.033   -9.517  1.00 33.44 ? 35  THR A O   1 
ATOM   265  C  CB  . THR A 1 36  ? -11.848 1.460   -11.768 1.00 38.42 ? 35  THR A CB  1 
ATOM   266  O  OG1 . THR A 1 36  ? -12.228 1.704   -13.124 1.00 36.99 ? 35  THR A OG1 1 
ATOM   267  C  CG2 . THR A 1 36  ? -12.361 2.598   -10.897 1.00 40.43 ? 35  THR A CG2 1 
ATOM   268  N  N   . ALA A 1 37  ? -9.941  -0.161  -9.796  1.00 36.93 ? 36  ALA A N   1 
ATOM   269  C  CA  . ALA A 1 37  ? -9.512  -0.500  -8.442  1.00 35.78 ? 36  ALA A CA  1 
ATOM   270  C  C   . ALA A 1 37  ? -8.070  -0.070  -8.200  1.00 35.27 ? 36  ALA A C   1 
ATOM   271  O  O   . ALA A 1 37  ? -7.766  0.592   -7.201  1.00 36.86 ? 36  ALA A O   1 
ATOM   272  C  CB  . ALA A 1 37  ? -9.672  -2.002  -8.203  1.00 32.38 ? 36  ALA A CB  1 
ATOM   273  N  N   . LEU A 1 38  ? -7.168  -0.433  -9.115  1.00 34.59 ? 37  LEU A N   1 
ATOM   274  C  CA  . LEU A 1 38  ? -5.767  -0.047  -8.974  1.00 34.16 ? 37  LEU A CA  1 
ATOM   275  C  C   . LEU A 1 38  ? -5.604  1.468   -8.979  1.00 35.01 ? 37  LEU A C   1 
ATOM   276  O  O   . LEU A 1 38  ? -4.797  2.011   -8.216  1.00 37.38 ? 37  LEU A O   1 
ATOM   277  C  CB  . LEU A 1 38  ? -4.933  -0.682  -10.086 1.00 36.25 ? 37  LEU A CB  1 
ATOM   278  C  CG  . LEU A 1 38  ? -4.704  -2.192  -9.966  1.00 40.05 ? 37  LEU A CG  1 
ATOM   279  C  CD1 . LEU A 1 38  ? -3.923  -2.719  -11.163 1.00 43.08 ? 37  LEU A CD1 1 
ATOM   280  C  CD2 . LEU A 1 38  ? -3.996  -2.538  -8.656  1.00 34.44 ? 37  LEU A CD2 1 
ATOM   281  N  N   . GLU A 1 39  ? -6.362  2.170   -9.829  1.00 35.62 ? 38  GLU A N   1 
ATOM   282  C  CA  . GLU A 1 39  ? -6.280  3.629   -9.852  1.00 37.12 ? 38  GLU A CA  1 
ATOM   283  C  C   . GLU A 1 39  ? -6.694  4.224   -8.513  1.00 31.55 ? 38  GLU A C   1 
ATOM   284  O  O   . GLU A 1 39  ? -6.080  5.183   -8.036  1.00 34.95 ? 38  GLU A O   1 
ATOM   285  C  CB  . GLU A 1 39  ? -7.146  4.202   -10.975 1.00 37.41 ? 38  GLU A CB  1 
ATOM   286  C  CG  . GLU A 1 39  ? -6.644  3.900   -12.376 1.00 41.49 ? 38  GLU A CG  1 
ATOM   287  C  CD  . GLU A 1 39  ? -5.528  4.824   -12.816 1.00 45.70 ? 38  GLU A CD  1 
ATOM   288  O  OE1 . GLU A 1 39  ? -5.034  4.655   -13.951 1.00 42.97 ? 38  GLU A OE1 1 
ATOM   289  O  OE2 . GLU A 1 39  ? -5.143  5.718   -12.032 1.00 51.95 ? 38  GLU A OE2 1 
ATOM   290  N  N   . LEU A 1 40  ? -7.741  3.674   -7.895  1.00 34.27 ? 39  LEU A N   1 
ATOM   291  C  CA  . LEU A 1 40  ? -8.159  4.164   -6.586  1.00 33.41 ? 39  LEU A CA  1 
ATOM   292  C  C   . LEU A 1 40  ? -7.109  3.860   -5.522  1.00 37.38 ? 39  LEU A C   1 
ATOM   293  O  O   . LEU A 1 40  ? -6.855  4.689   -4.637  1.00 38.12 ? 39  LEU A O   1 
ATOM   294  C  CB  . LEU A 1 40  ? -9.509  3.555   -6.210  1.00 35.10 ? 39  LEU A CB  1 
ATOM   295  C  CG  . LEU A 1 40  ? -10.726 4.088   -6.974  1.00 40.99 ? 39  LEU A CG  1 
ATOM   296  C  CD1 . LEU A 1 40  ? -11.947 3.237   -6.689  1.00 32.22 ? 39  LEU A CD1 1 
ATOM   297  C  CD2 . LEU A 1 40  ? -11.000 5.544   -6.618  1.00 34.83 ? 39  LEU A CD2 1 
ATOM   298  N  N   . LEU A 1 41  ? -6.478  2.684   -5.597  1.00 32.70 ? 40  LEU A N   1 
ATOM   299  C  CA  . LEU A 1 41  ? -5.454  2.310   -4.625  1.00 38.33 ? 40  LEU A CA  1 
ATOM   300  C  C   . LEU A 1 41  ? -4.201  3.173   -4.728  1.00 35.51 ? 40  LEU A C   1 
ATOM   301  O  O   . LEU A 1 41  ? -3.456  3.277   -3.751  1.00 35.53 ? 40  LEU A O   1 
ATOM   302  C  CB  . LEU A 1 41  ? -5.080  0.834   -4.791  1.00 35.19 ? 40  LEU A CB  1 
ATOM   303  C  CG  . LEU A 1 41  ? -6.144  -0.171  -4.348  1.00 35.93 ? 40  LEU A CG  1 
ATOM   304  C  CD1 . LEU A 1 41  ? -5.943  -1.532  -5.010  1.00 31.03 ? 40  LEU A CD1 1 
ATOM   305  C  CD2 . LEU A 1 41  ? -6.148  -0.295  -2.833  1.00 31.09 ? 40  LEU A CD2 1 
ATOM   306  N  N   . SER A 1 42  ? -3.952  3.789   -5.884  1.00 36.44 ? 41  SER A N   1 
ATOM   307  C  CA  . SER A 1 42  ? -2.807  4.679   -6.031  1.00 40.52 ? 41  SER A CA  1 
ATOM   308  C  C   . SER A 1 42  ? -3.011  6.034   -5.361  1.00 42.82 ? 41  SER A C   1 
ATOM   309  O  O   . SER A 1 42  ? -2.025  6.731   -5.099  1.00 43.26 ? 41  SER A O   1 
ATOM   310  C  CB  . SER A 1 42  ? -2.500  4.905   -7.513  1.00 42.99 ? 41  SER A CB  1 
ATOM   311  O  OG  . SER A 1 42  ? -2.313  3.679   -8.193  1.00 49.95 ? 41  SER A OG  1 
ATOM   312  N  N   . VAL A 1 43  ? -4.252  6.422   -5.083  1.00 40.32 ? 42  VAL A N   1 
ATOM   313  C  CA  . VAL A 1 43  ? -4.566  7.765   -4.623  1.00 40.44 ? 42  VAL A CA  1 
ATOM   314  C  C   . VAL A 1 43  ? -5.091  7.773   -3.191  1.00 41.15 ? 42  VAL A C   1 
ATOM   315  O  O   . VAL A 1 43  ? -4.706  8.636   -2.399  1.00 42.97 ? 42  VAL A O   1 
ATOM   316  C  CB  . VAL A 1 43  ? -5.565  8.442   -5.589  1.00 44.32 ? 42  VAL A CB  1 
ATOM   317  C  CG1 . VAL A 1 43  ? -6.222  9.651   -4.944  1.00 49.63 ? 42  VAL A CG1 1 
ATOM   318  C  CG2 . VAL A 1 43  ? -4.864  8.843   -6.875  1.00 42.01 ? 42  VAL A CG2 1 
ATOM   319  N  N   . ASN A 1 44  ? -5.948  6.822   -2.826  1.00 41.33 ? 43  ASN A N   1 
ATOM   320  C  CA  . ASN A 1 44  ? -6.619  6.851   -1.534  1.00 40.43 ? 43  ASN A CA  1 
ATOM   321  C  C   . ASN A 1 44  ? -6.127  5.734   -0.623  1.00 40.50 ? 43  ASN A C   1 
ATOM   322  O  O   . ASN A 1 44  ? -5.606  4.712   -1.071  1.00 39.85 ? 43  ASN A O   1 
ATOM   323  C  CB  . ASN A 1 44  ? -8.140  6.741   -1.697  1.00 34.27 ? 43  ASN A CB  1 
ATOM   324  C  CG  . ASN A 1 44  ? -8.657  7.564   -2.853  1.00 38.78 ? 43  ASN A CG  1 
ATOM   325  O  OD1 . ASN A 1 44  ? -8.575  8.792   -2.841  1.00 42.67 ? 43  ASN A OD1 1 
ATOM   326  N  ND2 . ASN A 1 44  ? -9.176  6.890   -3.873  1.00 40.31 ? 43  ASN A ND2 1 
ATOM   327  N  N   . ALA A 1 45  ? -6.303  5.954   0.678   1.00 41.71 ? 44  ALA A N   1 
ATOM   328  C  CA  . ALA A 1 45  ? -6.006  4.957   1.694   1.00 39.79 ? 44  ALA A CA  1 
ATOM   329  C  C   . ALA A 1 45  ? -7.297  4.285   2.140   1.00 39.37 ? 44  ALA A C   1 
ATOM   330  O  O   . ALA A 1 45  ? -8.329  4.942   2.310   1.00 44.30 ? 44  ALA A O   1 
ATOM   331  C  CB  . ALA A 1 45  ? -5.303  5.589   2.898   1.00 45.00 ? 44  ALA A CB  1 
ATOM   332  N  N   . TYR A 1 46  ? -7.233  2.974   2.319   1.00 33.80 ? 45  TYR A N   1 
ATOM   333  C  CA  . TYR A 1 46  ? -8.378  2.194   2.750   1.00 37.29 ? 45  TYR A CA  1 
ATOM   334  C  C   . TYR A 1 46  ? -7.970  1.314   3.921   1.00 37.09 ? 45  TYR A C   1 
ATOM   335  O  O   . TYR A 1 46  ? -6.796  0.982   4.097   1.00 40.15 ? 45  TYR A O   1 
ATOM   336  C  CB  . TYR A 1 46  ? -8.936  1.332   1.608   1.00 34.70 ? 45  TYR A CB  1 
ATOM   337  C  CG  . TYR A 1 46  ? -9.355  2.138   0.404   1.00 38.16 ? 45  TYR A CG  1 
ATOM   338  C  CD1 . TYR A 1 46  ? -8.500  2.294   -0.683  1.00 31.69 ? 45  TYR A CD1 1 
ATOM   339  C  CD2 . TYR A 1 46  ? -10.599 2.754   0.355   1.00 34.43 ? 45  TYR A CD2 1 
ATOM   340  C  CE1 . TYR A 1 46  ? -8.877  3.036   -1.785  1.00 35.54 ? 45  TYR A CE1 1 
ATOM   341  C  CE2 . TYR A 1 46  ? -10.983 3.499   -0.742  1.00 32.61 ? 45  TYR A CE2 1 
ATOM   342  C  CZ  . TYR A 1 46  ? -10.120 3.634   -1.810  1.00 35.75 ? 45  TYR A CZ  1 
ATOM   343  O  OH  . TYR A 1 46  ? -10.500 4.374   -2.906  1.00 38.41 ? 45  TYR A OH  1 
ATOM   344  N  N   . ASP A 1 47  ? -8.961  0.949   4.728   1.00 37.04 ? 46  ASP A N   1 
ATOM   345  C  CA  . ASP A 1 47  ? -8.734  0.045   5.846   1.00 33.78 ? 46  ASP A CA  1 
ATOM   346  C  C   . ASP A 1 47  ? -8.873  -1.415  5.451   1.00 33.71 ? 46  ASP A C   1 
ATOM   347  O  O   . ASP A 1 47  ? -8.186  -2.265  6.025   1.00 35.91 ? 46  ASP A O   1 
ATOM   348  C  CB  . ASP A 1 47  ? -9.706  0.365   6.984   1.00 38.92 ? 46  ASP A CB  1 
ATOM   349  C  CG  . ASP A 1 47  ? -9.563  1.785   7.480   1.00 43.54 ? 46  ASP A CG  1 
ATOM   350  O  OD1 . ASP A 1 47  ? -8.419  2.285   7.512   1.00 49.81 ? 46  ASP A OD1 1 
ATOM   351  O  OD2 . ASP A 1 47  ? -10.590 2.405   7.831   1.00 49.22 ? 46  ASP A OD2 1 
ATOM   352  N  N   . ILE A 1 48  ? -9.751  -1.723  4.491   1.00 34.49 ? 47  ILE A N   1 
ATOM   353  C  CA  . ILE A 1 48  ? -9.973  -3.085  4.012   1.00 32.12 ? 47  ILE A CA  1 
ATOM   354  C  C   . ILE A 1 48  ? -10.317 -3.014  2.529   1.00 31.36 ? 47  ILE A C   1 
ATOM   355  O  O   . ILE A 1 48  ? -10.897 -2.033  2.058   1.00 34.77 ? 47  ILE A O   1 
ATOM   356  C  CB  . ILE A 1 48  ? -11.097 -3.804  4.803   1.00 34.37 ? 47  ILE A CB  1 
ATOM   357  C  CG1 . ILE A 1 48  ? -10.802 -3.824  6.305   1.00 33.54 ? 47  ILE A CG1 1 
ATOM   358  C  CG2 . ILE A 1 48  ? -11.288 -5.231  4.315   1.00 32.49 ? 47  ILE A CG2 1 
ATOM   359  C  CD1 . ILE A 1 48  ? -11.769 -4.638  7.101   1.00 43.18 ? 47  ILE A CD1 1 
ATOM   360  N  N   . ALA A 1 49  ? -9.941  -4.055  1.788   1.00 32.05 ? 48  ALA A N   1 
ATOM   361  C  CA  . ALA A 1 49  ? -10.342 -4.223  0.396   1.00 36.20 ? 48  ALA A CA  1 
ATOM   362  C  C   . ALA A 1 49  ? -11.334 -5.373  0.281   1.00 34.28 ? 48  ALA A C   1 
ATOM   363  O  O   . ALA A 1 49  ? -11.052 -6.491  0.727   1.00 32.64 ? 48  ALA A O   1 
ATOM   364  C  CB  . ALA A 1 49  ? -9.132  -4.487  -0.502  1.00 29.40 ? 48  ALA A CB  1 
ATOM   365  N  N   . VAL A 1 50  ? -12.490 -5.095  -0.315  1.00 34.56 ? 49  VAL A N   1 
ATOM   366  C  CA  . VAL A 1 50  ? -13.514 -6.097  -0.591  1.00 35.63 ? 49  VAL A CA  1 
ATOM   367  C  C   . VAL A 1 50  ? -13.493 -6.351  -2.094  1.00 36.87 ? 49  VAL A C   1 
ATOM   368  O  O   . VAL A 1 50  ? -13.861 -5.472  -2.882  1.00 37.95 ? 49  VAL A O   1 
ATOM   369  C  CB  . VAL A 1 50  ? -14.901 -5.641  -0.118  1.00 33.82 ? 49  VAL A CB  1 
ATOM   370  C  CG1 . VAL A 1 50  ? -15.910 -6.774  -0.242  1.00 29.81 ? 49  VAL A CG1 1 
ATOM   371  C  CG2 . VAL A 1 50  ? -14.832 -5.147  1.315   1.00 35.64 ? 49  VAL A CG2 1 
ATOM   372  N  N   . LEU A 1 51  ? -13.074 -7.550  -2.497  1.00 37.04 ? 50  LEU A N   1 
ATOM   373  C  CA  . LEU A 1 51  ? -12.766 -7.840  -3.893  1.00 37.73 ? 50  LEU A CA  1 
ATOM   374  C  C   . LEU A 1 51  ? -13.584 -9.020  -4.402  1.00 40.46 ? 50  LEU A C   1 
ATOM   375  O  O   . LEU A 1 51  ? -13.436 -10.144 -3.906  1.00 36.53 ? 50  LEU A O   1 
ATOM   376  C  CB  . LEU A 1 51  ? -11.276 -8.134  -4.069  1.00 34.70 ? 50  LEU A CB  1 
ATOM   377  C  CG  . LEU A 1 51  ? -10.280 -7.166  -3.438  1.00 38.31 ? 50  LEU A CG  1 
ATOM   378  C  CD1 . LEU A 1 51  ? -8.858  -7.651  -3.684  1.00 32.95 ? 50  LEU A CD1 1 
ATOM   379  C  CD2 . LEU A 1 51  ? -10.474 -5.770  -3.991  1.00 33.42 ? 50  LEU A CD2 1 
ATOM   380  N  N   . ASP A 1 52  ? -14.422 -8.768  -5.404  1.00 38.06 ? 51  ASP A N   1 
ATOM   381  C  CA  . ASP A 1 52  ? -14.982 -9.849  -6.203  1.00 37.53 ? 51  ASP A CA  1 
ATOM   382  C  C   . ASP A 1 52  ? -13.875 -10.501 -7.025  1.00 40.79 ? 51  ASP A C   1 
ATOM   383  O  O   . ASP A 1 52  ? -13.000 -9.818  -7.565  1.00 41.84 ? 51  ASP A O   1 
ATOM   384  C  CB  . ASP A 1 52  ? -16.080 -9.310  -7.122  1.00 43.14 ? 51  ASP A CB  1 
ATOM   385  C  CG  . ASP A 1 52  ? -16.833 -10.410 -7.847  1.00 51.77 ? 51  ASP A CG  1 
ATOM   386  O  OD1 . ASP A 1 52  ? -16.938 -11.528 -7.297  1.00 51.65 ? 51  ASP A OD1 1 
ATOM   387  O  OD2 . ASP A 1 52  ? -17.326 -10.153 -8.970  1.00 50.30 ? 51  ASP A OD2 1 
ATOM   388  N  N   . ARG A 1 53  ? -13.906 -11.830 -7.115  1.00 41.80 ? 52  ARG A N   1 
ATOM   389  C  CA  . ARG A 1 53  ? -12.809 -12.542 -7.765  1.00 46.60 ? 52  ARG A CA  1 
ATOM   390  C  C   . ARG A 1 53  ? -12.860 -12.388 -9.280  1.00 47.45 ? 52  ARG A C   1 
ATOM   391  O  O   . ARG A 1 53  ? -11.852 -12.051 -9.912  1.00 49.13 ? 52  ARG A O   1 
ATOM   392  C  CB  . ARG A 1 53  ? -12.829 -14.015 -7.366  1.00 48.28 ? 52  ARG A CB  1 
ATOM   393  C  CG  . ARG A 1 53  ? -12.756 -14.221 -5.864  1.00 56.03 ? 52  ARG A CG  1 
ATOM   394  C  CD  . ARG A 1 53  ? -11.958 -15.461 -5.502  1.00 60.00 ? 52  ARG A CD  1 
ATOM   395  N  NE  . ARG A 1 53  ? -11.824 -16.377 -6.629  1.00 60.63 ? 52  ARG A NE  1 
ATOM   396  C  CZ  . ARG A 1 53  ? -11.122 -17.504 -6.590  1.00 72.31 ? 52  ARG A CZ  1 
ATOM   397  N  NH1 . ARG A 1 53  ? -11.054 -18.284 -7.661  1.00 75.70 ? 52  ARG A NH1 1 
ATOM   398  N  NH2 . ARG A 1 53  ? -10.488 -17.852 -5.477  1.00 69.79 ? 52  ARG A NH2 1 
ATOM   399  N  N   . ASP A 1 54  ? -14.023 -12.621 -9.883  1.00 46.51 ? 53  ASP A N   1 
ATOM   400  C  CA  . ASP A 1 54  ? -14.186 -12.528 -11.334 1.00 48.07 ? 53  ASP A CA  1 
ATOM   401  C  C   . ASP A 1 54  ? -14.722 -11.141 -11.681 1.00 47.91 ? 53  ASP A C   1 
ATOM   402  O  O   . ASP A 1 54  ? -15.914 -10.862 -11.525 1.00 53.19 ? 53  ASP A O   1 
ATOM   403  C  CB  . ASP A 1 54  ? -15.106 -13.626 -11.857 1.00 49.75 ? 53  ASP A CB  1 
ATOM   404  C  CG  . ASP A 1 54  ? -15.103 -13.714 -13.378 1.00 63.95 ? 53  ASP A CG  1 
ATOM   405  O  OD1 . ASP A 1 54  ? -15.834 -14.566 -13.928 1.00 68.23 ? 53  ASP A OD1 1 
ATOM   406  O  OD2 . ASP A 1 54  ? -14.373 -12.931 -14.030 1.00 61.04 ? 53  ASP A OD2 1 
ATOM   407  N  N   . ILE A 1 55  ? -13.835 -10.275 -12.158 1.00 47.43 ? 54  ILE A N   1 
ATOM   408  C  CA  . ILE A 1 55  ? -14.190 -8.922  -12.583 1.00 41.34 ? 54  ILE A CA  1 
ATOM   409  C  C   . ILE A 1 55  ? -13.462 -8.614  -13.881 1.00 43.25 ? 54  ILE A C   1 
ATOM   410  O  O   . ILE A 1 55  ? -12.427 -9.217  -14.191 1.00 46.55 ? 54  ILE A O   1 
ATOM   411  C  CB  . ILE A 1 55  ? -13.823 -7.873  -11.517 1.00 44.48 ? 54  ILE A CB  1 
ATOM   412  C  CG1 . ILE A 1 55  ? -12.353 -8.024  -11.128 1.00 42.13 ? 54  ILE A CG1 1 
ATOM   413  C  CG2 . ILE A 1 55  ? -14.718 -8.013  -10.293 1.00 44.26 ? 54  ILE A CG2 1 
ATOM   414  C  CD1 . ILE A 1 55  ? -11.768 -6.807  -10.475 1.00 39.50 ? 54  ILE A CD1 1 
ATOM   415  N  N   . PRO A 1 56  ? -13.995 -7.682  -14.672 1.00 45.06 ? 55  PRO A N   1 
ATOM   416  C  CA  . PRO A 1 56  ? -13.258 -7.223  -15.855 1.00 42.01 ? 55  PRO A CA  1 
ATOM   417  C  C   . PRO A 1 56  ? -11.921 -6.606  -15.471 1.00 42.58 ? 55  PRO A C   1 
ATOM   418  O  O   . PRO A 1 56  ? -11.723 -6.115  -14.357 1.00 41.12 ? 55  PRO A O   1 
ATOM   419  C  CB  . PRO A 1 56  ? -14.195 -6.184  -16.491 1.00 38.64 ? 55  PRO A CB  1 
ATOM   420  C  CG  . PRO A 1 56  ? -15.297 -5.959  -15.496 1.00 40.74 ? 55  PRO A CG  1 
ATOM   421  C  CD  . PRO A 1 56  ? -15.386 -7.196  -14.669 1.00 37.39 ? 55  PRO A CD  1 
ATOM   422  N  N   . GLY A 1 57  ? -10.990 -6.648  -16.418 1.00 44.49 ? 56  GLY A N   1 
ATOM   423  C  CA  . GLY A 1 57  ? -9.655  -6.147  -16.195 1.00 43.45 ? 56  GLY A CA  1 
ATOM   424  C  C   . GLY A 1 57  ? -8.858  -7.085  -15.318 1.00 43.05 ? 56  GLY A C   1 
ATOM   425  O  O   . GLY A 1 57  ? -9.123  -8.291  -15.263 1.00 50.45 ? 56  GLY A O   1 
ATOM   426  N  N   . PRO A 1 58  ? -7.849  -6.555  -14.630 1.00 43.32 ? 57  PRO A N   1 
ATOM   427  C  CA  . PRO A 1 58  ? -7.126  -7.364  -13.641 1.00 39.20 ? 57  PRO A CA  1 
ATOM   428  C  C   . PRO A 1 58  ? -8.090  -7.977  -12.638 1.00 39.18 ? 57  PRO A C   1 
ATOM   429  O  O   . PRO A 1 58  ? -8.906  -7.282  -12.027 1.00 43.15 ? 57  PRO A O   1 
ATOM   430  C  CB  . PRO A 1 58  ? -6.182  -6.353  -12.984 1.00 40.96 ? 57  PRO A CB  1 
ATOM   431  C  CG  . PRO A 1 58  ? -5.971  -5.305  -14.034 1.00 36.78 ? 57  PRO A CG  1 
ATOM   432  C  CD  . PRO A 1 58  ? -7.266  -5.210  -14.790 1.00 37.38 ? 57  PRO A CD  1 
ATOM   433  N  N   . SER A 1 59  ? -8.005  -9.294  -12.481 1.00 41.02 ? 58  SER A N   1 
ATOM   434  C  CA  . SER A 1 59  ? -8.954  -10.028 -11.661 1.00 42.05 ? 58  SER A CA  1 
ATOM   435  C  C   . SER A 1 59  ? -8.803  -9.659  -10.185 1.00 43.58 ? 58  SER A C   1 
ATOM   436  O  O   . SER A 1 59  ? -7.854  -8.986  -9.771  1.00 43.59 ? 58  SER A O   1 
ATOM   437  C  CB  . SER A 1 59  ? -8.758  -11.531 -11.847 1.00 45.12 ? 58  SER A CB  1 
ATOM   438  O  OG  . SER A 1 59  ? -7.510  -11.936 -11.314 1.00 47.21 ? 58  SER A OG  1 
ATOM   439  N  N   . GLY A 1 60  ? -9.766  -10.117 -9.384  1.00 43.76 ? 59  GLY A N   1 
ATOM   440  C  CA  . GLY A 1 60  ? -9.707  -9.873  -7.953  1.00 44.04 ? 59  GLY A CA  1 
ATOM   441  C  C   . GLY A 1 60  ? -8.516  -10.536 -7.289  1.00 43.00 ? 59  GLY A C   1 
ATOM   442  O  O   . GLY A 1 60  ? -7.985  -10.023 -6.300  1.00 43.01 ? 59  GLY A O   1 
ATOM   443  N  N   . ASP A 1 61  ? -8.082  -11.681 -7.819  1.00 43.70 ? 60  ASP A N   1 
ATOM   444  C  CA  . ASP A 1 61  ? -6.881  -12.322 -7.298  1.00 41.84 ? 60  ASP A CA  1 
ATOM   445  C  C   . ASP A 1 61  ? -5.632  -11.522 -7.638  1.00 39.39 ? 60  ASP A C   1 
ATOM   446  O  O   . ASP A 1 61  ? -4.690  -11.475 -6.839  1.00 42.24 ? 60  ASP A O   1 
ATOM   447  C  CB  . ASP A 1 61  ? -6.767  -13.745 -7.845  1.00 44.41 ? 60  ASP A CB  1 
ATOM   448  C  CG  . ASP A 1 61  ? -7.951  -14.612 -7.466  1.00 55.74 ? 60  ASP A CG  1 
ATOM   449  O  OD1 . ASP A 1 61  ? -8.183  -14.806 -6.252  1.00 58.73 ? 60  ASP A OD1 1 
ATOM   450  O  OD2 . ASP A 1 61  ? -8.653  -15.097 -8.379  1.00 57.43 ? 60  ASP A OD2 1 
ATOM   451  N  N   . GLU A 1 62  ? -5.607  -10.881 -8.809  1.00 40.54 ? 61  GLU A N   1 
ATOM   452  C  CA  . GLU A 1 62  ? -4.450  -10.073 -9.177  1.00 42.96 ? 61  GLU A CA  1 
ATOM   453  C  C   . GLU A 1 62  ? -4.380  -8.802  -8.340  1.00 42.96 ? 61  GLU A C   1 
ATOM   454  O  O   . GLU A 1 62  ? -3.287  -8.367  -7.958  1.00 42.36 ? 61  GLU A O   1 
ATOM   455  C  CB  . GLU A 1 62  ? -4.490  -9.746  -10.669 1.00 41.16 ? 61  GLU A CB  1 
ATOM   456  C  CG  . GLU A 1 62  ? -3.298  -8.941  -11.167 1.00 52.67 ? 61  GLU A CG  1 
ATOM   457  C  CD  . GLU A 1 62  ? -1.960  -9.559  -10.783 1.00 64.21 ? 61  GLU A CD  1 
ATOM   458  O  OE1 . GLU A 1 62  ? -1.833  -10.801 -10.859 1.00 70.05 ? 61  GLU A OE1 1 
ATOM   459  O  OE2 . GLU A 1 62  ? -1.034  -8.805  -10.405 1.00 61.36 ? 61  GLU A OE2 1 
ATOM   460  N  N   . ILE A 1 63  ? -5.533  -8.199  -8.036  1.00 38.62 ? 62  ILE A N   1 
ATOM   461  C  CA  . ILE A 1 63  ? -5.549  -7.048  -7.136  1.00 35.84 ? 62  ILE A CA  1 
ATOM   462  C  C   . ILE A 1 63  ? -5.047  -7.454  -5.757  1.00 35.97 ? 62  ILE A C   1 
ATOM   463  O  O   . ILE A 1 63  ? -4.234  -6.755  -5.139  1.00 36.92 ? 62  ILE A O   1 
ATOM   464  C  CB  . ILE A 1 63  ? -6.959  -6.433  -7.058  1.00 37.34 ? 62  ILE A CB  1 
ATOM   465  C  CG1 . ILE A 1 63  ? -7.516  -6.159  -8.457  1.00 41.70 ? 62  ILE A CG1 1 
ATOM   466  C  CG2 . ILE A 1 63  ? -6.933  -5.152  -6.233  1.00 29.75 ? 62  ILE A CG2 1 
ATOM   467  C  CD1 . ILE A 1 63  ? -6.698  -5.178  -9.259  1.00 40.59 ? 62  ILE A CD1 1 
ATOM   468  N  N   . ALA A 1 64  ? -5.535  -8.591  -5.252  1.00 33.85 ? 63  ALA A N   1 
ATOM   469  C  CA  . ALA A 1 64  ? -5.102  -9.080  -3.948  1.00 36.83 ? 63  ALA A CA  1 
ATOM   470  C  C   . ALA A 1 64  ? -3.592  -9.265  -3.899  1.00 34.67 ? 63  ALA A C   1 
ATOM   471  O  O   . ALA A 1 64  ? -2.948  -8.901  -2.908  1.00 37.30 ? 63  ALA A O   1 
ATOM   472  C  CB  . ALA A 1 64  ? -5.812  -10.394 -3.620  1.00 37.11 ? 63  ALA A CB  1 
ATOM   473  N  N   . GLU A 1 65  ? -3.008  -9.807  -4.969  1.00 38.17 ? 64  GLU A N   1 
ATOM   474  C  CA  . GLU A 1 65  ? -1.562  -10.010 -5.007  1.00 38.05 ? 64  GLU A CA  1 
ATOM   475  C  C   . GLU A 1 65  ? -0.813  -8.684  -4.973  1.00 33.63 ? 64  GLU A C   1 
ATOM   476  O  O   . GLU A 1 65  ? 0.241   -8.575  -4.336  1.00 33.84 ? 64  GLU A O   1 
ATOM   477  C  CB  . GLU A 1 65  ? -1.176  -10.811 -6.253  1.00 42.75 ? 64  GLU A CB  1 
ATOM   478  C  CG  . GLU A 1 65  ? -1.349  -12.322 -6.109  1.00 53.89 ? 64  GLU A CG  1 
ATOM   479  C  CD  . GLU A 1 65  ? -0.854  -13.090 -7.327  1.00 66.71 ? 64  GLU A CD  1 
ATOM   480  O  OE1 . GLU A 1 65  ? 0.041   -12.577 -8.031  1.00 74.11 ? 64  GLU A OE1 1 
ATOM   481  O  OE2 . GLU A 1 65  ? -1.359  -14.207 -7.581  1.00 62.75 ? 64  GLU A OE2 1 
ATOM   482  N  N   . ARG A 1 66  ? -1.335  -7.661  -5.656  1.00 35.13 ? 65  ARG A N   1 
ATOM   483  C  CA  . ARG A 1 66  ? -0.662  -6.365  -5.656  1.00 39.11 ? 65  ARG A CA  1 
ATOM   484  C  C   . ARG A 1 66  ? -0.793  -5.662  -4.311  1.00 35.53 ? 65  ARG A C   1 
ATOM   485  O  O   . ARG A 1 66  ? 0.142   -4.978  -3.878  1.00 37.26 ? 65  ARG A O   1 
ATOM   486  C  CB  . ARG A 1 66  ? -1.204  -5.487  -6.784  1.00 42.29 ? 65  ARG A CB  1 
ATOM   487  C  CG  . ARG A 1 66  ? -0.952  -6.064  -8.170  1.00 44.99 ? 65  ARG A CG  1 
ATOM   488  C  CD  . ARG A 1 66  ? -0.639  -4.984  -9.189  1.00 53.84 ? 65  ARG A CD  1 
ATOM   489  N  NE  . ARG A 1 66  ? -0.797  -5.484  -10.551 1.00 61.96 ? 65  ARG A NE  1 
ATOM   490  C  CZ  . ARG A 1 66  ? -0.479  -4.800  -11.646 1.00 55.77 ? 65  ARG A CZ  1 
ATOM   491  N  NH1 . ARG A 1 66  ? 0.018   -3.574  -11.546 1.00 52.48 ? 65  ARG A NH1 1 
ATOM   492  N  NH2 . ARG A 1 66  ? -0.658  -5.344  -12.842 1.00 54.35 ? 65  ARG A NH2 1 
ATOM   493  N  N   . ILE A 1 67  ? -1.931  -5.825  -3.631  1.00 37.81 ? 66  ILE A N   1 
ATOM   494  C  CA  . ILE A 1 67  ? -2.066  -5.292  -2.279  1.00 35.44 ? 66  ILE A CA  1 
ATOM   495  C  C   . ILE A 1 67  ? -1.092  -5.987  -1.336  1.00 34.04 ? 66  ILE A C   1 
ATOM   496  O  O   . ILE A 1 67  ? -0.425  -5.340  -0.518  1.00 31.26 ? 66  ILE A O   1 
ATOM   497  C  CB  . ILE A 1 67  ? -3.520  -5.433  -1.796  1.00 33.82 ? 66  ILE A CB  1 
ATOM   498  C  CG1 . ILE A 1 67  ? -4.424  -4.453  -2.538  1.00 37.62 ? 66  ILE A CG1 1 
ATOM   499  C  CG2 . ILE A 1 67  ? -3.607  -5.221  -0.293  1.00 33.06 ? 66  ILE A CG2 1 
ATOM   500  C  CD1 . ILE A 1 67  ? -5.893  -4.842  -2.510  1.00 33.37 ? 66  ILE A CD1 1 
ATOM   501  N  N   . VAL A 1 68  ? -0.993  -7.314  -1.443  1.00 33.05 ? 67  VAL A N   1 
ATOM   502  C  CA  . VAL A 1 68  ? -0.082  -8.079  -0.596  1.00 29.91 ? 67  VAL A CA  1 
ATOM   503  C  C   . VAL A 1 68  ? 1.359   -7.655  -0.843  1.00 32.94 ? 67  VAL A C   1 
ATOM   504  O  O   . VAL A 1 68  ? 2.139   -7.468  0.098   1.00 35.84 ? 67  VAL A O   1 
ATOM   505  C  CB  . VAL A 1 68  ? -0.279  -9.586  -0.835  1.00 32.41 ? 67  VAL A CB  1 
ATOM   506  C  CG1 . VAL A 1 68  ? 0.920   -10.379 -0.314  1.00 26.29 ? 67  VAL A CG1 1 
ATOM   507  C  CG2 . VAL A 1 68  ? -1.566  -10.058 -0.184  1.00 38.31 ? 67  VAL A CG2 1 
ATOM   508  N  N   . ALA A 1 69  ? 1.734   -7.487  -2.113  1.00 29.49 ? 68  ALA A N   1 
ATOM   509  C  CA  . ALA A 1 69  ? 3.074   -7.022  -2.443  1.00 31.03 ? 68  ALA A CA  1 
ATOM   510  C  C   . ALA A 1 69  ? 3.338   -5.594  -1.982  1.00 30.25 ? 68  ALA A C   1 
ATOM   511  O  O   . ALA A 1 69  ? 4.503   -5.207  -1.861  1.00 37.18 ? 68  ALA A O   1 
ATOM   512  C  CB  . ALA A 1 69  ? 3.312   -7.119  -3.950  1.00 27.72 ? 68  ALA A CB  1 
ATOM   513  N  N   . SER A 1 70  ? 2.296   -4.796  -1.739  1.00 33.54 ? 69  SER A N   1 
ATOM   514  C  CA  . SER A 1 70  ? 2.536   -3.422  -1.313  1.00 31.90 ? 69  SER A CA  1 
ATOM   515  C  C   . SER A 1 70  ? 3.124   -3.340  0.091   1.00 30.42 ? 69  SER A C   1 
ATOM   516  O  O   . SER A 1 70  ? 3.707   -2.309  0.444   1.00 30.44 ? 69  SER A O   1 
ATOM   517  C  CB  . SER A 1 70  ? 1.257   -2.597  -1.398  1.00 30.30 ? 69  SER A CB  1 
ATOM   518  O  OG  . SER A 1 70  ? 0.349   -2.928  -0.367  1.00 31.48 ? 69  SER A OG  1 
ATOM   519  N  N   . GLY A 1 71  ? 3.008   -4.395  0.893   1.00 34.99 ? 70  GLY A N   1 
ATOM   520  C  CA  . GLY A 1 71  ? 3.573   -4.364  2.228   1.00 31.80 ? 70  GLY A CA  1 
ATOM   521  C  C   . GLY A 1 71  ? 2.817   -3.504  3.209   1.00 33.83 ? 70  GLY A C   1 
ATOM   522  O  O   . GLY A 1 71  ? 3.367   -3.137  4.248   1.00 36.45 ? 70  GLY A O   1 
ATOM   523  N  N   . SER A 1 72  ? 1.560   -3.173  2.910   1.00 31.68 ? 71  SER A N   1 
ATOM   524  C  CA  . SER A 1 72  ? 0.757   -2.354  3.806   1.00 35.40 ? 71  SER A CA  1 
ATOM   525  C  C   . SER A 1 72  ? 0.068   -3.168  4.892   1.00 40.04 ? 71  SER A C   1 
ATOM   526  O  O   . SER A 1 72  ? -0.312  -2.604  5.924   1.00 37.77 ? 71  SER A O   1 
ATOM   527  C  CB  . SER A 1 72  ? -0.293  -1.584  3.007   1.00 29.47 ? 71  SER A CB  1 
ATOM   528  O  OG  . SER A 1 72  ? -1.270  -2.471  2.487   1.00 34.90 ? 71  SER A OG  1 
ATOM   529  N  N   . GLY A 1 73  ? -0.100  -4.471  4.686   1.00 32.09 ? 72  GLY A N   1 
ATOM   530  C  CA  . GLY A 1 73  ? -0.843  -5.274  5.630   1.00 34.04 ? 72  GLY A CA  1 
ATOM   531  C  C   . GLY A 1 73  ? -2.335  -5.042  5.618   1.00 35.51 ? 72  GLY A C   1 
ATOM   532  O  O   . GLY A 1 73  ? -3.022  -5.482  6.544   1.00 34.24 ? 72  GLY A O   1 
ATOM   533  N  N   . MET A 1 74  ? -2.857  -4.364  4.602   1.00 37.21 ? 73  MET A N   1 
ATOM   534  C  CA  . MET A 1 74  ? -4.287  -4.086  4.549   1.00 32.56 ? 73  MET A CA  1 
ATOM   535  C  C   . MET A 1 74  ? -5.059  -5.389  4.384   1.00 36.12 ? 73  MET A C   1 
ATOM   536  O  O   . MET A 1 74  ? -4.770  -6.162  3.462   1.00 36.57 ? 73  MET A O   1 
ATOM   537  C  CB  . MET A 1 74  ? -4.607  -3.128  3.403   1.00 34.97 ? 73  MET A CB  1 
ATOM   538  C  CG  . MET A 1 74  ? -6.102  -2.895  3.183   1.00 35.43 ? 73  MET A CG  1 
ATOM   539  S  SD  . MET A 1 74  ? -6.449  -1.793  1.790   1.00 42.17 ? 73  MET A SD  1 
ATOM   540  C  CE  . MET A 1 74  ? -6.079  -2.826  0.403   1.00 35.89 ? 73  MET A CE  1 
ATOM   541  N  N   . PRO A 1 75  ? -6.026  -5.675  5.253   1.00 32.93 ? 74  PRO A N   1 
ATOM   542  C  CA  . PRO A 1 75  ? -6.777  -6.928  5.132   1.00 35.42 ? 74  PRO A CA  1 
ATOM   543  C  C   . PRO A 1 75  ? -7.588  -6.960  3.848   1.00 36.96 ? 74  PRO A C   1 
ATOM   544  O  O   . PRO A 1 75  ? -7.997  -5.925  3.315   1.00 32.51 ? 74  PRO A O   1 
ATOM   545  C  CB  . PRO A 1 75  ? -7.685  -6.919  6.368   1.00 33.41 ? 74  PRO A CB  1 
ATOM   546  C  CG  . PRO A 1 75  ? -7.062  -5.923  7.302   1.00 34.19 ? 74  PRO A CG  1 
ATOM   547  C  CD  . PRO A 1 75  ? -6.440  -4.891  6.426   1.00 35.31 ? 74  PRO A CD  1 
ATOM   548  N  N   . ILE A 1 76  ? -7.818  -8.175  3.354   1.00 34.66 ? 75  ILE A N   1 
ATOM   549  C  CA  . ILE A 1 76  ? -8.510  -8.402  2.092   1.00 38.75 ? 75  ILE A CA  1 
ATOM   550  C  C   . ILE A 1 76  ? -9.629  -9.404  2.325   1.00 39.89 ? 75  ILE A C   1 
ATOM   551  O  O   . ILE A 1 76  ? -9.401  -10.471 2.907   1.00 43.96 ? 75  ILE A O   1 
ATOM   552  C  CB  . ILE A 1 76  ? -7.553  -8.917  1.000   1.00 39.67 ? 75  ILE A CB  1 
ATOM   553  C  CG1 . ILE A 1 76  ? -6.460  -7.893  0.712   1.00 34.50 ? 75  ILE A CG1 1 
ATOM   554  C  CG2 . ILE A 1 76  ? -8.318  -9.259  -0.266  1.00 39.01 ? 75  ILE A CG2 1 
ATOM   555  C  CD1 . ILE A 1 76  ? -5.227  -8.505  0.073   1.00 36.97 ? 75  ILE A CD1 1 
ATOM   556  N  N   . LEU A 1 77  ? -10.831 -9.065  1.869   1.00 38.99 ? 76  LEU A N   1 
ATOM   557  C  CA  . LEU A 1 77  ? -11.987 -9.950  1.925   1.00 41.84 ? 76  LEU A CA  1 
ATOM   558  C  C   . LEU A 1 77  ? -12.439 -10.232 0.498   1.00 38.34 ? 76  LEU A C   1 
ATOM   559  O  O   . LEU A 1 77  ? -12.785 -9.303  -0.239  1.00 39.44 ? 76  LEU A O   1 
ATOM   560  C  CB  . LEU A 1 77  ? -13.117 -9.317  2.745   1.00 40.98 ? 76  LEU A CB  1 
ATOM   561  C  CG  . LEU A 1 77  ? -14.437 -10.081 2.887   1.00 46.06 ? 76  LEU A CG  1 
ATOM   562  C  CD1 . LEU A 1 77  ? -14.213 -11.424 3.555   1.00 44.84 ? 76  LEU A CD1 1 
ATOM   563  C  CD2 . LEU A 1 77  ? -15.445 -9.266  3.671   1.00 40.44 ? 76  LEU A CD2 1 
ATOM   564  N  N   . MET A 1 78  ? -12.428 -11.506 0.109   1.00 43.93 ? 77  MET A N   1 
ATOM   565  C  CA  . MET A 1 78  ? -12.836 -11.909 -1.230  1.00 40.95 ? 77  MET A CA  1 
ATOM   566  C  C   . MET A 1 78  ? -14.315 -12.268 -1.265  1.00 44.43 ? 77  MET A C   1 
ATOM   567  O  O   . MET A 1 78  ? -14.849 -12.859 -0.322  1.00 43.70 ? 77  MET A O   1 
ATOM   568  C  CB  . MET A 1 78  ? -12.014 -13.105 -1.716  1.00 44.61 ? 77  MET A CB  1 
ATOM   569  C  CG  . MET A 1 78  ? -10.509 -12.904 -1.682  1.00 51.82 ? 77  MET A CG  1 
ATOM   570  S  SD  . MET A 1 78  ? -9.899  -11.640 -2.819  1.00 59.40 ? 77  MET A SD  1 
ATOM   571  C  CE  . MET A 1 78  ? -9.795  -12.570 -4.347  1.00 48.12 ? 77  MET A CE  1 
ATOM   572  N  N   . LEU A 1 79  ? -14.969 -11.914 -2.366  1.00 44.42 ? 78  LEU A N   1 
ATOM   573  C  CA  . LEU A 1 79  ? -16.346 -12.305 -2.637  1.00 40.42 ? 78  LEU A CA  1 
ATOM   574  C  C   . LEU A 1 79  ? -16.346 -13.381 -3.714  1.00 48.49 ? 78  LEU A C   1 
ATOM   575  O  O   . LEU A 1 79  ? -15.695 -13.226 -4.753  1.00 50.20 ? 78  LEU A O   1 
ATOM   576  C  CB  . LEU A 1 79  ? -17.181 -11.105 -3.082  1.00 37.32 ? 78  LEU A CB  1 
ATOM   577  C  CG  . LEU A 1 79  ? -17.179 -9.900  -2.146  1.00 38.71 ? 78  LEU A CG  1 
ATOM   578  C  CD1 . LEU A 1 79  ? -18.083 -8.806  -2.693  1.00 38.99 ? 78  LEU A CD1 1 
ATOM   579  C  CD2 . LEU A 1 79  ? -17.606 -10.308 -0.744  1.00 39.71 ? 78  LEU A CD2 1 
ATOM   580  N  N   . THR A 1 80  ? -17.068 -14.471 -3.462  1.00 53.27 ? 79  THR A N   1 
ATOM   581  C  CA  . THR A 1 80  ? -17.073 -15.614 -4.362  1.00 56.54 ? 79  THR A CA  1 
ATOM   582  C  C   . THR A 1 80  ? -18.501 -15.996 -4.723  1.00 55.32 ? 79  THR A C   1 
ATOM   583  O  O   . THR A 1 80  ? -19.447 -15.715 -3.981  1.00 54.23 ? 79  THR A O   1 
ATOM   584  C  CB  . THR A 1 80  ? -16.358 -16.831 -3.743  1.00 53.61 ? 79  THR A CB  1 
ATOM   585  O  OG1 . THR A 1 80  ? -17.121 -17.325 -2.634  1.00 52.38 ? 79  THR A OG1 1 
ATOM   586  C  CG2 . THR A 1 80  ? -14.961 -16.454 -3.268  1.00 45.84 ? 79  THR A CG2 1 
ATOM   587  N  N   . ALA A 1 81  ? -18.644 -16.636 -5.884  1.00 56.10 ? 80  ALA A N   1 
ATOM   588  C  CA  . ALA A 1 81  ? -19.926 -17.217 -6.260  1.00 59.76 ? 80  ALA A CA  1 
ATOM   589  C  C   . ALA A 1 81  ? -20.125 -18.579 -5.604  1.00 65.68 ? 80  ALA A C   1 
ATOM   590  O  O   . ALA A 1 81  ? -21.227 -18.888 -5.136  1.00 67.25 ? 80  ALA A O   1 
ATOM   591  C  CB  . ALA A 1 81  ? -20.024 -17.332 -7.782  1.00 61.74 ? 80  ALA A CB  1 
ATOM   592  N  N   . ALA A 1 82  ? -19.067 -19.391 -5.558  1.00 64.32 ? 81  ALA A N   1 
ATOM   593  C  CA  . ALA A 1 82  ? -19.065 -20.706 -4.907  1.00 65.76 ? 81  ALA A CA  1 
ATOM   594  C  C   . ALA A 1 82  ? -20.290 -21.549 -5.255  1.00 72.07 ? 81  ALA A C   1 
ATOM   595  O  O   . ALA A 1 82  ? -20.624 -21.726 -6.427  1.00 73.14 ? 81  ALA A O   1 
ATOM   596  C  CB  . ALA A 1 82  ? -18.952 -20.545 -3.397  1.00 54.87 ? 81  ALA A CB  1 
ATOM   597  N  N   . GLY A 1 95  ? -2.482  -15.040 1.038   1.00 80.42 ? 94  GLY A N   1 
ATOM   598  C  CA  . GLY A 1 95  ? -3.416  -14.741 -0.033  1.00 77.00 ? 94  GLY A CA  1 
ATOM   599  C  C   . GLY A 1 95  ? -4.509  -13.774 0.381   1.00 76.44 ? 94  GLY A C   1 
ATOM   600  O  O   . GLY A 1 95  ? -4.402  -12.569 0.158   1.00 75.46 ? 94  GLY A O   1 
ATOM   601  N  N   . ALA A 1 96  ? -5.566  -14.304 0.989   1.00 79.01 ? 95  ALA A N   1 
ATOM   602  C  CA  . ALA A 1 96  ? -6.688  -13.501 1.448   1.00 67.83 ? 95  ALA A CA  1 
ATOM   603  C  C   . ALA A 1 96  ? -7.045  -13.886 2.875   1.00 66.03 ? 95  ALA A C   1 
ATOM   604  O  O   . ALA A 1 96  ? -6.942  -15.053 3.263   1.00 69.03 ? 95  ALA A O   1 
ATOM   605  C  CB  . ALA A 1 96  ? -7.908  -13.676 0.542   1.00 60.64 ? 95  ALA A CB  1 
ATOM   606  N  N   . ASP A 1 97  ? -7.475  -12.889 3.656   1.00 62.15 ? 96  ASP A N   1 
ATOM   607  C  CA  . ASP A 1 97  ? -7.797  -13.134 5.059   1.00 61.19 ? 96  ASP A CA  1 
ATOM   608  C  C   . ASP A 1 97  ? -9.111  -13.883 5.220   1.00 60.65 ? 96  ASP A C   1 
ATOM   609  O  O   . ASP A 1 97  ? -9.264  -14.665 6.167   1.00 67.83 ? 96  ASP A O   1 
ATOM   610  C  CB  . ASP A 1 97  ? -7.861  -11.816 5.834   1.00 52.60 ? 96  ASP A CB  1 
ATOM   611  C  CG  . ASP A 1 97  ? -6.608  -10.979 5.671   1.00 55.45 ? 96  ASP A CG  1 
ATOM   612  O  OD1 . ASP A 1 97  ? -5.809  -10.904 6.628   1.00 65.18 ? 96  ASP A OD1 1 
ATOM   613  O  OD2 . ASP A 1 97  ? -6.430  -10.383 4.589   1.00 53.98 ? 96  ASP A OD2 1 
ATOM   614  N  N   . ASP A 1 98  ? -10.066 -13.661 4.322   1.00 62.48 ? 97  ASP A N   1 
ATOM   615  C  CA  . ASP A 1 98  ? -11.389 -14.247 4.476   1.00 60.57 ? 97  ASP A CA  1 
ATOM   616  C  C   . ASP A 1 98  ? -12.109 -14.233 3.135   1.00 59.36 ? 97  ASP A C   1 
ATOM   617  O  O   . ASP A 1 98  ? -11.763 -13.470 2.228   1.00 54.51 ? 97  ASP A O   1 
ATOM   618  C  CB  . ASP A 1 98  ? -12.200 -13.505 5.545   1.00 57.79 ? 97  ASP A CB  1 
ATOM   619  C  CG  . ASP A 1 98  ? -13.102 -14.428 6.335   1.00 63.02 ? 97  ASP A CG  1 
ATOM   620  O  OD1 . ASP A 1 98  ? -12.979 -15.663 6.181   1.00 65.52 ? 97  ASP A OD1 1 
ATOM   621  O  OD2 . ASP A 1 98  ? -13.939 -13.916 7.108   1.00 61.12 ? 97  ASP A OD2 1 
ATOM   622  N  N   . TYR A 1 99  ? -13.119 -15.094 3.025   1.00 56.63 ? 98  TYR A N   1 
ATOM   623  C  CA  . TYR A 1 99  ? -13.883 -15.278 1.801   1.00 53.46 ? 98  TYR A CA  1 
ATOM   624  C  C   . TYR A 1 99  ? -15.367 -15.310 2.138   1.00 54.75 ? 98  TYR A C   1 
ATOM   625  O  O   . TYR A 1 99  ? -15.772 -15.910 3.138   1.00 57.02 ? 98  TYR A O   1 
ATOM   626  C  CB  . TYR A 1 99  ? -13.470 -16.572 1.065   1.00 56.34 ? 98  TYR A CB  1 
ATOM   627  C  CG  . TYR A 1 99  ? -11.967 -16.779 0.919   1.00 66.21 ? 98  TYR A CG  1 
ATOM   628  C  CD1 . TYR A 1 99  ? -11.179 -17.151 2.008   1.00 70.28 ? 98  TYR A CD1 1 
ATOM   629  C  CD2 . TYR A 1 99  ? -11.337 -16.620 -0.312  1.00 67.21 ? 98  TYR A CD2 1 
ATOM   630  C  CE1 . TYR A 1 99  ? -9.808  -17.335 1.879   1.00 67.50 ? 98  TYR A CE1 1 
ATOM   631  C  CE2 . TYR A 1 99  ? -9.966  -16.803 -0.451  1.00 62.65 ? 98  TYR A CE2 1 
ATOM   632  C  CZ  . TYR A 1 99  ? -9.208  -17.166 0.648   1.00 67.42 ? 98  TYR A CZ  1 
ATOM   633  O  OH  . TYR A 1 99  ? -7.848  -17.350 0.515   1.00 73.62 ? 98  TYR A OH  1 
ATOM   634  N  N   . LEU A 1 100 ? -16.176 -14.655 1.307   1.00 50.22 ? 99  LEU A N   1 
ATOM   635  C  CA  . LEU A 1 100 ? -17.605 -14.504 1.553   1.00 43.37 ? 99  LEU A CA  1 
ATOM   636  C  C   . LEU A 1 100 ? -18.373 -14.900 0.299   1.00 47.22 ? 99  LEU A C   1 
ATOM   637  O  O   . LEU A 1 100 ? -18.106 -14.373 -0.786  1.00 44.97 ? 99  LEU A O   1 
ATOM   638  C  CB  . LEU A 1 100 ? -17.936 -13.060 1.953   1.00 45.02 ? 99  LEU A CB  1 
ATOM   639  C  CG  . LEU A 1 100 ? -19.174 -12.785 2.811   1.00 47.56 ? 99  LEU A CG  1 
ATOM   640  C  CD1 . LEU A 1 100 ? -19.296 -13.792 3.944   1.00 51.12 ? 99  LEU A CD1 1 
ATOM   641  C  CD2 . LEU A 1 100 ? -19.137 -11.361 3.361   1.00 39.53 ? 99  LEU A CD2 1 
ATOM   642  N  N   . THR A 1 101 ? -19.328 -15.816 0.450   1.00 44.05 ? 100 THR A N   1 
ATOM   643  C  CA  . THR A 1 101 ? -20.094 -16.324 -0.682  1.00 47.62 ? 100 THR A CA  1 
ATOM   644  C  C   . THR A 1 101 ? -21.322 -15.455 -0.928  1.00 53.76 ? 100 THR A C   1 
ATOM   645  O  O   . THR A 1 101 ? -22.075 -15.149 0.003   1.00 53.11 ? 100 THR A O   1 
ATOM   646  C  CB  . THR A 1 101 ? -20.522 -17.773 -0.447  1.00 48.90 ? 100 THR A CB  1 
ATOM   647  O  OG1 . THR A 1 101 ? -19.363 -18.596 -0.273  1.00 55.51 ? 100 THR A OG1 1 
ATOM   648  C  CG2 . THR A 1 101 ? -21.315 -18.288 -1.634  1.00 51.54 ? 100 THR A CG2 1 
ATOM   649  N  N   . LYS A 1 102 ? -21.525 -15.067 -2.187  1.00 51.19 ? 101 LYS A N   1 
ATOM   650  C  CA  . LYS A 1 102 ? -22.686 -14.283 -2.591  1.00 50.52 ? 101 LYS A CA  1 
ATOM   651  C  C   . LYS A 1 102 ? -23.867 -15.201 -2.900  1.00 47.79 ? 101 LYS A C   1 
ATOM   652  O  O   . LYS A 1 102 ? -23.680 -16.275 -3.481  1.00 53.35 ? 101 LYS A O   1 
ATOM   653  C  CB  . LYS A 1 102 ? -22.365 -13.439 -3.822  1.00 49.62 ? 101 LYS A CB  1 
ATOM   654  C  CG  . LYS A 1 102 ? -21.450 -12.262 -3.542  1.00 47.32 ? 101 LYS A CG  1 
ATOM   655  C  CD  . LYS A 1 102 ? -21.121 -11.505 -4.815  1.00 42.36 ? 101 LYS A CD  1 
ATOM   656  C  CE  . LYS A 1 102 ? -20.096 -12.246 -5.648  1.00 45.76 ? 101 LYS A CE  1 
ATOM   657  N  NZ  . LYS A 1 102 ? -19.627 -11.411 -6.788  1.00 45.84 ? 101 LYS A NZ  1 
ATOM   658  N  N   . PRO A 1 103 ? -25.095 -14.819 -2.521  1.00 51.49 ? 102 PRO A N   1 
ATOM   659  C  CA  . PRO A 1 103 ? -25.394 -13.595 -1.769  1.00 53.10 ? 102 PRO A CA  1 
ATOM   660  C  C   . PRO A 1 103 ? -25.204 -13.776 -0.261  1.00 52.53 ? 102 PRO A C   1 
ATOM   661  O  O   . PRO A 1 103 ? -25.309 -14.895 0.246   1.00 48.86 ? 102 PRO A O   1 
ATOM   662  C  CB  . PRO A 1 103 ? -26.862 -13.328 -2.115  1.00 52.92 ? 102 PRO A CB  1 
ATOM   663  C  CG  . PRO A 1 103 ? -27.436 -14.683 -2.360  1.00 51.11 ? 102 PRO A CG  1 
ATOM   664  C  CD  . PRO A 1 103 ? -26.320 -15.553 -2.892  1.00 55.78 ? 102 PRO A CD  1 
ATOM   665  N  N   . PHE A 1 104 ? -24.920 -12.683 0.443   1.00 43.64 ? 103 PHE A N   1 
ATOM   666  C  CA  . PHE A 1 104 ? -24.646 -12.721 1.871   1.00 44.30 ? 103 PHE A CA  1 
ATOM   667  C  C   . PHE A 1 104 ? -25.498 -11.681 2.588   1.00 41.32 ? 103 PHE A C   1 
ATOM   668  O  O   . PHE A 1 104 ? -25.943 -10.694 1.994   1.00 38.82 ? 103 PHE A O   1 
ATOM   669  C  CB  . PHE A 1 104 ? -23.157 -12.468 2.163   1.00 42.96 ? 103 PHE A CB  1 
ATOM   670  C  CG  . PHE A 1 104 ? -22.596 -11.265 1.456   1.00 43.31 ? 103 PHE A CG  1 
ATOM   671  C  CD1 . PHE A 1 104 ? -22.764 -9.991  1.983   1.00 44.86 ? 103 PHE A CD1 1 
ATOM   672  C  CD2 . PHE A 1 104 ? -21.904 -11.403 0.265   1.00 42.58 ? 103 PHE A CD2 1 
ATOM   673  C  CE1 . PHE A 1 104 ? -22.253 -8.882  1.333   1.00 42.20 ? 103 PHE A CE1 1 
ATOM   674  C  CE2 . PHE A 1 104 ? -21.388 -10.300 -0.387  1.00 42.14 ? 103 PHE A CE2 1 
ATOM   675  C  CZ  . PHE A 1 104 ? -21.561 -9.036  0.150   1.00 43.10 ? 103 PHE A CZ  1 
ATOM   676  N  N   . GLU A 1 105 ? -25.722 -11.915 3.877   1.00 42.47 ? 104 GLU A N   1 
ATOM   677  C  CA  . GLU A 1 105 ? -26.403 -10.933 4.708   1.00 42.42 ? 104 GLU A CA  1 
ATOM   678  C  C   . GLU A 1 105 ? -25.494 -9.737  4.954   1.00 40.20 ? 104 GLU A C   1 
ATOM   679  O  O   . GLU A 1 105 ? -24.280 -9.883  5.113   1.00 42.65 ? 104 GLU A O   1 
ATOM   680  C  CB  . GLU A 1 105 ? -26.812 -11.551 6.046   1.00 42.33 ? 104 GLU A CB  1 
ATOM   681  C  CG  . GLU A 1 105 ? -27.760 -12.726 5.931   1.00 49.26 ? 104 GLU A CG  1 
ATOM   682  C  CD  . GLU A 1 105 ? -29.066 -12.350 5.266   1.00 56.87 ? 104 GLU A CD  1 
ATOM   683  O  OE1 . GLU A 1 105 ? -29.667 -11.326 5.661   1.00 57.72 ? 104 GLU A OE1 1 
ATOM   684  O  OE2 . GLU A 1 105 ? -29.489 -13.080 4.344   1.00 63.62 ? 104 GLU A OE2 1 
ATOM   685  N  N   . LEU A 1 106 ? -26.083 -8.542  4.990   1.00 35.51 ? 105 LEU A N   1 
ATOM   686  C  CA  . LEU A 1 106 ? -25.267 -7.358  5.232   1.00 42.32 ? 105 LEU A CA  1 
ATOM   687  C  C   . LEU A 1 106 ? -24.633 -7.397  6.615   1.00 43.45 ? 105 LEU A C   1 
ATOM   688  O  O   . LEU A 1 106 ? -23.456 -7.050  6.772   1.00 42.50 ? 105 LEU A O   1 
ATOM   689  C  CB  . LEU A 1 106 ? -26.088 -6.085  5.069   1.00 39.36 ? 105 LEU A CB  1 
ATOM   690  C  CG  . LEU A 1 106 ? -25.144 -4.892  5.225   1.00 45.77 ? 105 LEU A CG  1 
ATOM   691  C  CD1 . LEU A 1 106 ? -24.802 -4.296  3.867   1.00 40.90 ? 105 LEU A CD1 1 
ATOM   692  C  CD2 . LEU A 1 106 ? -25.704 -3.853  6.186   1.00 40.55 ? 105 LEU A CD2 1 
ATOM   693  N  N   . GLN A 1 107 ? -25.395 -7.817  7.630   1.00 39.61 ? 106 GLN A N   1 
ATOM   694  C  CA  . GLN A 1 107 ? -24.831 -7.932  8.970   1.00 44.91 ? 106 GLN A CA  1 
ATOM   695  C  C   . GLN A 1 107 ? -23.641 -8.881  8.997   1.00 43.92 ? 106 GLN A C   1 
ATOM   696  O  O   . GLN A 1 107 ? -22.709 -8.685  9.784   1.00 46.70 ? 106 GLN A O   1 
ATOM   697  C  CB  . GLN A 1 107 ? -25.901 -8.394  9.959   1.00 52.81 ? 106 GLN A CB  1 
ATOM   698  C  CG  . GLN A 1 107 ? -25.439 -8.381  11.412  1.00 63.10 ? 106 GLN A CG  1 
ATOM   699  C  CD  . GLN A 1 107 ? -26.364 -9.153  12.335  1.00 71.95 ? 106 GLN A CD  1 
ATOM   700  O  OE1 . GLN A 1 107 ? -27.577 -8.934  12.346  1.00 74.26 ? 106 GLN A OE1 1 
ATOM   701  N  NE2 . GLN A 1 107 ? -25.792 -10.061 13.119  1.00 71.61 ? 106 GLN A NE2 1 
ATOM   702  N  N   . GLU A 1 108 ? -23.644 -9.905  8.139   1.00 40.36 ? 107 GLU A N   1 
ATOM   703  C  CA  . GLU A 1 108 ? -22.504 -10.811 8.067   1.00 35.38 ? 107 GLU A CA  1 
ATOM   704  C  C   . GLU A 1 108 ? -21.269 -10.103 7.518   1.00 43.40 ? 107 GLU A C   1 
ATOM   705  O  O   . GLU A 1 108 ? -20.161 -10.295 8.030   1.00 47.38 ? 107 GLU A O   1 
ATOM   706  C  CB  . GLU A 1 108 ? -22.855 -12.030 7.213   1.00 37.13 ? 107 GLU A CB  1 
ATOM   707  C  CG  . GLU A 1 108 ? -21.699 -12.984 6.969   1.00 51.41 ? 107 GLU A CG  1 
ATOM   708  C  CD  . GLU A 1 108 ? -21.214 -13.667 8.240   1.00 60.89 ? 107 GLU A CD  1 
ATOM   709  O  OE1 . GLU A 1 108 ? -21.994 -13.752 9.213   1.00 62.12 ? 107 GLU A OE1 1 
ATOM   710  O  OE2 . GLU A 1 108 ? -20.048 -14.121 8.267   1.00 64.40 ? 107 GLU A OE2 1 
ATOM   711  N  N   . LEU A 1 109 ? -21.438 -9.272  6.487   1.00 39.16 ? 108 LEU A N   1 
ATOM   712  C  CA  . LEU A 1 109 ? -20.300 -8.551  5.927   1.00 34.69 ? 108 LEU A CA  1 
ATOM   713  C  C   . LEU A 1 109 ? -19.751 -7.533  6.917   1.00 38.78 ? 108 LEU A C   1 
ATOM   714  O  O   . LEU A 1 109 ? -18.532 -7.424  7.101   1.00 41.45 ? 108 LEU A O   1 
ATOM   715  C  CB  . LEU A 1 109 ? -20.697 -7.862  4.620   1.00 35.89 ? 108 LEU A CB  1 
ATOM   716  C  CG  . LEU A 1 109 ? -19.806 -6.687  4.206   1.00 40.04 ? 108 LEU A CG  1 
ATOM   717  C  CD1 . LEU A 1 109 ? -18.443 -7.185  3.746   1.00 39.68 ? 108 LEU A CD1 1 
ATOM   718  C  CD2 . LEU A 1 109 ? -20.470 -5.850  3.120   1.00 37.46 ? 108 LEU A CD2 1 
ATOM   719  N  N   . ALA A 1 110 ? -20.638 -6.770  7.560   1.00 40.51 ? 109 ALA A N   1 
ATOM   720  C  CA  . ALA A 1 110 ? -20.190 -5.773  8.527   1.00 42.80 ? 109 ALA A CA  1 
ATOM   721  C  C   . ALA A 1 110 ? -19.486 -6.421  9.710   1.00 39.27 ? 109 ALA A C   1 
ATOM   722  O  O   . ALA A 1 110 ? -18.620 -5.800  10.335  1.00 42.06 ? 109 ALA A O   1 
ATOM   723  C  CB  . ALA A 1 110 ? -21.374 -4.932  9.006   1.00 36.38 ? 109 ALA A CB  1 
ATOM   724  N  N   . LEU A 1 111 ? -19.843 -7.664  10.035  1.00 42.62 ? 110 LEU A N   1 
ATOM   725  C  CA  . LEU A 1 111 ? -19.157 -8.364  11.113  1.00 40.66 ? 110 LEU A CA  1 
ATOM   726  C  C   . LEU A 1 111 ? -17.742 -8.751  10.703  1.00 38.83 ? 110 LEU A C   1 
ATOM   727  O  O   . LEU A 1 111 ? -16.798 -8.570  11.480  1.00 40.61 ? 110 LEU A O   1 
ATOM   728  C  CB  . LEU A 1 111 ? -19.957 -9.598  11.527  1.00 46.86 ? 110 LEU A CB  1 
ATOM   729  C  CG  . LEU A 1 111 ? -21.020 -9.345  12.595  1.00 51.55 ? 110 LEU A CG  1 
ATOM   730  C  CD1 . LEU A 1 111 ? -21.481 -10.657 13.212  1.00 58.47 ? 110 LEU A CD1 1 
ATOM   731  C  CD2 . LEU A 1 111 ? -20.489 -8.396  13.662  1.00 49.72 ? 110 LEU A CD2 1 
ATOM   732  N  N   . ARG A 1 112 ? -17.575 -9.279  9.485   1.00 39.28 ? 111 ARG A N   1 
ATOM   733  C  CA  . ARG A 1 112 ? -16.238 -9.644  9.023   1.00 39.73 ? 111 ARG A CA  1 
ATOM   734  C  C   . ARG A 1 112 ? -15.341 -8.421  8.914   1.00 37.49 ? 111 ARG A C   1 
ATOM   735  O  O   . ARG A 1 112 ? -14.173 -8.461  9.315   1.00 41.35 ? 111 ARG A O   1 
ATOM   736  C  CB  . ARG A 1 112 ? -16.313 -10.363 7.679   1.00 39.54 ? 111 ARG A CB  1 
ATOM   737  C  CG  . ARG A 1 112 ? -17.326 -11.488 7.624   1.00 48.02 ? 111 ARG A CG  1 
ATOM   738  C  CD  . ARG A 1 112 ? -16.769 -12.794 8.159   1.00 54.72 ? 111 ARG A CD  1 
ATOM   739  N  NE  . ARG A 1 112 ? -17.611 -13.929 7.785   1.00 58.57 ? 111 ARG A NE  1 
ATOM   740  C  CZ  . ARG A 1 112 ? -17.327 -14.784 6.807   1.00 62.85 ? 111 ARG A CZ  1 
ATOM   741  N  NH1 . ARG A 1 112 ? -16.212 -14.645 6.101   1.00 59.19 ? 111 ARG A NH1 1 
ATOM   742  N  NH2 . ARG A 1 112 ? -18.156 -15.784 6.537   1.00 59.52 ? 111 ARG A NH2 1 
ATOM   743  N  N   . LEU A 1 113 ? -15.874 -7.318  8.379   1.00 37.81 ? 112 LEU A N   1 
ATOM   744  C  CA  . LEU A 1 113 ? -15.075 -6.107  8.222   1.00 37.99 ? 112 LEU A CA  1 
ATOM   745  C  C   . LEU A 1 113 ? -14.574 -5.601  9.568   1.00 38.70 ? 112 LEU A C   1 
ATOM   746  O  O   . LEU A 1 113 ? -13.395 -5.266  9.720   1.00 40.29 ? 112 LEU A O   1 
ATOM   747  C  CB  . LEU A 1 113 ? -15.892 -5.025  7.519   1.00 34.14 ? 112 LEU A CB  1 
ATOM   748  C  CG  . LEU A 1 113 ? -16.205 -5.253  6.042   1.00 41.01 ? 112 LEU A CG  1 
ATOM   749  C  CD1 . LEU A 1 113 ? -16.947 -4.050  5.479   1.00 34.20 ? 112 LEU A CD1 1 
ATOM   750  C  CD2 . LEU A 1 113 ? -14.928 -5.525  5.253   1.00 37.15 ? 112 LEU A CD2 1 
ATOM   751  N  N   . ARG A 1 114 ? -15.466 -5.538  10.558  1.00 35.57 ? 113 ARG A N   1 
ATOM   752  C  CA  . ARG A 1 114 ? -15.076 -5.061  11.880  1.00 42.35 ? 113 ARG A CA  1 
ATOM   753  C  C   . ARG A 1 114 ? -14.061 -5.995  12.529  1.00 39.92 ? 113 ARG A C   1 
ATOM   754  O  O   . ARG A 1 114 ? -13.115 -5.540  13.180  1.00 42.87 ? 113 ARG A O   1 
ATOM   755  C  CB  . ARG A 1 114 ? -16.315 -4.912  12.762  1.00 39.82 ? 113 ARG A CB  1 
ATOM   756  C  CG  . ARG A 1 114 ? -17.260 -3.809  12.317  1.00 44.35 ? 113 ARG A CG  1 
ATOM   757  C  CD  . ARG A 1 114 ? -16.947 -2.500  13.014  1.00 53.28 ? 113 ARG A CD  1 
ATOM   758  N  NE  . ARG A 1 114 ? -17.451 -1.342  12.281  1.00 57.98 ? 113 ARG A NE  1 
ATOM   759  C  CZ  . ARG A 1 114 ? -18.701 -0.894  12.348  1.00 65.19 ? 113 ARG A CZ  1 
ATOM   760  N  NH1 . ARG A 1 114 ? -19.595 -1.510  13.118  1.00 61.08 ? 113 ARG A NH1 1 
ATOM   761  N  NH2 . ARG A 1 114 ? -19.057 0.172   11.643  1.00 64.43 ? 113 ARG A NH2 1 
ATOM   762  N  N   . ALA A 1 115 ? -14.241 -7.308  12.362  1.00 38.97 ? 114 ALA A N   1 
ATOM   763  C  CA  . ALA A 1 115 ? -13.304 -8.261  12.948  1.00 37.09 ? 114 ALA A CA  1 
ATOM   764  C  C   . ALA A 1 115 ? -11.929 -8.152  12.301  1.00 37.45 ? 114 ALA A C   1 
ATOM   765  O  O   . ALA A 1 115 ? -10.906 -8.217  12.992  1.00 34.83 ? 114 ALA A O   1 
ATOM   766  C  CB  . ALA A 1 115 ? -13.851 -9.681  12.821  1.00 36.79 ? 114 ALA A CB  1 
ATOM   767  N  N   . LEU A 1 116 ? -11.885 -7.979  10.977  1.00 35.72 ? 115 LEU A N   1 
ATOM   768  C  CA  . LEU A 1 116 ? -10.606 -7.820  10.292  1.00 36.47 ? 115 LEU A CA  1 
ATOM   769  C  C   . LEU A 1 116 ? -9.906  -6.540  10.724  1.00 39.21 ? 115 LEU A C   1 
ATOM   770  O  O   . LEU A 1 116 ? -8.682  -6.524  10.902  1.00 38.01 ? 115 LEU A O   1 
ATOM   771  C  CB  . LEU A 1 116 ? -10.817 -7.822  8.779   1.00 34.08 ? 115 LEU A CB  1 
ATOM   772  C  CG  . LEU A 1 116 ? -11.248 -9.137  8.141   1.00 37.86 ? 115 LEU A CG  1 
ATOM   773  C  CD1 . LEU A 1 116 ? -11.605 -8.925  6.670   1.00 38.27 ? 115 LEU A CD1 1 
ATOM   774  C  CD2 . LEU A 1 116 ? -10.152 -10.181 8.300   1.00 38.29 ? 115 LEU A CD2 1 
ATOM   775  N  N   . ASP A 1 117 ? -10.666 -5.459  10.902  1.00 38.66 ? 116 ASP A N   1 
ATOM   776  C  CA  . ASP A 1 117 ? -10.066 -4.180  11.267  1.00 36.75 ? 116 ASP A CA  1 
ATOM   777  C  C   . ASP A 1 117 ? -9.554  -4.189  12.702  1.00 38.15 ? 116 ASP A C   1 
ATOM   778  O  O   . ASP A 1 117 ? -8.471  -3.664  12.982  1.00 39.81 ? 116 ASP A O   1 
ATOM   779  C  CB  . ASP A 1 117 ? -11.079 -3.055  11.074  1.00 39.60 ? 116 ASP A CB  1 
ATOM   780  C  CG  . ASP A 1 117 ? -10.494 -1.694  11.361  1.00 40.08 ? 116 ASP A CG  1 
ATOM   781  O  OD1 . ASP A 1 117 ? -9.617  -1.255  10.588  1.00 39.22 ? 116 ASP A OD1 1 
ATOM   782  O  OD2 . ASP A 1 117 ? -10.907 -1.068  12.360  1.00 50.37 ? 116 ASP A OD2 1 
ATOM   783  N  N   . ARG A 1 118 ? -10.315 -4.773  13.630  1.00 33.14 ? 117 ARG A N   1 
ATOM   784  C  CA  . ARG A 1 118 ? -9.922  -4.703  15.031  1.00 39.37 ? 117 ARG A CA  1 
ATOM   785  C  C   . ARG A 1 118 ? -8.775  -5.641  15.372  1.00 36.47 ? 117 ARG A C   1 
ATOM   786  O  O   . ARG A 1 118 ? -8.111  -5.430  16.389  1.00 38.56 ? 117 ARG A O   1 
ATOM   787  C  CB  . ARG A 1 118 ? -11.118 -4.983  15.943  1.00 44.04 ? 117 ARG A CB  1 
ATOM   788  C  CG  . ARG A 1 118 ? -11.937 -3.725  16.231  1.00 50.64 ? 117 ARG A CG  1 
ATOM   789  C  CD  . ARG A 1 118 ? -13.305 -4.054  16.793  1.00 62.86 ? 117 ARG A CD  1 
ATOM   790  N  NE  . ARG A 1 118 ? -13.791 -5.340  16.307  1.00 59.10 ? 117 ARG A NE  1 
ATOM   791  C  CZ  . ARG A 1 118 ? -15.075 -5.661  16.201  1.00 56.21 ? 117 ARG A CZ  1 
ATOM   792  N  NH1 . ARG A 1 118 ? -16.010 -4.783  16.543  1.00 56.35 ? 117 ARG A NH1 1 
ATOM   793  N  NH2 . ARG A 1 118 ? -15.421 -6.862  15.747  1.00 52.55 ? 117 ARG A NH2 1 
ATOM   794  N  N   . ARG A 1 119 ? -8.518  -6.660  14.549  1.00 33.63 ? 118 ARG A N   1 
ATOM   795  C  CA  . ARG A 1 119 ? -7.311  -7.455  14.735  1.00 35.44 ? 118 ARG A CA  1 
ATOM   796  C  C   . ARG A 1 119 ? -6.057  -6.595  14.637  1.00 34.41 ? 118 ARG A C   1 
ATOM   797  O  O   . ARG A 1 119 ? -5.050  -6.883  15.294  1.00 34.23 ? 118 ARG A O   1 
ATOM   798  C  CB  . ARG A 1 119 ? -7.253  -8.584  13.707  1.00 34.92 ? 118 ARG A CB  1 
ATOM   799  C  CG  . ARG A 1 119 ? -6.055  -9.482  13.907  1.00 39.30 ? 118 ARG A CG  1 
ATOM   800  C  CD  . ARG A 1 119 ? -5.911  -10.526 12.826  1.00 45.12 ? 118 ARG A CD  1 
ATOM   801  N  NE  . ARG A 1 119 ? -4.748  -11.366 13.091  1.00 45.39 ? 118 ARG A NE  1 
ATOM   802  C  CZ  . ARG A 1 119 ? -4.205  -12.200 12.211  1.00 51.57 ? 118 ARG A CZ  1 
ATOM   803  N  NH1 . ARG A 1 119 ? -4.716  -12.317 10.992  1.00 52.94 ? 118 ARG A NH1 1 
ATOM   804  N  NH2 . ARG A 1 119 ? -3.143  -12.917 12.553  1.00 47.91 ? 118 ARG A NH2 1 
ATOM   805  N  N   . ARG A 1 120 ? -6.102  -5.529  13.842  1.00 32.47 ? 119 ARG A N   1 
ATOM   806  C  CA  . ARG A 1 120 ? -4.964  -4.640  13.657  1.00 38.65 ? 119 ARG A CA  1 
ATOM   807  C  C   . ARG A 1 120 ? -5.296  -3.211  14.074  1.00 40.27 ? 119 ARG A C   1 
ATOM   808  O  O   . ARG A 1 120 ? -4.743  -2.257  13.524  1.00 44.60 ? 119 ARG A O   1 
ATOM   809  C  CB  . ARG A 1 120 ? -4.489  -4.679  12.206  1.00 41.72 ? 119 ARG A CB  1 
ATOM   810  C  CG  . ARG A 1 120 ? -5.535  -4.224  11.202  1.00 45.42 ? 119 ARG A CG  1 
ATOM   811  C  CD  . ARG A 1 120 ? -5.001  -4.294  9.781   1.00 55.12 ? 119 ARG A CD  1 
ATOM   812  N  NE  . ARG A 1 120 ? -3.670  -3.704  9.666   1.00 55.90 ? 119 ARG A NE  1 
ATOM   813  C  CZ  . ARG A 1 120 ? -2.571  -4.394  9.386   1.00 53.82 ? 119 ARG A CZ  1 
ATOM   814  N  NH1 . ARG A 1 120 ? -2.640  -5.704  9.188   1.00 50.47 ? 119 ARG A NH1 1 
ATOM   815  N  NH2 . ARG A 1 120 ? -1.401  -3.774  9.304   1.00 53.72 ? 119 ARG A NH2 1 
ATOM   816  N  N   . ALA A 1 121 ? -6.176  -3.056  15.072  1.00 38.03 ? 120 ALA A N   1 
ATOM   817  C  CA  . ALA A 1 121 ? -6.720  -1.740  15.402  1.00 34.41 ? 120 ALA A CA  1 
ATOM   818  C  C   . ALA A 1 121 ? -5.628  -0.748  15.793  1.00 38.09 ? 120 ALA A C   1 
ATOM   819  O  O   . ALA A 1 121 ? -5.726  0.444   15.480  1.00 37.84 ? 120 ALA A O   1 
ATOM   820  C  CB  . ALA A 1 121 ? -7.748  -1.866  16.526  1.00 36.60 ? 120 ALA A CB  1 
ATOM   821  N  N   . HIS A 1 122 ? -4.585  -1.212  16.474  1.00 32.73 ? 121 HIS A N   1 
ATOM   822  C  CA  . HIS A 1 122 ? -3.556  -0.323  16.991  1.00 36.42 ? 121 HIS A CA  1 
ATOM   823  C  C   . HIS A 1 122 ? -2.293  -0.303  16.140  1.00 39.84 ? 121 HIS A C   1 
ATOM   824  O  O   . HIS A 1 122 ? -1.330  0.381   16.500  1.00 40.35 ? 121 HIS A O   1 
ATOM   825  C  CB  . HIS A 1 122 ? -3.219  -0.707  18.436  1.00 35.16 ? 121 HIS A CB  1 
ATOM   826  C  CG  . HIS A 1 122 ? -4.388  -0.604  19.364  1.00 36.96 ? 121 HIS A CG  1 
ATOM   827  N  ND1 . HIS A 1 122 ? -5.065  0.578   19.575  1.00 38.01 ? 121 HIS A ND1 1 
ATOM   828  C  CD2 . HIS A 1 122 ? -5.013  -1.537  20.122  1.00 32.17 ? 121 HIS A CD2 1 
ATOM   829  C  CE1 . HIS A 1 122 ? -6.054  0.370   20.426  1.00 36.75 ? 121 HIS A CE1 1 
ATOM   830  N  NE2 . HIS A 1 122 ? -6.045  -0.904  20.773  1.00 39.00 ? 121 HIS A NE2 1 
ATOM   831  N  N   . SER A 1 123 ? -2.264  -1.030  15.029  1.00 42.08 ? 122 SER A N   1 
ATOM   832  C  CA  . SER A 1 123 ? -1.138  -0.928  14.119  1.00 42.50 ? 122 SER A CA  1 
ATOM   833  C  C   . SER A 1 123 ? -1.322  0.269   13.192  1.00 41.52 ? 122 SER A C   1 
ATOM   834  O  O   . SER A 1 123 ? -2.435  0.744   12.955  1.00 46.65 ? 122 SER A O   1 
ATOM   835  C  CB  . SER A 1 123 ? -0.979  -2.209  13.302  1.00 45.55 ? 122 SER A CB  1 
ATOM   836  O  OG  . SER A 1 123 ? -2.125  -2.445  12.506  1.00 51.15 ? 122 SER A OG  1 
ATOM   837  N  N   . ARG A 1 124 ? -0.214  0.759   12.674  1.00 44.27 ? 123 ARG A N   1 
ATOM   838  C  CA  . ARG A 1 124 ? -0.324  1.914   11.809  1.00 46.24 ? 123 ARG A CA  1 
ATOM   839  C  C   . ARG A 1 124 ? -0.119  1.519   10.352  1.00 43.21 ? 123 ARG A C   1 
ATOM   840  O  O   . ARG A 1 124 ? 0.753   0.697   10.048  1.00 38.06 ? 123 ARG A O   1 
ATOM   841  C  CB  . ARG A 1 124 ? 0.703   2.988   12.190  1.00 47.09 ? 123 ARG A CB  1 
ATOM   842  C  CG  . ARG A 1 124 ? 0.642   3.460   13.646  1.00 53.03 ? 123 ARG A CG  1 
ATOM   843  C  CD  . ARG A 1 124 ? 1.761   2.839   14.476  1.00 46.50 ? 123 ARG A CD  1 
ATOM   844  N  NE  . ARG A 1 124 ? 2.967   3.664   14.475  1.00 53.60 ? 123 ARG A NE  1 
ATOM   845  C  CZ  . ARG A 1 124 ? 4.155   3.254   14.913  1.00 53.77 ? 123 ARG A CZ  1 
ATOM   846  N  NH1 . ARG A 1 124 ? 4.298   2.030   15.401  1.00 52.12 ? 123 ARG A NH1 1 
ATOM   847  N  NH2 . ARG A 1 124 ? 5.201   4.069   14.870  1.00 47.66 ? 123 ARG A NH2 1 
ATOM   848  N  N   . PRO A 1 125 ? -0.904  2.087   9.442   1.00 42.26 ? 124 PRO A N   1 
ATOM   849  C  CA  . PRO A 1 125 ? -0.679  1.870   8.006   1.00 43.86 ? 124 PRO A CA  1 
ATOM   850  C  C   . PRO A 1 125 ? 0.644   2.482   7.584   1.00 42.23 ? 124 PRO A C   1 
ATOM   851  O  O   . PRO A 1 125 ? 1.176   3.345   8.296   1.00 39.37 ? 124 PRO A O   1 
ATOM   852  C  CB  . PRO A 1 125 ? -1.871  2.587   7.353   1.00 38.82 ? 124 PRO A CB  1 
ATOM   853  C  CG  . PRO A 1 125 ? -2.293  3.611   8.361   1.00 45.49 ? 124 PRO A CG  1 
ATOM   854  C  CD  . PRO A 1 125 ? -2.014  3.018   9.707   1.00 42.48 ? 124 PRO A CD  1 
ATOM   855  N  N   . PRO A 1 126 ? 1.212   2.068   6.447   1.00 38.90 ? 125 PRO A N   1 
ATOM   856  C  CA  . PRO A 1 126 ? 2.549   2.558   6.080   1.00 37.49 ? 125 PRO A CA  1 
ATOM   857  C  C   . PRO A 1 126 ? 2.577   4.066   5.907   1.00 42.35 ? 125 PRO A C   1 
ATOM   858  O  O   . PRO A 1 126 ? 1.606   4.682   5.465   1.00 38.88 ? 125 PRO A O   1 
ATOM   859  C  CB  . PRO A 1 126 ? 2.844   1.855   4.747   1.00 35.42 ? 125 PRO A CB  1 
ATOM   860  C  CG  . PRO A 1 126 ? 1.886   0.765   4.648   1.00 41.40 ? 125 PRO A CG  1 
ATOM   861  C  CD  . PRO A 1 126 ? 0.670   1.148   5.435   1.00 38.52 ? 125 PRO A CD  1 
ATOM   862  N  N   . VAL A 1 127 ? 3.715   4.657   6.261   1.00 38.20 ? 126 VAL A N   1 
ATOM   863  C  CA  . VAL A 1 127 ? 3.972   6.061   5.960   1.00 38.01 ? 126 VAL A CA  1 
ATOM   864  C  C   . VAL A 1 127 ? 4.383   6.141   4.495   1.00 35.80 ? 126 VAL A C   1 
ATOM   865  O  O   . VAL A 1 127 ? 5.432   5.625   4.111   1.00 34.60 ? 126 VAL A O   1 
ATOM   866  C  CB  . VAL A 1 127 ? 5.054   6.653   6.871   1.00 39.52 ? 126 VAL A CB  1 
ATOM   867  C  CG1 . VAL A 1 127 ? 5.451   8.046   6.386   1.00 30.22 ? 126 VAL A CG1 1 
ATOM   868  C  CG2 . VAL A 1 127 ? 4.580   6.697   8.322   1.00 37.87 ? 126 VAL A CG2 1 
ATOM   869  N  N   . ARG A 1 128 ? 3.546   6.772   3.673   1.00 35.95 ? 127 ARG A N   1 
ATOM   870  C  CA  . ARG A 1 128 ? 3.846   7.007   2.268   1.00 36.55 ? 127 ARG A CA  1 
ATOM   871  C  C   . ARG A 1 128 ? 4.171   8.461   1.959   1.00 42.55 ? 127 ARG A C   1 
ATOM   872  O  O   . ARG A 1 128 ? 4.659   8.749   0.861   1.00 40.29 ? 127 ARG A O   1 
ATOM   873  C  CB  . ARG A 1 128 ? 2.666   6.565   1.386   1.00 42.70 ? 127 ARG A CB  1 
ATOM   874  C  CG  . ARG A 1 128 ? 2.251   5.111   1.565   1.00 42.04 ? 127 ARG A CG  1 
ATOM   875  C  CD  . ARG A 1 128 ? 3.390   4.167   1.229   1.00 37.51 ? 127 ARG A CD  1 
ATOM   876  N  NE  . ARG A 1 128 ? 2.939   2.781   1.135   1.00 43.09 ? 127 ARG A NE  1 
ATOM   877  C  CZ  . ARG A 1 128 ? 3.753   1.735   1.017   1.00 41.22 ? 127 ARG A CZ  1 
ATOM   878  N  NH1 . ARG A 1 128 ? 5.066   1.915   0.980   1.00 35.01 ? 127 ARG A NH1 1 
ATOM   879  N  NH2 . ARG A 1 128 ? 3.253   0.505   0.941   1.00 38.43 ? 127 ARG A NH2 1 
ATOM   880  N  N   . GLU A 1 129 ? 3.905   9.383   2.881   1.00 40.52 ? 128 GLU A N   1 
ATOM   881  C  CA  . GLU A 1 129 ? 4.158   10.800  2.665   1.00 42.93 ? 128 GLU A CA  1 
ATOM   882  C  C   . GLU A 1 129 ? 4.945   11.356  3.837   1.00 37.61 ? 128 GLU A C   1 
ATOM   883  O  O   . GLU A 1 129 ? 4.623   11.075  4.995   1.00 41.03 ? 128 GLU A O   1 
ATOM   884  C  CB  . GLU A 1 129 ? 2.855   11.587  2.499   1.00 42.55 ? 128 GLU A CB  1 
ATOM   885  C  CG  . GLU A 1 129 ? 1.874   10.981  1.522   1.00 48.18 ? 128 GLU A CG  1 
ATOM   886  C  CD  . GLU A 1 129 ? 0.786   11.955  1.123   1.00 55.36 ? 128 GLU A CD  1 
ATOM   887  O  OE1 . GLU A 1 129 ? 1.070   13.170  1.081   1.00 55.59 ? 128 GLU A OE1 1 
ATOM   888  O  OE2 . GLU A 1 129 ? -0.349  11.508  0.849   1.00 66.32 ? 128 GLU A OE2 1 
ATOM   889  N  N   . ILE A 1 130 ? 5.974   12.144  3.533   1.00 38.96 ? 129 ILE A N   1 
ATOM   890  C  CA  . ILE A 1 130 ? 6.749   12.840  4.552   1.00 39.92 ? 129 ILE A CA  1 
ATOM   891  C  C   . ILE A 1 130 ? 7.611   13.897  3.873   1.00 41.53 ? 129 ILE A C   1 
ATOM   892  O  O   . ILE A 1 130 ? 8.179   13.655  2.803   1.00 40.99 ? 129 ILE A O   1 
ATOM   893  C  CB  . ILE A 1 130 ? 7.601   11.858  5.383   1.00 41.59 ? 129 ILE A CB  1 
ATOM   894  C  CG1 . ILE A 1 130 ? 8.462   12.607  6.402   1.00 43.73 ? 129 ILE A CG1 1 
ATOM   895  C  CG2 . ILE A 1 130 ? 8.462   10.987  4.485   1.00 39.32 ? 129 ILE A CG2 1 
ATOM   896  C  CD1 . ILE A 1 130 ? 9.254   11.696  7.311   1.00 49.33 ? 129 ILE A CD1 1 
ATOM   897  N  N   . ALA A 1 131 ? 7.678   15.087  4.475   1.00 41.08 ? 130 ALA A N   1 
ATOM   898  C  CA  . ALA A 1 131 ? 8.582   16.156  4.042   1.00 44.59 ? 130 ALA A CA  1 
ATOM   899  C  C   . ALA A 1 131 ? 8.426   16.473  2.556   1.00 44.35 ? 130 ALA A C   1 
ATOM   900  O  O   . ALA A 1 131 ? 9.402   16.729  1.849   1.00 46.00 ? 130 ALA A O   1 
ATOM   901  C  CB  . ALA A 1 131 ? 10.034  15.804  4.374   1.00 46.24 ? 130 ALA A CB  1 
ATOM   902  N  N   . GLY A 1 132 ? 7.183   16.450  2.077   1.00 44.56 ? 131 GLY A N   1 
ATOM   903  C  CA  . GLY A 1 132 ? 6.876   16.791  0.706   1.00 42.79 ? 131 GLY A CA  1 
ATOM   904  C  C   . GLY A 1 132 ? 6.842   15.626  -0.264  1.00 43.11 ? 131 GLY A C   1 
ATOM   905  O  O   . GLY A 1 132 ? 6.233   15.749  -1.333  1.00 42.41 ? 131 GLY A O   1 
ATOM   906  N  N   . LEU A 1 133 ? 7.478   14.503  0.070   1.00 38.07 ? 132 LEU A N   1 
ATOM   907  C  CA  . LEU A 1 133 ? 7.463   13.336  -0.803  1.00 39.22 ? 132 LEU A CA  1 
ATOM   908  C  C   . LEU A 1 133 ? 6.153   12.575  -0.664  1.00 38.28 ? 132 LEU A C   1 
ATOM   909  O  O   . LEU A 1 133 ? 5.617   12.432  0.436   1.00 44.74 ? 132 LEU A O   1 
ATOM   910  C  CB  . LEU A 1 133 ? 8.619   12.390  -0.477  1.00 39.78 ? 132 LEU A CB  1 
ATOM   911  C  CG  . LEU A 1 133 ? 10.071  12.843  -0.598  1.00 46.95 ? 132 LEU A CG  1 
ATOM   912  C  CD1 . LEU A 1 133 ? 10.930  12.068  0.394   1.00 49.12 ? 132 LEU A CD1 1 
ATOM   913  C  CD2 . LEU A 1 133 ? 10.580  12.644  -2.016  1.00 42.12 ? 132 LEU A CD2 1 
ATOM   914  N  N   . ARG A 1 134 ? 5.643   12.081  -1.787  1.00 38.31 ? 133 ARG A N   1 
ATOM   915  C  CA  . ARG A 1 134 ? 4.548   11.124  -1.799  1.00 37.54 ? 133 ARG A CA  1 
ATOM   916  C  C   . ARG A 1 134 ? 4.982   9.908   -2.597  1.00 38.02 ? 133 ARG A C   1 
ATOM   917  O  O   . ARG A 1 134 ? 5.402   10.034  -3.752  1.00 37.27 ? 133 ARG A O   1 
ATOM   918  C  CB  . ARG A 1 134 ? 3.262   11.703  -2.397  1.00 39.51 ? 133 ARG A CB  1 
ATOM   919  C  CG  . ARG A 1 134 ? 2.121   10.682  -2.431  1.00 42.88 ? 133 ARG A CG  1 
ATOM   920  C  CD  . ARG A 1 134 ? 0.804   11.286  -2.904  1.00 47.03 ? 133 ARG A CD  1 
ATOM   921  N  NE  . ARG A 1 134 ? 0.949   11.995  -4.172  1.00 50.00 ? 133 ARG A NE  1 
ATOM   922  C  CZ  . ARG A 1 134 ? 0.656   11.474  -5.361  1.00 47.62 ? 133 ARG A CZ  1 
ATOM   923  N  NH1 . ARG A 1 134 ? 0.202   10.229  -5.451  1.00 43.06 ? 133 ARG A NH1 1 
ATOM   924  N  NH2 . ARG A 1 134 ? 0.818   12.200  -6.463  1.00 46.20 ? 133 ARG A NH2 1 
ATOM   925  N  N   . LEU A 1 135 ? 4.869   8.739   -1.981  1.00 34.97 ? 134 LEU A N   1 
ATOM   926  C  CA  . LEU A 1 135 ? 5.316   7.482   -2.560  1.00 36.12 ? 134 LEU A CA  1 
ATOM   927  C  C   . LEU A 1 135 ? 4.101   6.603   -2.820  1.00 39.20 ? 134 LEU A C   1 
ATOM   928  O  O   . LEU A 1 135 ? 3.314   6.339   -1.902  1.00 41.67 ? 134 LEU A O   1 
ATOM   929  C  CB  . LEU A 1 135 ? 6.305   6.791   -1.622  1.00 39.58 ? 134 LEU A CB  1 
ATOM   930  C  CG  . LEU A 1 135 ? 7.080   5.589   -2.148  1.00 49.63 ? 134 LEU A CG  1 
ATOM   931  C  CD1 . LEU A 1 135 ? 8.530   5.672   -1.695  1.00 45.51 ? 134 LEU A CD1 1 
ATOM   932  C  CD2 . LEU A 1 135 ? 6.430   4.288   -1.681  1.00 42.26 ? 134 LEU A CD2 1 
ATOM   933  N  N   . ASP A 1 136 ? 3.945   6.160   -4.065  1.00 37.80 ? 135 ASP A N   1 
ATOM   934  C  CA  . ASP A 1 136 ? 2.842   5.280   -4.427  1.00 34.08 ? 135 ASP A CA  1 
ATOM   935  C  C   . ASP A 1 136 ? 3.387   3.927   -4.852  1.00 37.10 ? 135 ASP A C   1 
ATOM   936  O  O   . ASP A 1 136 ? 3.993   3.822   -5.928  1.00 40.27 ? 135 ASP A O   1 
ATOM   937  C  CB  . ASP A 1 136 ? 2.009   5.891   -5.551  1.00 36.49 ? 135 ASP A CB  1 
ATOM   938  C  CG  . ASP A 1 136 ? 1.071   4.882   -6.191  1.00 41.12 ? 135 ASP A CG  1 
ATOM   939  O  OD1 . ASP A 1 136 ? 0.599   3.971   -5.480  1.00 39.76 ? 135 ASP A OD1 1 
ATOM   940  O  OD2 . ASP A 1 136 ? 0.811   5.000   -7.407  1.00 49.82 ? 135 ASP A OD2 1 
ATOM   941  N  N   . PRO A 1 137 ? 3.174   2.862   -4.074  1.00 36.77 ? 136 PRO A N   1 
ATOM   942  C  CA  . PRO A 1 137 ? 3.742   1.558   -4.446  1.00 39.14 ? 136 PRO A CA  1 
ATOM   943  C  C   . PRO A 1 137 ? 2.990   0.851   -5.558  1.00 39.24 ? 136 PRO A C   1 
ATOM   944  O  O   . PRO A 1 137 ? 3.541   -0.087  -6.149  1.00 41.91 ? 136 PRO A O   1 
ATOM   945  C  CB  . PRO A 1 137 ? 3.666   0.760   -3.138  1.00 36.52 ? 136 PRO A CB  1 
ATOM   946  C  CG  . PRO A 1 137 ? 2.461   1.330   -2.448  1.00 37.73 ? 136 PRO A CG  1 
ATOM   947  C  CD  . PRO A 1 137 ? 2.396   2.795   -2.825  1.00 34.26 ? 136 PRO A CD  1 
ATOM   948  N  N   . PHE A 1 138 ? 1.758   1.257   -5.868  1.00 33.94 ? 137 PHE A N   1 
ATOM   949  C  CA  . PHE A 1 138 ? 1.004   0.541   -6.890  1.00 33.29 ? 137 PHE A CA  1 
ATOM   950  C  C   . PHE A 1 138 ? 1.475   0.903   -8.294  1.00 42.20 ? 137 PHE A C   1 
ATOM   951  O  O   . PHE A 1 138 ? 1.629   0.020   -9.143  1.00 48.57 ? 137 PHE A O   1 
ATOM   952  C  CB  . PHE A 1 138 ? -0.490  0.800   -6.713  1.00 34.07 ? 137 PHE A CB  1 
ATOM   953  C  CG  . PHE A 1 138 ? -1.070  0.102   -5.517  1.00 37.16 ? 137 PHE A CG  1 
ATOM   954  C  CD1 . PHE A 1 138 ? -1.200  0.763   -4.306  1.00 28.87 ? 137 PHE A CD1 1 
ATOM   955  C  CD2 . PHE A 1 138 ? -1.450  -1.229  -5.593  1.00 32.85 ? 137 PHE A CD2 1 
ATOM   956  C  CE1 . PHE A 1 138 ? -1.715  0.117   -3.201  1.00 31.69 ? 137 PHE A CE1 1 
ATOM   957  C  CE2 . PHE A 1 138 ? -1.971  -1.882  -4.490  1.00 30.67 ? 137 PHE A CE2 1 
ATOM   958  C  CZ  . PHE A 1 138 ? -2.101  -1.210  -3.293  1.00 32.57 ? 137 PHE A CZ  1 
ATOM   959  N  N   . ARG A 1 139 ? 1.728   2.184   -8.555  1.00 45.04 ? 138 ARG A N   1 
ATOM   960  C  CA  . ARG A 1 139 ? 2.346   2.590   -9.811  1.00 47.87 ? 138 ARG A CA  1 
ATOM   961  C  C   . ARG A 1 139 ? 3.858   2.721   -9.703  1.00 43.31 ? 138 ARG A C   1 
ATOM   962  O  O   . ARG A 1 139 ? 4.511   3.005   -10.713 1.00 49.39 ? 138 ARG A O   1 
ATOM   963  C  CB  . ARG A 1 139 ? 1.745   3.911   -10.303 1.00 49.85 ? 138 ARG A CB  1 
ATOM   964  C  CG  . ARG A 1 139 ? 0.315   3.779   -10.819 1.00 52.23 ? 138 ARG A CG  1 
ATOM   965  C  CD  . ARG A 1 139 ? -0.351  5.138   -11.012 1.00 54.45 ? 138 ARG A CD  1 
ATOM   966  N  NE  . ARG A 1 139 ? 0.404   5.995   -11.922 1.00 60.91 ? 138 ARG A NE  1 
ATOM   967  C  CZ  . ARG A 1 139 ? 0.191   6.064   -13.234 1.00 62.99 ? 138 ARG A CZ  1 
ATOM   968  N  NH1 . ARG A 1 139 ? -0.760  5.326   -13.796 1.00 50.98 ? 138 ARG A NH1 1 
ATOM   969  N  NH2 . ARG A 1 139 ? 0.928   6.872   -13.987 1.00 57.01 ? 138 ARG A NH2 1 
ATOM   970  N  N   . ARG A 1 140 ? 4.423   2.513   -8.514  1.00 39.17 ? 139 ARG A N   1 
ATOM   971  C  CA  . ARG A 1 140 ? 5.858   2.657   -8.265  1.00 41.42 ? 139 ARG A CA  1 
ATOM   972  C  C   . ARG A 1 140 ? 6.352   4.038   -8.690  1.00 43.97 ? 139 ARG A C   1 
ATOM   973  O  O   . ARG A 1 140 ? 7.265   4.179   -9.504  1.00 48.61 ? 139 ARG A O   1 
ATOM   974  C  CB  . ARG A 1 140 ? 6.652   1.553   -8.969  1.00 43.38 ? 139 ARG A CB  1 
ATOM   975  C  CG  . ARG A 1 140 ? 6.824   0.293   -8.140  1.00 45.99 ? 139 ARG A CG  1 
ATOM   976  C  CD  . ARG A 1 140 ? 7.799   -0.675  -8.798  1.00 47.42 ? 139 ARG A CD  1 
ATOM   977  N  NE  . ARG A 1 140 ? 9.127   -0.627  -8.190  1.00 43.90 ? 139 ARG A NE  1 
ATOM   978  C  CZ  . ARG A 1 140 ? 9.447   -1.243  -7.055  1.00 46.61 ? 139 ARG A CZ  1 
ATOM   979  N  NH1 . ARG A 1 140 ? 8.532   -1.949  -6.402  1.00 48.02 ? 139 ARG A NH1 1 
ATOM   980  N  NH2 . ARG A 1 140 ? 10.678  -1.153  -6.569  1.00 37.75 ? 139 ARG A NH2 1 
ATOM   981  N  N   . GLU A 1 141 ? 5.731   5.070   -8.118  1.00 39.92 ? 140 GLU A N   1 
ATOM   982  C  CA  . GLU A 1 141 ? 6.022   6.447   -8.489  1.00 38.63 ? 140 GLU A CA  1 
ATOM   983  C  C   . GLU A 1 141 ? 6.234   7.307   -7.249  1.00 43.89 ? 140 GLU A C   1 
ATOM   984  O  O   . GLU A 1 141 ? 5.630   7.081   -6.195  1.00 38.66 ? 140 GLU A O   1 
ATOM   985  C  CB  . GLU A 1 141 ? 4.899   7.036   -9.356  1.00 37.31 ? 140 GLU A CB  1 
ATOM   986  C  CG  . GLU A 1 141 ? 4.792   6.391   -10.728 1.00 38.76 ? 140 GLU A CG  1 
ATOM   987  C  CD  . GLU A 1 141 ? 3.648   6.947   -11.551 1.00 51.65 ? 140 GLU A CD  1 
ATOM   988  O  OE1 . GLU A 1 141 ? 2.733   7.561   -10.959 1.00 50.96 ? 140 GLU A OE1 1 
ATOM   989  O  OE2 . GLU A 1 141 ? 3.661   6.766   -12.790 1.00 56.98 ? 140 GLU A OE2 1 
ATOM   990  N  N   . VAL A 1 142 ? 7.102   8.305   -7.395  1.00 37.73 ? 141 VAL A N   1 
ATOM   991  C  CA  . VAL A 1 142 ? 7.469   9.210   -6.313  1.00 35.00 ? 141 VAL A CA  1 
ATOM   992  C  C   . VAL A 1 142 ? 7.222   10.636  -6.781  1.00 36.87 ? 141 VAL A C   1 
ATOM   993  O  O   . VAL A 1 142 ? 7.594   11.000  -7.903  1.00 37.09 ? 141 VAL A O   1 
ATOM   994  C  CB  . VAL A 1 142 ? 8.939   9.021   -5.891  1.00 34.56 ? 141 VAL A CB  1 
ATOM   995  C  CG1 . VAL A 1 142 ? 9.363   10.097  -4.898  1.00 30.56 ? 141 VAL A CG1 1 
ATOM   996  C  CG2 . VAL A 1 142 ? 9.139   7.639   -5.305  1.00 34.65 ? 141 VAL A CG2 1 
ATOM   997  N  N   . TYR A 1 143 ? 6.592   11.438  -5.928  1.00 36.79 ? 142 TYR A N   1 
ATOM   998  C  CA  . TYR A 1 143 ? 6.326   12.841  -6.216  1.00 36.33 ? 142 TYR A CA  1 
ATOM   999  C  C   . TYR A 1 143 ? 6.917   13.692  -5.103  1.00 37.55 ? 142 TYR A C   1 
ATOM   1000 O  O   . TYR A 1 143 ? 6.738   13.384  -3.921  1.00 40.71 ? 142 TYR A O   1 
ATOM   1001 C  CB  . TYR A 1 143 ? 4.824   13.111  -6.354  1.00 35.38 ? 142 TYR A CB  1 
ATOM   1002 C  CG  . TYR A 1 143 ? 4.189   12.402  -7.528  1.00 37.04 ? 142 TYR A CG  1 
ATOM   1003 C  CD1 . TYR A 1 143 ? 3.962   13.067  -8.728  1.00 42.15 ? 142 TYR A CD1 1 
ATOM   1004 C  CD2 . TYR A 1 143 ? 3.824   11.067  -7.439  1.00 41.47 ? 142 TYR A CD2 1 
ATOM   1005 C  CE1 . TYR A 1 143 ? 3.383   12.418  -9.807  1.00 42.19 ? 142 TYR A CE1 1 
ATOM   1006 C  CE2 . TYR A 1 143 ? 3.245   10.409  -8.512  1.00 43.75 ? 142 TYR A CE2 1 
ATOM   1007 C  CZ  . TYR A 1 143 ? 3.028   11.088  -9.692  1.00 43.57 ? 142 TYR A CZ  1 
ATOM   1008 O  OH  . TYR A 1 143 ? 2.451   10.427  -10.754 1.00 47.95 ? 142 TYR A OH  1 
ATOM   1009 N  N   . ARG A 1 144 ? 7.625   14.749  -5.485  1.00 35.17 ? 143 ARG A N   1 
ATOM   1010 C  CA  . ARG A 1 144 ? 8.208   15.700  -4.546  1.00 39.64 ? 143 ARG A CA  1 
ATOM   1011 C  C   . ARG A 1 144 ? 7.479   17.028  -4.722  1.00 43.54 ? 143 ARG A C   1 
ATOM   1012 O  O   . ARG A 1 144 ? 7.735   17.767  -5.677  1.00 47.24 ? 143 ARG A O   1 
ATOM   1013 C  CB  . ARG A 1 144 ? 9.709   15.837  -4.775  1.00 38.30 ? 143 ARG A CB  1 
ATOM   1014 C  CG  . ARG A 1 144 ? 10.385  16.718  -3.759  1.00 43.81 ? 143 ARG A CG  1 
ATOM   1015 C  CD  . ARG A 1 144 ? 11.809  16.279  -3.491  1.00 40.23 ? 143 ARG A CD  1 
ATOM   1016 N  NE  . ARG A 1 144 ? 12.340  16.963  -2.317  1.00 35.22 ? 143 ARG A NE  1 
ATOM   1017 C  CZ  . ARG A 1 144 ? 13.610  17.310  -2.170  1.00 46.69 ? 143 ARG A CZ  1 
ATOM   1018 N  NH1 . ARG A 1 144 ? 14.487  17.035  -3.128  1.00 44.75 ? 143 ARG A NH1 1 
ATOM   1019 N  NH2 . ARG A 1 144 ? 14.005  17.933  -1.067  1.00 44.47 ? 143 ARG A NH2 1 
ATOM   1020 N  N   . GLY A 1 145 ? 6.564   17.327  -3.803  1.00 46.10 ? 144 GLY A N   1 
ATOM   1021 C  CA  . GLY A 1 145 ? 5.734   18.510  -3.946  1.00 48.38 ? 144 GLY A CA  1 
ATOM   1022 C  C   . GLY A 1 145 ? 4.814   18.467  -5.146  1.00 49.90 ? 144 GLY A C   1 
ATOM   1023 O  O   . GLY A 1 145 ? 4.461   19.519  -5.688  1.00 54.09 ? 144 GLY A O   1 
ATOM   1024 N  N   . GLY A 1 146 ? 4.409   17.272  -5.575  1.00 42.99 ? 145 GLY A N   1 
ATOM   1025 C  CA  . GLY A 1 146 ? 3.607   17.111  -6.769  1.00 37.09 ? 145 GLY A CA  1 
ATOM   1026 C  C   . GLY A 1 146 ? 4.390   16.952  -8.056  1.00 42.57 ? 145 GLY A C   1 
ATOM   1027 O  O   . GLY A 1 146 ? 3.780   16.724  -9.108  1.00 45.91 ? 145 GLY A O   1 
ATOM   1028 N  N   . ARG A 1 147 ? 5.714   17.064  -8.014  1.00 40.55 ? 146 ARG A N   1 
ATOM   1029 C  CA  . ARG A 1 147 ? 6.540   16.879  -9.197  1.00 37.89 ? 146 ARG A CA  1 
ATOM   1030 C  C   . ARG A 1 147 ? 7.015   15.433  -9.274  1.00 39.27 ? 146 ARG A C   1 
ATOM   1031 O  O   . ARG A 1 147 ? 7.582   14.907  -8.312  1.00 33.81 ? 146 ARG A O   1 
ATOM   1032 C  CB  . ARG A 1 147 ? 7.738   17.828  -9.169  1.00 37.92 ? 146 ARG A CB  1 
ATOM   1033 C  CG  . ARG A 1 147 ? 8.586   17.791  -10.429 1.00 40.15 ? 146 ARG A CG  1 
ATOM   1034 C  CD  . ARG A 1 147 ? 9.671   18.846  -10.360 1.00 49.80 ? 146 ARG A CD  1 
ATOM   1035 N  NE  . ARG A 1 147 ? 10.396  18.777  -9.094  1.00 51.93 ? 146 ARG A NE  1 
ATOM   1036 C  CZ  . ARG A 1 147 ? 11.556  18.148  -8.932  1.00 52.63 ? 146 ARG A CZ  1 
ATOM   1037 N  NH1 . ARG A 1 147 ? 12.132  17.539  -9.960  1.00 47.92 ? 146 ARG A NH1 1 
ATOM   1038 N  NH2 . ARG A 1 147 ? 12.140  18.128  -7.741  1.00 52.90 ? 146 ARG A NH2 1 
ATOM   1039 N  N   . TYR A 1 148 ? 6.789   14.801  -10.423 1.00 39.45 ? 147 TYR A N   1 
ATOM   1040 C  CA  . TYR A 1 148 ? 7.153   13.403  -10.600 1.00 34.93 ? 147 TYR A CA  1 
ATOM   1041 C  C   . TYR A 1 148 ? 8.669   13.263  -10.692 1.00 36.88 ? 147 TYR A C   1 
ATOM   1042 O  O   . TYR A 1 148 ? 9.329   14.010  -11.419 1.00 39.56 ? 147 TYR A O   1 
ATOM   1043 C  CB  . TYR A 1 148 ? 6.481   12.841  -11.853 1.00 39.14 ? 147 TYR A CB  1 
ATOM   1044 C  CG  . TYR A 1 148 ? 6.963   11.471  -12.292 1.00 37.05 ? 147 TYR A CG  1 
ATOM   1045 C  CD1 . TYR A 1 148 ? 6.664   10.335  -11.552 1.00 43.13 ? 147 TYR A CD1 1 
ATOM   1046 C  CD2 . TYR A 1 148 ? 7.705   11.316  -13.456 1.00 43.87 ? 147 TYR A CD2 1 
ATOM   1047 C  CE1 . TYR A 1 148 ? 7.101   9.079   -11.956 1.00 46.40 ? 147 TYR A CE1 1 
ATOM   1048 C  CE2 . TYR A 1 148 ? 8.145   10.065  -13.869 1.00 42.00 ? 147 TYR A CE2 1 
ATOM   1049 C  CZ  . TYR A 1 148 ? 7.840   8.951   -13.115 1.00 42.19 ? 147 TYR A CZ  1 
ATOM   1050 O  OH  . TYR A 1 148 ? 8.275   7.709   -13.519 1.00 45.79 ? 147 TYR A OH  1 
ATOM   1051 N  N   . VAL A 1 149 ? 9.215   12.316  -9.934  1.00 38.01 ? 148 VAL A N   1 
ATOM   1052 C  CA  . VAL A 1 149 ? 10.636  11.983  -9.957  1.00 34.04 ? 148 VAL A CA  1 
ATOM   1053 C  C   . VAL A 1 149 ? 10.749  10.528  -10.384 1.00 34.09 ? 148 VAL A C   1 
ATOM   1054 O  O   . VAL A 1 149 ? 10.335  9.626   -9.646  1.00 36.23 ? 148 VAL A O   1 
ATOM   1055 C  CB  . VAL A 1 149 ? 11.305  12.205  -8.595  1.00 35.32 ? 148 VAL A CB  1 
ATOM   1056 C  CG1 . VAL A 1 149 ? 12.759  11.770  -8.649  1.00 37.28 ? 148 VAL A CG1 1 
ATOM   1057 C  CG2 . VAL A 1 149 ? 11.198  13.666  -8.181  1.00 37.11 ? 148 VAL A CG2 1 
ATOM   1058 N  N   . ALA A 1 150 ? 11.300  10.295  -11.570 1.00 35.10 ? 149 ALA A N   1 
ATOM   1059 C  CA  . ALA A 1 150 ? 11.498  8.931   -12.040 1.00 37.99 ? 149 ALA A CA  1 
ATOM   1060 C  C   . ALA A 1 150 ? 12.615  8.263   -11.251 1.00 35.62 ? 149 ALA A C   1 
ATOM   1061 O  O   . ALA A 1 150 ? 13.660  8.865   -10.997 1.00 37.45 ? 149 ALA A O   1 
ATOM   1062 C  CB  . ALA A 1 150 ? 11.828  8.920   -13.532 1.00 37.98 ? 149 ALA A CB  1 
ATOM   1063 N  N   . LEU A 1 151 ? 12.389  7.012   -10.857 1.00 34.58 ? 150 LEU A N   1 
ATOM   1064 C  CA  . LEU A 1 151 ? 13.362  6.271   -10.068 1.00 34.51 ? 150 LEU A CA  1 
ATOM   1065 C  C   . LEU A 1 151 ? 13.500  4.859   -10.613 1.00 32.29 ? 150 LEU A C   1 
ATOM   1066 O  O   . LEU A 1 151 ? 12.533  4.269   -11.099 1.00 35.44 ? 150 LEU A O   1 
ATOM   1067 C  CB  . LEU A 1 151 ? 12.964  6.209   -8.585  1.00 28.98 ? 150 LEU A CB  1 
ATOM   1068 C  CG  . LEU A 1 151 ? 12.942  7.512   -7.784  1.00 31.17 ? 150 LEU A CG  1 
ATOM   1069 C  CD1 . LEU A 1 151 ? 12.573  7.229   -6.338  1.00 32.87 ? 150 LEU A CD1 1 
ATOM   1070 C  CD2 . LEU A 1 151 ? 14.284  8.211   -7.856  1.00 31.32 ? 150 LEU A CD2 1 
ATOM   1071 N  N   . THR A 1 152 ? 14.715  4.320   -10.526 1.00 29.94 ? 151 THR A N   1 
ATOM   1072 C  CA  . THR A 1 152 ? 14.915  2.913   -10.827 1.00 33.62 ? 151 THR A CA  1 
ATOM   1073 C  C   . THR A 1 152 ? 14.251  2.052   -9.755  1.00 32.16 ? 151 THR A C   1 
ATOM   1074 O  O   . THR A 1 152 ? 13.857  2.532   -8.687  1.00 32.17 ? 151 THR A O   1 
ATOM   1075 C  CB  . THR A 1 152 ? 16.406  2.577   -10.917 1.00 39.34 ? 151 THR A CB  1 
ATOM   1076 O  OG1 . THR A 1 152 ? 16.959  2.491   -9.596  1.00 32.00 ? 151 THR A OG1 1 
ATOM   1077 C  CG2 . THR A 1 152 ? 17.163  3.635   -11.716 1.00 35.60 ? 151 THR A CG2 1 
ATOM   1078 N  N   . ARG A 1 153 ? 14.142  0.753   -10.043 1.00 34.11 ? 152 ARG A N   1 
ATOM   1079 C  CA  . ARG A 1 153 ? 13.519  -0.164  -9.093  1.00 33.04 ? 152 ARG A CA  1 
ATOM   1080 C  C   . ARG A 1 153 ? 14.259  -0.176  -7.758  1.00 36.32 ? 152 ARG A C   1 
ATOM   1081 O  O   . ARG A 1 153 ? 13.631  -0.152  -6.694  1.00 33.27 ? 152 ARG A O   1 
ATOM   1082 C  CB  . ARG A 1 153 ? 13.457  -1.568  -9.690  1.00 37.86 ? 152 ARG A CB  1 
ATOM   1083 C  CG  . ARG A 1 153 ? 12.531  -1.688  -10.890 1.00 36.94 ? 152 ARG A CG  1 
ATOM   1084 C  CD  . ARG A 1 153 ? 12.209  -3.143  -11.199 1.00 38.79 ? 152 ARG A CD  1 
ATOM   1085 N  NE  . ARG A 1 153 ? 11.465  -3.780  -10.117 1.00 41.16 ? 152 ARG A NE  1 
ATOM   1086 C  CZ  . ARG A 1 153 ? 10.139  -3.752  -10.003 1.00 43.95 ? 152 ARG A CZ  1 
ATOM   1087 N  NH1 . ARG A 1 153 ? 9.405   -3.117  -10.908 1.00 41.21 ? 152 ARG A NH1 1 
ATOM   1088 N  NH2 . ARG A 1 153 ? 9.547   -4.360  -8.984  1.00 33.44 ? 152 ARG A NH2 1 
ATOM   1089 N  N   . LYS A 1 154 ? 15.595  -0.203  -7.793  1.00 30.96 ? 153 LYS A N   1 
ATOM   1090 C  CA  . LYS A 1 154 ? 16.365  -0.243  -6.554  1.00 33.02 ? 153 LYS A CA  1 
ATOM   1091 C  C   . LYS A 1 154 ? 16.253  1.067   -5.785  1.00 32.14 ? 153 LYS A C   1 
ATOM   1092 O  O   . LYS A 1 154 ? 16.120  1.058   -4.554  1.00 31.43 ? 153 LYS A O   1 
ATOM   1093 C  CB  . LYS A 1 154 ? 17.829  -0.560  -6.852  1.00 39.78 ? 153 LYS A CB  1 
ATOM   1094 C  CG  . LYS A 1 154 ? 18.123  -2.039  -6.998  1.00 39.40 ? 153 LYS A CG  1 
ATOM   1095 C  CD  . LYS A 1 154 ? 18.177  -2.718  -5.650  1.00 41.67 ? 153 LYS A CD  1 
ATOM   1096 C  CE  . LYS A 1 154 ? 17.824  -4.191  -5.776  1.00 45.31 ? 153 LYS A CE  1 
ATOM   1097 N  NZ  . LYS A 1 154 ? 18.506  -4.832  -6.925  1.00 44.71 ? 153 LYS A NZ  1 
ATOM   1098 N  N   . GLN A 1 155 ? 16.318  2.202   -6.489  1.00 31.24 ? 154 GLN A N   1 
ATOM   1099 C  CA  . GLN A 1 155 ? 16.142  3.494   -5.830  1.00 32.05 ? 154 GLN A CA  1 
ATOM   1100 C  C   . GLN A 1 155 ? 14.789  3.576   -5.135  1.00 35.19 ? 154 GLN A C   1 
ATOM   1101 O  O   . GLN A 1 155 ? 14.689  4.076   -4.007  1.00 35.76 ? 154 GLN A O   1 
ATOM   1102 C  CB  . GLN A 1 155 ? 16.285  4.631   -6.845  1.00 31.68 ? 154 GLN A CB  1 
ATOM   1103 C  CG  . GLN A 1 155 ? 17.705  4.885   -7.333  1.00 29.83 ? 154 GLN A CG  1 
ATOM   1104 C  CD  . GLN A 1 155 ? 17.733  5.594   -8.679  1.00 34.31 ? 154 GLN A CD  1 
ATOM   1105 O  OE1 . GLN A 1 155 ? 16.692  5.979   -9.213  1.00 37.39 ? 154 GLN A OE1 1 
ATOM   1106 N  NE2 . GLN A 1 155 ? 18.925  5.763   -9.237  1.00 33.21 ? 154 GLN A NE2 1 
ATOM   1107 N  N   . PHE A 1 156 ? 13.737  3.086   -5.792  1.00 28.71 ? 155 PHE A N   1 
ATOM   1108 C  CA  . PHE A 1 156 ? 12.408  3.119   -5.193  1.00 33.52 ? 155 PHE A CA  1 
ATOM   1109 C  C   . PHE A 1 156 ? 12.336  2.237   -3.949  1.00 35.03 ? 155 PHE A C   1 
ATOM   1110 O  O   . PHE A 1 156 ? 11.753  2.632   -2.934  1.00 33.80 ? 155 PHE A O   1 
ATOM   1111 C  CB  . PHE A 1 156 ? 11.364  2.688   -6.224  1.00 33.12 ? 155 PHE A CB  1 
ATOM   1112 C  CG  . PHE A 1 156 ? 9.954   2.734   -5.713  1.00 36.16 ? 155 PHE A CG  1 
ATOM   1113 C  CD1 . PHE A 1 156 ? 9.223   3.906   -5.771  1.00 35.91 ? 155 PHE A CD1 1 
ATOM   1114 C  CD2 . PHE A 1 156 ? 9.361   1.607   -5.171  1.00 40.17 ? 155 PHE A CD2 1 
ATOM   1115 C  CE1 . PHE A 1 156 ? 7.928   3.956   -5.298  1.00 42.60 ? 155 PHE A CE1 1 
ATOM   1116 C  CE2 . PHE A 1 156 ? 8.065   1.648   -4.697  1.00 39.69 ? 155 PHE A CE2 1 
ATOM   1117 C  CZ  . PHE A 1 156 ? 7.347   2.827   -4.763  1.00 39.09 ? 155 PHE A CZ  1 
ATOM   1118 N  N   . ALA A 1 157 ? 12.930  1.042   -4.009  1.00 31.69 ? 156 ALA A N   1 
ATOM   1119 C  CA  . ALA A 1 157 ? 12.885  0.129   -2.871  1.00 30.81 ? 156 ALA A CA  1 
ATOM   1120 C  C   . ALA A 1 157 ? 13.599  0.716   -1.661  1.00 33.88 ? 156 ALA A C   1 
ATOM   1121 O  O   . ALA A 1 157 ? 13.124  0.584   -0.527  1.00 33.27 ? 156 ALA A O   1 
ATOM   1122 C  CB  . ALA A 1 157 ? 13.503  -1.215  -3.253  1.00 33.51 ? 156 ALA A CB  1 
ATOM   1123 N  N   . VAL A 1 158 ? 14.743  1.364   -1.881  1.00 28.86 ? 157 VAL A N   1 
ATOM   1124 C  CA  . VAL A 1 158 ? 15.466  1.985   -0.777  1.00 30.68 ? 157 VAL A CA  1 
ATOM   1125 C  C   . VAL A 1 158 ? 14.662  3.143   -0.198  1.00 33.16 ? 157 VAL A C   1 
ATOM   1126 O  O   . VAL A 1 158 ? 14.507  3.265   1.023   1.00 35.01 ? 157 VAL A O   1 
ATOM   1127 C  CB  . VAL A 1 158 ? 16.862  2.439   -1.242  1.00 31.20 ? 157 VAL A CB  1 
ATOM   1128 C  CG1 . VAL A 1 158 ? 17.495  3.370   -0.219  1.00 28.30 ? 157 VAL A CG1 1 
ATOM   1129 C  CG2 . VAL A 1 158 ? 17.758  1.235   -1.502  1.00 30.72 ? 157 VAL A CG2 1 
ATOM   1130 N  N   . LEU A 1 159 ? 14.133  4.011   -1.067  1.00 34.60 ? 158 LEU A N   1 
ATOM   1131 C  CA  . LEU A 1 159 ? 13.353  5.152   -0.599  1.00 32.53 ? 158 LEU A CA  1 
ATOM   1132 C  C   . LEU A 1 159 ? 12.103  4.699   0.142   1.00 36.09 ? 158 LEU A C   1 
ATOM   1133 O  O   . LEU A 1 159 ? 11.730  5.290   1.164   1.00 34.95 ? 158 LEU A O   1 
ATOM   1134 C  CB  . LEU A 1 159 ? 12.973  6.054   -1.777  1.00 34.23 ? 158 LEU A CB  1 
ATOM   1135 C  CG  . LEU A 1 159 ? 12.164  7.302   -1.403  1.00 34.05 ? 158 LEU A CG  1 
ATOM   1136 C  CD1 . LEU A 1 159 ? 13.001  8.263   -0.561  1.00 29.73 ? 158 LEU A CD1 1 
ATOM   1137 C  CD2 . LEU A 1 159 ? 11.602  8.004   -2.635  1.00 28.32 ? 158 LEU A CD2 1 
ATOM   1138 N  N   . GLU A 1 160 ? 11.440  3.656   -0.364  1.00 33.12 ? 159 GLU A N   1 
ATOM   1139 C  CA  . GLU A 1 160 ? 10.254  3.129   0.305   1.00 36.94 ? 159 GLU A CA  1 
ATOM   1140 C  C   . GLU A 1 160 ? 10.548  2.787   1.758   1.00 35.61 ? 159 GLU A C   1 
ATOM   1141 O  O   . GLU A 1 160 ? 9.738   3.066   2.649   1.00 33.90 ? 159 GLU A O   1 
ATOM   1142 C  CB  . GLU A 1 160 ? 9.742   1.895   -0.440  1.00 32.96 ? 159 GLU A CB  1 
ATOM   1143 C  CG  . GLU A 1 160 ? 8.317   1.497   -0.091  1.00 38.98 ? 159 GLU A CG  1 
ATOM   1144 C  CD  . GLU A 1 160 ? 7.866   0.243   -0.824  1.00 42.06 ? 159 GLU A CD  1 
ATOM   1145 O  OE1 . GLU A 1 160 ? 8.734   -0.586  -1.169  1.00 41.41 ? 159 GLU A OE1 1 
ATOM   1146 O  OE2 . GLU A 1 160 ? 6.644   0.081   -1.044  1.00 46.71 ? 159 GLU A OE2 1 
ATOM   1147 N  N   . VAL A 1 161 ? 11.714  2.192   2.015   1.00 30.28 ? 160 VAL A N   1 
ATOM   1148 C  CA  . VAL A 1 161 ? 12.068  1.796   3.372   1.00 36.00 ? 160 VAL A CA  1 
ATOM   1149 C  C   . VAL A 1 161 ? 12.378  3.019   4.226   1.00 35.39 ? 160 VAL A C   1 
ATOM   1150 O  O   . VAL A 1 161 ? 11.993  3.089   5.398   1.00 34.61 ? 160 VAL A O   1 
ATOM   1151 C  CB  . VAL A 1 161 ? 13.250  0.809   3.337   1.00 34.82 ? 160 VAL A CB  1 
ATOM   1152 C  CG1 . VAL A 1 161 ? 13.837  0.626   4.728   1.00 38.03 ? 160 VAL A CG1 1 
ATOM   1153 C  CG2 . VAL A 1 161 ? 12.806  -0.527  2.753   1.00 31.95 ? 160 VAL A CG2 1 
ATOM   1154 N  N   . LEU A 1 162 ? 13.072  4.002   3.652   1.00 34.12 ? 161 LEU A N   1 
ATOM   1155 C  CA  . LEU A 1 162 ? 13.412  5.202   4.408   1.00 36.55 ? 161 LEU A CA  1 
ATOM   1156 C  C   . LEU A 1 162 ? 12.165  5.992   4.778   1.00 33.36 ? 161 LEU A C   1 
ATOM   1157 O  O   . LEU A 1 162 ? 12.035  6.461   5.915   1.00 38.79 ? 161 LEU A O   1 
ATOM   1158 C  CB  . LEU A 1 162 ? 14.374  6.073   3.603   1.00 31.44 ? 161 LEU A CB  1 
ATOM   1159 C  CG  . LEU A 1 162 ? 15.798  5.547   3.443   1.00 34.41 ? 161 LEU A CG  1 
ATOM   1160 C  CD1 . LEU A 1 162 ? 16.645  6.551   2.674   1.00 34.92 ? 161 LEU A CD1 1 
ATOM   1161 C  CD2 . LEU A 1 162 ? 16.406  5.260   4.795   1.00 30.68 ? 161 LEU A CD2 1 
ATOM   1162 N  N   . VAL A 1 163 ? 11.240  6.150   3.832   1.00 34.69 ? 162 VAL A N   1 
ATOM   1163 C  CA  . VAL A 1 163 ? 10.015  6.893   4.099   1.00 31.71 ? 162 VAL A CA  1 
ATOM   1164 C  C   . VAL A 1 163 ? 9.175   6.175   5.148   1.00 35.78 ? 162 VAL A C   1 
ATOM   1165 O  O   . VAL A 1 163 ? 8.639   6.805   6.068   1.00 34.52 ? 162 VAL A O   1 
ATOM   1166 C  CB  . VAL A 1 163 ? 9.235   7.111   2.789   1.00 34.51 ? 162 VAL A CB  1 
ATOM   1167 C  CG1 . VAL A 1 163 ? 7.831   7.605   3.079   1.00 36.22 ? 162 VAL A CG1 1 
ATOM   1168 C  CG2 . VAL A 1 163 ? 9.975   8.088   1.884   1.00 33.12 ? 162 VAL A CG2 1 
ATOM   1169 N  N   . ALA A 1 164 ? 9.067   4.847   5.047   1.00 33.39 ? 163 ALA A N   1 
ATOM   1170 C  CA  . ALA A 1 164 ? 8.283   4.090   6.019   1.00 35.70 ? 163 ALA A CA  1 
ATOM   1171 C  C   . ALA A 1 164 ? 8.841   4.205   7.433   1.00 39.12 ? 163 ALA A C   1 
ATOM   1172 O  O   . ALA A 1 164 ? 8.108   3.959   8.398   1.00 38.98 ? 163 ALA A O   1 
ATOM   1173 C  CB  . ALA A 1 164 ? 8.206   2.620   5.605   1.00 34.63 ? 163 ALA A CB  1 
ATOM   1174 N  N   . ALA A 1 165 ? 10.116  4.575   7.578   1.00 35.03 ? 164 ALA A N   1 
ATOM   1175 C  CA  . ALA A 1 165 ? 10.723  4.764   8.890   1.00 35.01 ? 164 ALA A CA  1 
ATOM   1176 C  C   . ALA A 1 165 ? 10.445  6.143   9.481   1.00 38.43 ? 164 ALA A C   1 
ATOM   1177 O  O   . ALA A 1 165 ? 10.826  6.388   10.629  1.00 42.28 ? 164 ALA A O   1 
ATOM   1178 C  CB  . ALA A 1 165 ? 12.234  4.534   8.805   1.00 34.18 ? 164 ALA A CB  1 
ATOM   1179 N  N   . GLU A 1 166 ? 9.812   7.036   8.720   1.00 39.23 ? 165 GLU A N   1 
ATOM   1180 C  CA  . GLU A 1 166 ? 9.326   8.332   9.195   1.00 40.16 ? 165 GLU A CA  1 
ATOM   1181 C  C   . GLU A 1 166 ? 10.393  9.095   9.983   1.00 42.68 ? 165 GLU A C   1 
ATOM   1182 O  O   . GLU A 1 166 ? 10.203  9.470   11.140  1.00 49.90 ? 165 GLU A O   1 
ATOM   1183 C  CB  . GLU A 1 166 ? 8.054   8.159   10.029  1.00 44.21 ? 165 GLU A CB  1 
ATOM   1184 C  CG  . GLU A 1 166 ? 6.989   9.200   9.718   1.00 50.90 ? 165 GLU A CG  1 
ATOM   1185 C  CD  . GLU A 1 166 ? 6.020   9.435   10.863  1.00 56.04 ? 165 GLU A CD  1 
ATOM   1186 O  OE1 . GLU A 1 166 ? 5.769   8.492   11.647  1.00 59.52 ? 165 GLU A OE1 1 
ATOM   1187 O  OE2 . GLU A 1 166 ? 5.507   10.571  10.977  1.00 58.76 ? 165 GLU A OE2 1 
ATOM   1188 N  N   . GLY A 1 167 ? 11.527  9.333   9.329   1.00 39.65 ? 166 GLY A N   1 
ATOM   1189 C  CA  . GLY A 1 167 ? 12.619  10.044  9.959   1.00 38.70 ? 166 GLY A CA  1 
ATOM   1190 C  C   . GLY A 1 167 ? 13.519  9.204   10.839  1.00 40.01 ? 166 GLY A C   1 
ATOM   1191 O  O   . GLY A 1 167 ? 14.579  9.690   11.251  1.00 42.53 ? 166 GLY A O   1 
ATOM   1192 N  N   . GLY A 1 168 ? 13.137  7.967   11.149  1.00 38.47 ? 167 GLY A N   1 
ATOM   1193 C  CA  . GLY A 1 168 ? 14.029  7.081   11.865  1.00 33.64 ? 167 GLY A CA  1 
ATOM   1194 C  C   . GLY A 1 168 ? 15.230  6.683   11.027  1.00 41.86 ? 167 GLY A C   1 
ATOM   1195 O  O   . GLY A 1 168 ? 15.240  6.794   9.802   1.00 40.83 ? 167 GLY A O   1 
ATOM   1196 N  N   . VAL A 1 169 ? 16.266  6.208   11.709  1.00 39.11 ? 168 VAL A N   1 
ATOM   1197 C  CA  . VAL A 1 169 ? 17.518  5.845   11.056  1.00 42.14 ? 168 VAL A CA  1 
ATOM   1198 C  C   . VAL A 1 169 ? 17.455  4.384   10.632  1.00 44.63 ? 168 VAL A C   1 
ATOM   1199 O  O   . VAL A 1 169 ? 16.987  3.518   11.381  1.00 45.04 ? 168 VAL A O   1 
ATOM   1200 C  CB  . VAL A 1 169 ? 18.720  6.109   11.985  1.00 45.45 ? 168 VAL A CB  1 
ATOM   1201 C  CG1 . VAL A 1 169 ? 20.021  5.707   11.306  1.00 44.14 ? 168 VAL A CG1 1 
ATOM   1202 C  CG2 . VAL A 1 169 ? 18.766  7.576   12.388  1.00 47.49 ? 168 VAL A CG2 1 
ATOM   1203 N  N   . VAL A 1 170 ? 17.923  4.114   9.414   1.00 43.66 ? 169 VAL A N   1 
ATOM   1204 C  CA  . VAL A 1 170 ? 18.002  2.771   8.854   1.00 37.44 ? 169 VAL A CA  1 
ATOM   1205 C  C   . VAL A 1 170 ? 19.453  2.511   8.472   1.00 43.07 ? 169 VAL A C   1 
ATOM   1206 O  O   . VAL A 1 170 ? 20.075  3.330   7.786   1.00 42.78 ? 169 VAL A O   1 
ATOM   1207 C  CB  . VAL A 1 170 ? 17.079  2.612   7.632   1.00 34.16 ? 169 VAL A CB  1 
ATOM   1208 C  CG1 . VAL A 1 170 ? 17.046  1.172   7.173   1.00 38.31 ? 169 VAL A CG1 1 
ATOM   1209 C  CG2 . VAL A 1 170 ? 15.672  3.107   7.954   1.00 36.69 ? 169 VAL A CG2 1 
ATOM   1210 N  N   . SER A 1 171 ? 19.994  1.382   8.918   1.00 44.20 ? 170 SER A N   1 
ATOM   1211 C  CA  . SER A 1 171 ? 21.380  1.077   8.609   1.00 46.07 ? 170 SER A CA  1 
ATOM   1212 C  C   . SER A 1 171 ? 21.528  0.652   7.149   1.00 39.66 ? 170 SER A C   1 
ATOM   1213 O  O   . SER A 1 171 ? 20.576  0.203   6.502   1.00 38.50 ? 170 SER A O   1 
ATOM   1214 C  CB  . SER A 1 171 ? 21.909  -0.023  9.531   1.00 39.79 ? 170 SER A CB  1 
ATOM   1215 O  OG  . SER A 1 171 ? 21.564  -1.306  9.044   1.00 45.48 ? 170 SER A OG  1 
ATOM   1216 N  N   . ALA A 1 172 ? 22.749  0.813   6.630   1.00 38.21 ? 171 ALA A N   1 
ATOM   1217 C  CA  . ALA A 1 172 ? 23.064  0.286   5.306   1.00 39.61 ? 171 ALA A CA  1 
ATOM   1218 C  C   . ALA A 1 172 ? 22.824  -1.215  5.235   1.00 43.44 ? 171 ALA A C   1 
ATOM   1219 O  O   . ALA A 1 172 ? 22.433  -1.734  4.182   1.00 38.52 ? 171 ALA A O   1 
ATOM   1220 C  CB  . ALA A 1 172 ? 24.513  0.606   4.945   1.00 40.91 ? 171 ALA A CB  1 
ATOM   1221 N  N   . GLU A 1 173 ? 23.035  -1.923  6.345   1.00 42.11 ? 172 GLU A N   1 
ATOM   1222 C  CA  . GLU A 1 173 ? 22.843  -3.368  6.355   1.00 44.06 ? 172 GLU A CA  1 
ATOM   1223 C  C   . GLU A 1 173 ? 21.371  -3.730  6.214   1.00 41.76 ? 172 GLU A C   1 
ATOM   1224 O  O   . GLU A 1 173 ? 21.026  -4.668  5.486   1.00 44.45 ? 172 GLU A O   1 
ATOM   1225 C  CB  . GLU A 1 173 ? 23.431  -3.963  7.636   1.00 45.28 ? 172 GLU A CB  1 
ATOM   1226 C  CG  . GLU A 1 173 ? 24.960  -3.971  7.681   1.00 51.57 ? 172 GLU A CG  1 
ATOM   1227 C  CD  . GLU A 1 173 ? 25.563  -2.579  7.847   1.00 60.68 ? 172 GLU A CD  1 
ATOM   1228 O  OE1 . GLU A 1 173 ? 24.848  -1.662  8.313   1.00 56.27 ? 172 GLU A OE1 1 
ATOM   1229 O  OE2 . GLU A 1 173 ? 26.755  -2.405  7.510   1.00 61.60 ? 172 GLU A OE2 1 
ATOM   1230 N  N   . GLU A 1 174 ? 20.489  -2.998  6.900   1.00 38.03 ? 173 GLU A N   1 
ATOM   1231 C  CA  . GLU A 1 174 ? 19.061  -3.265  6.765   1.00 40.27 ? 173 GLU A CA  1 
ATOM   1232 C  C   . GLU A 1 174 ? 18.569  -2.938  5.361   1.00 39.36 ? 173 GLU A C   1 
ATOM   1233 O  O   . GLU A 1 174 ? 17.753  -3.675  4.801   1.00 43.90 ? 173 GLU A O   1 
ATOM   1234 C  CB  . GLU A 1 174 ? 18.267  -2.479  7.805   1.00 42.99 ? 173 GLU A CB  1 
ATOM   1235 C  CG  . GLU A 1 174 ? 16.815  -2.925  7.911   1.00 45.76 ? 173 GLU A CG  1 
ATOM   1236 C  CD  . GLU A 1 174 ? 15.963  -1.988  8.753   1.00 60.96 ? 173 GLU A CD  1 
ATOM   1237 O  OE1 . GLU A 1 174 ? 14.755  -1.847  8.444   1.00 58.58 ? 173 GLU A OE1 1 
ATOM   1238 O  OE2 . GLU A 1 174 ? 16.496  -1.400  9.722   1.00 52.69 ? 173 GLU A OE2 1 
ATOM   1239 N  N   . LEU A 1 175 ? 19.051  -1.835  4.780   1.00 37.12 ? 174 LEU A N   1 
ATOM   1240 C  CA  . LEU A 1 175 ? 18.682  -1.513  3.403   1.00 38.05 ? 174 LEU A CA  1 
ATOM   1241 C  C   . LEU A 1 175 ? 19.076  -2.637  2.453   1.00 37.03 ? 174 LEU A C   1 
ATOM   1242 O  O   . LEU A 1 175 ? 18.318  -2.980  1.538   1.00 35.41 ? 174 LEU A O   1 
ATOM   1243 C  CB  . LEU A 1 175 ? 19.332  -0.196  2.977   1.00 33.89 ? 174 LEU A CB  1 
ATOM   1244 C  CG  . LEU A 1 175 ? 18.765  1.082   3.602   1.00 36.64 ? 174 LEU A CG  1 
ATOM   1245 C  CD1 . LEU A 1 175 ? 19.548  2.299   3.140   1.00 36.28 ? 174 LEU A CD1 1 
ATOM   1246 C  CD2 . LEU A 1 175 ? 17.287  1.236   3.274   1.00 31.71 ? 174 LEU A CD2 1 
ATOM   1247 N  N   . LEU A 1 176 ? 20.252  -3.234  2.661   1.00 38.48 ? 175 LEU A N   1 
ATOM   1248 C  CA  . LEU A 1 176 ? 20.672  -4.353  1.822   1.00 36.93 ? 175 LEU A CA  1 
ATOM   1249 C  C   . LEU A 1 176 ? 19.767  -5.563  2.019   1.00 38.66 ? 175 LEU A C   1 
ATOM   1250 O  O   . LEU A 1 176 ? 19.411  -6.242  1.049   1.00 41.54 ? 175 LEU A O   1 
ATOM   1251 C  CB  . LEU A 1 176 ? 22.126  -4.720  2.117   1.00 32.24 ? 175 LEU A CB  1 
ATOM   1252 C  CG  . LEU A 1 176 ? 22.694  -5.802  1.205   1.00 38.70 ? 175 LEU A CG  1 
ATOM   1253 C  CD1 . LEU A 1 176 ? 22.928  -5.246  -0.197  1.00 38.90 ? 175 LEU A CD1 1 
ATOM   1254 C  CD2 . LEU A 1 176 ? 23.970  -6.395  1.783   1.00 38.90 ? 175 LEU A CD2 1 
ATOM   1255 N  N   . GLU A 1 177 ? 19.379  -5.846  3.264   1.00 39.46 ? 176 GLU A N   1 
ATOM   1256 C  CA  . GLU A 1 177 ? 18.483  -6.971  3.509   1.00 40.39 ? 176 GLU A CA  1 
ATOM   1257 C  C   . GLU A 1 177 ? 17.107  -6.727  2.900   1.00 41.00 ? 176 GLU A C   1 
ATOM   1258 O  O   . GLU A 1 177 ? 16.522  -7.631  2.292   1.00 42.00 ? 176 GLU A O   1 
ATOM   1259 C  CB  . GLU A 1 177 ? 18.366  -7.230  5.012   1.00 45.93 ? 176 GLU A CB  1 
ATOM   1260 C  CG  . GLU A 1 177 ? 19.543  -7.993  5.608   1.00 51.58 ? 176 GLU A CG  1 
ATOM   1261 C  CD  . GLU A 1 177 ? 19.713  -7.747  7.101   1.00 58.39 ? 176 GLU A CD  1 
ATOM   1262 O  OE1 . GLU A 1 177 ? 18.718  -7.391  7.772   1.00 56.46 ? 176 GLU A OE1 1 
ATOM   1263 O  OE2 . GLU A 1 177 ? 20.848  -7.904  7.599   1.00 61.63 ? 176 GLU A OE2 1 
ATOM   1264 N  N   . ARG A 1 178 ? 16.579  -5.510  3.039   1.00 39.86 ? 177 ARG A N   1 
ATOM   1265 C  CA  . ARG A 1 178 ? 15.204  -5.236  2.633   1.00 41.78 ? 177 ARG A CA  1 
ATOM   1266 C  C   . ARG A 1 178 ? 15.068  -4.978  1.136   1.00 40.04 ? 177 ARG A C   1 
ATOM   1267 O  O   . ARG A 1 178 ? 14.018  -5.280  0.558   1.00 44.45 ? 177 ARG A O   1 
ATOM   1268 C  CB  . ARG A 1 178 ? 14.652  -4.041  3.415   1.00 43.87 ? 177 ARG A CB  1 
ATOM   1269 C  CG  . ARG A 1 178 ? 14.647  -4.226  4.931   1.00 41.90 ? 177 ARG A CG  1 
ATOM   1270 C  CD  . ARG A 1 178 ? 13.466  -5.069  5.398   1.00 48.02 ? 177 ARG A CD  1 
ATOM   1271 N  NE  . ARG A 1 178 ? 12.180  -4.519  4.975   1.00 48.32 ? 177 ARG A NE  1 
ATOM   1272 C  CZ  . ARG A 1 178 ? 11.602  -3.454  5.522   1.00 48.26 ? 177 ARG A CZ  1 
ATOM   1273 N  NH1 . ARG A 1 178 ? 12.192  -2.810  6.521   1.00 44.46 ? 177 ARG A NH1 1 
ATOM   1274 N  NH2 . ARG A 1 178 ? 10.431  -3.030  5.070   1.00 49.42 ? 177 ARG A NH2 1 
ATOM   1275 N  N   . ALA A 1 179 ? 16.099  -4.428  0.489   1.00 40.61 ? 178 ALA A N   1 
ATOM   1276 C  CA  . ALA A 1 179 ? 15.995  -4.033  -0.909  1.00 35.43 ? 178 ALA A CA  1 
ATOM   1277 C  C   . ALA A 1 179 ? 16.776  -4.920  -1.866  1.00 35.41 ? 178 ALA A C   1 
ATOM   1278 O  O   . ALA A 1 179 ? 16.508  -4.874  -3.068  1.00 39.01 ? 178 ALA A O   1 
ATOM   1279 C  CB  . ALA A 1 179 ? 16.457  -2.579  -1.092  1.00 36.24 ? 178 ALA A CB  1 
ATOM   1280 N  N   . TRP A 1 180 ? 17.721  -5.722  -1.375  1.00 36.68 ? 179 TRP A N   1 
ATOM   1281 C  CA  . TRP A 1 180 ? 18.440  -6.681  -2.212  1.00 39.17 ? 179 TRP A CA  1 
ATOM   1282 C  C   . TRP A 1 180 ? 18.023  -8.106  -1.881  1.00 39.74 ? 179 TRP A C   1 
ATOM   1283 O  O   . TRP A 1 180 ? 17.330  -8.745  -2.676  1.00 43.87 ? 179 TRP A O   1 
ATOM   1284 C  CB  . TRP A 1 180 ? 19.953  -6.509  -2.064  1.00 35.20 ? 179 TRP A CB  1 
ATOM   1285 C  CG  . TRP A 1 180 ? 20.550  -5.448  -2.939  1.00 38.22 ? 179 TRP A CG  1 
ATOM   1286 C  CD1 . TRP A 1 180 ? 21.272  -5.635  -4.085  1.00 36.81 ? 179 TRP A CD1 1 
ATOM   1287 C  CD2 . TRP A 1 180 ? 20.497  -4.031  -2.726  1.00 34.22 ? 179 TRP A CD2 1 
ATOM   1288 N  NE1 . TRP A 1 180 ? 21.667  -4.423  -4.597  1.00 39.76 ? 179 TRP A NE1 1 
ATOM   1289 C  CE2 . TRP A 1 180 ? 21.204  -3.423  -3.782  1.00 36.19 ? 179 TRP A CE2 1 
ATOM   1290 C  CE3 . TRP A 1 180 ? 19.917  -3.218  -1.743  1.00 37.34 ? 179 TRP A CE3 1 
ATOM   1291 C  CZ2 . TRP A 1 180 ? 21.343  -2.038  -3.887  1.00 38.95 ? 179 TRP A CZ2 1 
ATOM   1292 C  CZ3 . TRP A 1 180 ? 20.059  -1.847  -1.847  1.00 35.69 ? 179 TRP A CZ3 1 
ATOM   1293 C  CH2 . TRP A 1 180 ? 20.767  -1.270  -2.912  1.00 32.24 ? 179 TRP A CH2 1 
ATOM   1294 N  N   . ASP A 1 181 ? 18.437  -8.637  -0.730  1.00 43.19 ? 180 ASP A N   1 
ATOM   1295 C  CA  . ASP A 1 181 ? 18.105  -10.001 -0.339  1.00 49.05 ? 180 ASP A CA  1 
ATOM   1296 C  C   . ASP A 1 181 ? 18.327  -10.150 1.160   1.00 49.09 ? 180 ASP A C   1 
ATOM   1297 O  O   . ASP A 1 181 ? 19.341  -9.684  1.688   1.00 50.48 ? 180 ASP A O   1 
ATOM   1298 C  CB  . ASP A 1 181 ? 18.951  -11.027 -1.108  1.00 50.05 ? 180 ASP A CB  1 
ATOM   1299 C  CG  . ASP A 1 181 ? 18.435  -12.445 -0.951  1.00 56.82 ? 180 ASP A CG  1 
ATOM   1300 O  OD1 . ASP A 1 181 ? 17.284  -12.714 -1.363  1.00 61.32 ? 180 ASP A OD1 1 
ATOM   1301 O  OD2 . ASP A 1 181 ? 19.181  -13.295 -0.419  1.00 60.13 ? 180 ASP A OD2 1 
ATOM   1302 N  N   . GLU A 1 182 ? 17.379  -10.810 1.833   1.00 52.26 ? 181 GLU A N   1 
ATOM   1303 C  CA  . GLU A 1 182 ? 17.448  -10.948 3.288   1.00 53.64 ? 181 GLU A CA  1 
ATOM   1304 C  C   . GLU A 1 182 ? 18.705  -11.684 3.734   1.00 55.42 ? 181 GLU A C   1 
ATOM   1305 O  O   . GLU A 1 182 ? 19.199  -11.453 4.844   1.00 58.57 ? 181 GLU A O   1 
ATOM   1306 C  CB  . GLU A 1 182 ? 16.203  -11.669 3.809   1.00 54.71 ? 181 GLU A CB  1 
ATOM   1307 C  CG  . GLU A 1 182 ? 15.123  -10.738 4.341   1.00 57.29 ? 181 GLU A CG  1 
ATOM   1308 C  CD  . GLU A 1 182 ? 14.041  -10.456 3.314   1.00 71.91 ? 181 GLU A CD  1 
ATOM   1309 O  OE1 . GLU A 1 182 ? 13.273  -9.484  3.501   1.00 71.73 ? 181 GLU A OE1 1 
ATOM   1310 O  OE2 . GLU A 1 182 ? 13.961  -11.210 2.318   1.00 76.50 ? 181 GLU A OE2 1 
ATOM   1311 N  N   . ASN A 1 183 ? 19.234  -12.573 2.896   1.00 50.02 ? 182 ASN A N   1 
ATOM   1312 C  CA  . ASN A 1 183 ? 20.473  -13.267 3.218   1.00 54.16 ? 182 ASN A CA  1 
ATOM   1313 C  C   . ASN A 1 183 ? 21.532  -12.923 2.182   1.00 56.91 ? 182 ASN A C   1 
ATOM   1314 O  O   . ASN A 1 183 ? 22.200  -13.810 1.641   1.00 55.43 ? 182 ASN A O   1 
ATOM   1315 C  CB  . ASN A 1 183 ? 20.245  -14.779 3.291   1.00 58.78 ? 182 ASN A CB  1 
ATOM   1316 C  CG  . ASN A 1 183 ? 19.499  -15.196 4.547   1.00 58.76 ? 182 ASN A CG  1 
ATOM   1317 O  OD1 . ASN A 1 183 ? 18.285  -15.403 4.524   1.00 60.63 ? 182 ASN A OD1 1 
ATOM   1318 N  ND2 . ASN A 1 183 ? 20.224  -15.314 5.655   1.00 54.00 ? 182 ASN A ND2 1 
ATOM   1319 N  N   . ALA A 1 184 ? 21.682  -11.632 1.897   1.00 56.04 ? 183 ALA A N   1 
ATOM   1320 C  CA  . ALA A 1 184 ? 22.637  -11.182 0.902   1.00 57.76 ? 183 ALA A CA  1 
ATOM   1321 C  C   . ALA A 1 184 ? 24.046  -11.166 1.479   1.00 59.51 ? 183 ALA A C   1 
ATOM   1322 O  O   . ALA A 1 184 ? 24.251  -11.167 2.695   1.00 57.87 ? 183 ALA A O   1 
ATOM   1323 C  CB  . ALA A 1 184 ? 22.270  -9.789  0.393   1.00 51.71 ? 183 ALA A CB  1 
ATOM   1324 N  N   . ASP A 1 185 ? 25.021  -11.162 0.585   1.00 58.43 ? 184 ASP A N   1 
ATOM   1325 C  CA  . ASP A 1 185 ? 26.405  -10.966 0.987   1.00 61.87 ? 184 ASP A CA  1 
ATOM   1326 C  C   . ASP A 1 185 ? 26.561  -9.545  1.514   1.00 54.51 ? 184 ASP A C   1 
ATOM   1327 O  O   . ASP A 1 185 ? 26.393  -8.592  0.744   1.00 59.55 ? 184 ASP A O   1 
ATOM   1328 C  CB  . ASP A 1 185 ? 27.341  -11.208 -0.192  1.00 65.59 ? 184 ASP A CB  1 
ATOM   1329 C  CG  . ASP A 1 185 ? 28.481  -12.146 0.152   1.00 77.57 ? 184 ASP A CG  1 
ATOM   1330 O  OD1 . ASP A 1 185 ? 28.602  -12.520 1.340   1.00 78.34 ? 184 ASP A OD1 1 
ATOM   1331 O  OD2 . ASP A 1 185 ? 29.254  -12.507 -0.764  1.00 71.32 ? 184 ASP A OD2 1 
ATOM   1332 N  N   . PRO A 1 186 ? 26.863  -9.350  2.798   1.00 57.97 ? 185 PRO A N   1 
ATOM   1333 C  CA  . PRO A 1 186 ? 26.914  -7.983  3.337   1.00 50.38 ? 185 PRO A CA  1 
ATOM   1334 C  C   . PRO A 1 186 ? 28.030  -7.142  2.733   1.00 52.37 ? 185 PRO A C   1 
ATOM   1335 O  O   . PRO A 1 186 ? 29.125  -7.033  3.292   1.00 51.78 ? 185 PRO A O   1 
ATOM   1336 C  CB  . PRO A 1 186 ? 27.120  -8.204  4.844   1.00 46.62 ? 185 PRO A CB  1 
ATOM   1337 C  CG  . PRO A 1 186 ? 26.709  -9.632  5.089   1.00 49.15 ? 185 PRO A CG  1 
ATOM   1338 C  CD  . PRO A 1 186 ? 27.083  -10.365 3.841   1.00 52.78 ? 185 PRO A CD  1 
ATOM   1339 N  N   . PHE A 1 187 ? 27.752  -6.557  1.569   1.00 51.12 ? 186 PHE A N   1 
ATOM   1340 C  CA  . PHE A 1 187 ? 28.587  -5.527  0.962   1.00 48.46 ? 186 PHE A CA  1 
ATOM   1341 C  C   . PHE A 1 187 ? 27.714  -4.297  0.770   1.00 50.13 ? 186 PHE A C   1 
ATOM   1342 O  O   . PHE A 1 187 ? 26.698  -4.356  0.071   1.00 55.55 ? 186 PHE A O   1 
ATOM   1343 C  CB  . PHE A 1 187 ? 29.174  -5.995  -0.370  1.00 51.63 ? 186 PHE A CB  1 
ATOM   1344 C  CG  . PHE A 1 187 ? 30.274  -7.006  -0.225  1.00 51.54 ? 186 PHE A CG  1 
ATOM   1345 C  CD1 . PHE A 1 187 ? 31.594  -6.601  -0.116  1.00 49.91 ? 186 PHE A CD1 1 
ATOM   1346 C  CD2 . PHE A 1 187 ? 29.988  -8.361  -0.193  1.00 50.69 ? 186 PHE A CD2 1 
ATOM   1347 C  CE1 . PHE A 1 187 ? 32.609  -7.528  0.020   1.00 47.00 ? 186 PHE A CE1 1 
ATOM   1348 C  CE2 . PHE A 1 187 ? 30.999  -9.292  -0.056  1.00 50.74 ? 186 PHE A CE2 1 
ATOM   1349 C  CZ  . PHE A 1 187 ? 32.312  -8.874  0.049   1.00 46.81 ? 186 PHE A CZ  1 
ATOM   1350 N  N   . THR A 1 188 ? 28.100  -3.189  1.395   1.00 48.89 ? 187 THR A N   1 
ATOM   1351 C  CA  . THR A 1 188 ? 27.225  -2.033  1.495   1.00 46.31 ? 187 THR A CA  1 
ATOM   1352 C  C   . THR A 1 188 ? 27.623  -0.877  0.589   1.00 42.99 ? 187 THR A C   1 
ATOM   1353 O  O   . THR A 1 188 ? 26.951  0.160   0.612   1.00 46.97 ? 187 THR A O   1 
ATOM   1354 C  CB  . THR A 1 188 ? 27.159  -1.553  2.947   1.00 48.96 ? 187 THR A CB  1 
ATOM   1355 O  OG1 . THR A 1 188 ? 28.482  -1.257  3.415   1.00 48.70 ? 187 THR A OG1 1 
ATOM   1356 C  CG2 . THR A 1 188 ? 26.535  -2.631  3.823   1.00 48.24 ? 187 THR A CG2 1 
ATOM   1357 N  N   . ASN A 1 189 ? 28.687  -1.014  -0.205  1.00 39.89 ? 188 ASN A N   1 
ATOM   1358 C  CA  . ASN A 1 189 ? 29.007  0.030   -1.176  1.00 42.87 ? 188 ASN A CA  1 
ATOM   1359 C  C   . ASN A 1 189 ? 27.879  0.193   -2.189  1.00 40.10 ? 188 ASN A C   1 
ATOM   1360 O  O   . ASN A 1 189 ? 27.574  1.313   -2.616  1.00 41.07 ? 188 ASN A O   1 
ATOM   1361 C  CB  . ASN A 1 189 ? 30.320  -0.285  -1.891  1.00 43.56 ? 188 ASN A CB  1 
ATOM   1362 C  CG  . ASN A 1 189 ? 31.541  0.072   -1.061  1.00 46.56 ? 188 ASN A CG  1 
ATOM   1363 O  OD1 . ASN A 1 189 ? 31.556  1.075   -0.348  1.00 46.76 ? 188 ASN A OD1 1 
ATOM   1364 N  ND2 . ASN A 1 189 ? 32.578  -0.748  -1.160  1.00 44.00 ? 188 ASN A ND2 1 
ATOM   1365 N  N   . ALA A 1 190 ? 27.248  -0.916  -2.580  1.00 38.83 ? 189 ALA A N   1 
ATOM   1366 C  CA  . ALA A 1 190 ? 26.109  -0.847  -3.491  1.00 36.99 ? 189 ALA A CA  1 
ATOM   1367 C  C   . ALA A 1 190 ? 24.965  -0.050  -2.882  1.00 38.18 ? 189 ALA A C   1 
ATOM   1368 O  O   . ALA A 1 190 ? 24.282  0.706   -3.584  1.00 41.34 ? 189 ALA A O   1 
ATOM   1369 C  CB  . ALA A 1 190 ? 25.645  -2.255  -3.862  1.00 38.18 ? 189 ALA A CB  1 
ATOM   1370 N  N   . VAL A 1 191 ? 24.737  -0.205  -1.576  1.00 38.00 ? 190 VAL A N   1 
ATOM   1371 C  CA  . VAL A 1 191 ? 23.720  0.593   -0.902  1.00 33.39 ? 190 VAL A CA  1 
ATOM   1372 C  C   . VAL A 1 191 ? 24.124  2.062   -0.879  1.00 37.66 ? 190 VAL A C   1 
ATOM   1373 O  O   . VAL A 1 191 ? 23.293  2.954   -1.093  1.00 36.18 ? 190 VAL A O   1 
ATOM   1374 C  CB  . VAL A 1 191 ? 23.473  0.053   0.521   1.00 37.95 ? 190 VAL A CB  1 
ATOM   1375 C  CG1 . VAL A 1 191 ? 22.476  0.932   1.258   1.00 37.55 ? 190 VAL A CG1 1 
ATOM   1376 C  CG2 . VAL A 1 191 ? 22.978  -1.382  0.471   1.00 36.10 ? 190 VAL A CG2 1 
ATOM   1377 N  N   . ARG A 1 192 ? 25.404  2.337   -0.620  1.00 37.87 ? 191 ARG A N   1 
ATOM   1378 C  CA  . ARG A 1 192 ? 25.871  3.718   -0.544  1.00 36.35 ? 191 ARG A CA  1 
ATOM   1379 C  C   . ARG A 1 192 ? 25.730  4.433   -1.881  1.00 32.25 ? 191 ARG A C   1 
ATOM   1380 O  O   . ARG A 1 192 ? 25.299  5.592   -1.928  1.00 31.91 ? 191 ARG A O   1 
ATOM   1381 C  CB  . ARG A 1 192 ? 27.327  3.754   -0.079  1.00 37.06 ? 191 ARG A CB  1 
ATOM   1382 C  CG  . ARG A 1 192 ? 27.501  3.629   1.417   1.00 45.23 ? 191 ARG A CG  1 
ATOM   1383 C  CD  . ARG A 1 192 ? 28.963  3.731   1.809   1.00 50.26 ? 191 ARG A CD  1 
ATOM   1384 N  NE  . ARG A 1 192 ? 29.517  2.414   2.111   1.00 60.06 ? 191 ARG A NE  1 
ATOM   1385 C  CZ  . ARG A 1 192 ? 29.384  1.797   3.281   1.00 59.44 ? 191 ARG A CZ  1 
ATOM   1386 N  NH1 . ARG A 1 192 ? 28.714  2.376   4.271   1.00 59.52 ? 191 ARG A NH1 1 
ATOM   1387 N  NH2 . ARG A 1 192 ? 29.920  0.596   3.460   1.00 56.77 ? 191 ARG A NH2 1 
ATOM   1388 N  N   . ILE A 1 193 ? 26.100  3.768   -2.979  1.00 30.91 ? 192 ILE A N   1 
ATOM   1389 C  CA  . ILE A 1 193 ? 26.010  4.420   -4.283  1.00 31.54 ? 192 ILE A CA  1 
ATOM   1390 C  C   . ILE A 1 193 ? 24.554  4.564   -4.713  1.00 32.37 ? 192 ILE A C   1 
ATOM   1391 O  O   . ILE A 1 193 ? 24.207  5.505   -5.436  1.00 30.45 ? 192 ILE A O   1 
ATOM   1392 C  CB  . ILE A 1 193 ? 26.845  3.655   -5.330  1.00 34.33 ? 192 ILE A CB  1 
ATOM   1393 C  CG1 . ILE A 1 193 ? 27.008  4.486   -6.605  1.00 38.08 ? 192 ILE A CG1 1 
ATOM   1394 C  CG2 . ILE A 1 193 ? 26.211  2.331   -5.661  1.00 32.05 ? 192 ILE A CG2 1 
ATOM   1395 C  CD1 . ILE A 1 193 ? 27.858  5.718   -6.425  1.00 38.64 ? 192 ILE A CD1 1 
ATOM   1396 N  N   . THR A 1 194 ? 23.679  3.658   -4.265  1.00 33.21 ? 193 THR A N   1 
ATOM   1397 C  CA  . THR A 1 194 ? 22.257  3.773   -4.580  1.00 29.68 ? 193 THR A CA  1 
ATOM   1398 C  C   . THR A 1 194 ? 21.624  4.945   -3.836  1.00 34.13 ? 193 THR A C   1 
ATOM   1399 O  O   . THR A 1 194 ? 20.873  5.733   -4.423  1.00 31.73 ? 193 THR A O   1 
ATOM   1400 C  CB  . THR A 1 194 ? 21.541  2.464   -4.244  1.00 31.85 ? 193 THR A CB  1 
ATOM   1401 O  OG1 . THR A 1 194 ? 22.128  1.396   -4.999  1.00 32.71 ? 193 THR A OG1 1 
ATOM   1402 C  CG2 . THR A 1 194 ? 20.056  2.557   -4.582  1.00 30.08 ? 193 THR A CG2 1 
ATOM   1403 N  N   . VAL A 1 195 ? 21.922  5.079   -2.540  1.00 31.95 ? 194 VAL A N   1 
ATOM   1404 C  CA  . VAL A 1 195 ? 21.444  6.230   -1.779  1.00 31.23 ? 194 VAL A CA  1 
ATOM   1405 C  C   . VAL A 1 195 ? 21.936  7.524   -2.415  1.00 36.98 ? 194 VAL A C   1 
ATOM   1406 O  O   . VAL A 1 195 ? 21.187  8.503   -2.539  1.00 34.32 ? 194 VAL A O   1 
ATOM   1407 C  CB  . VAL A 1 195 ? 21.891  6.113   -0.308  1.00 30.35 ? 194 VAL A CB  1 
ATOM   1408 C  CG1 . VAL A 1 195 ? 21.661  7.416   0.424   1.00 33.37 ? 194 VAL A CG1 1 
ATOM   1409 C  CG2 . VAL A 1 195 ? 21.160  4.973   0.391   1.00 33.51 ? 194 VAL A CG2 1 
ATOM   1410 N  N   . SER A 1 196 ? 23.202  7.542   -2.843  1.00 31.01 ? 195 SER A N   1 
ATOM   1411 C  CA  . SER A 1 196 ? 23.772  8.738   -3.456  1.00 32.61 ? 195 SER A CA  1 
ATOM   1412 C  C   . SER A 1 196 ? 23.058  9.086   -4.757  1.00 30.81 ? 195 SER A C   1 
ATOM   1413 O  O   . SER A 1 196 ? 22.772  10.259  -5.022  1.00 35.38 ? 195 SER A O   1 
ATOM   1414 C  CB  . SER A 1 196 ? 25.269  8.531   -3.694  1.00 35.73 ? 195 SER A CB  1 
ATOM   1415 O  OG  . SER A 1 196 ? 25.751  9.406   -4.695  1.00 41.20 ? 195 SER A OG  1 
ATOM   1416 N  N   . ALA A 1 197 ? 22.747  8.075   -5.573  1.00 29.95 ? 196 ALA A N   1 
ATOM   1417 C  CA  . ALA A 1 197 ? 21.967  8.317   -6.782  1.00 29.95 ? 196 ALA A CA  1 
ATOM   1418 C  C   . ALA A 1 197 ? 20.569  8.821   -6.446  1.00 34.01 ? 196 ALA A C   1 
ATOM   1419 O  O   . ALA A 1 197 ? 20.063  9.751   -7.086  1.00 36.61 ? 196 ALA A O   1 
ATOM   1420 C  CB  . ALA A 1 197 ? 21.887  7.040   -7.612  1.00 31.61 ? 196 ALA A CB  1 
ATOM   1421 N  N   . LEU A 1 198 ? 19.926  8.201   -5.454  1.00 34.54 ? 197 LEU A N   1 
ATOM   1422 C  CA  . LEU A 1 198 ? 18.615  8.653   -4.996  1.00 33.23 ? 197 LEU A CA  1 
ATOM   1423 C  C   . LEU A 1 198 ? 18.641  10.127  -4.608  1.00 35.05 ? 197 LEU A C   1 
ATOM   1424 O  O   . LEU A 1 198 ? 17.723  10.883  -4.944  1.00 38.20 ? 197 LEU A O   1 
ATOM   1425 C  CB  . LEU A 1 198 ? 18.173  7.784   -3.819  1.00 31.93 ? 197 LEU A CB  1 
ATOM   1426 C  CG  . LEU A 1 198 ? 16.803  7.978   -3.187  1.00 39.57 ? 197 LEU A CG  1 
ATOM   1427 C  CD1 . LEU A 1 198 ? 15.700  7.927   -4.240  1.00 31.87 ? 197 LEU A CD1 1 
ATOM   1428 C  CD2 . LEU A 1 198 ? 16.595  6.913   -2.117  1.00 37.93 ? 197 LEU A CD2 1 
ATOM   1429 N  N   . ARG A 1 199 ? 19.703  10.561  -3.924  1.00 33.18 ? 198 ARG A N   1 
ATOM   1430 C  CA  . ARG A 1 199 ? 19.817  11.965  -3.537  1.00 36.89 ? 198 ARG A CA  1 
ATOM   1431 C  C   . ARG A 1 199 ? 19.927  12.872  -4.756  1.00 36.57 ? 198 ARG A C   1 
ATOM   1432 O  O   . ARG A 1 199 ? 19.345  13.963  -4.780  1.00 35.51 ? 198 ARG A O   1 
ATOM   1433 C  CB  . ARG A 1 199 ? 21.028  12.159  -2.625  1.00 38.06 ? 198 ARG A CB  1 
ATOM   1434 C  CG  . ARG A 1 199 ? 20.701  12.133  -1.149  1.00 45.53 ? 198 ARG A CG  1 
ATOM   1435 C  CD  . ARG A 1 199 ? 21.873  12.644  -0.338  1.00 41.45 ? 198 ARG A CD  1 
ATOM   1436 N  NE  . ARG A 1 199 ? 22.918  11.638  -0.228  1.00 47.53 ? 198 ARG A NE  1 
ATOM   1437 C  CZ  . ARG A 1 199 ? 23.270  11.046  0.909   1.00 57.33 ? 198 ARG A CZ  1 
ATOM   1438 N  NH1 . ARG A 1 199 ? 22.663  11.366  2.046   1.00 50.57 ? 198 ARG A NH1 1 
ATOM   1439 N  NH2 . ARG A 1 199 ? 24.238  10.138  0.907   1.00 53.41 ? 198 ARG A NH2 1 
ATOM   1440 N  N   . LYS A 1 200 ? 20.691  12.452  -5.767  1.00 35.17 ? 199 LYS A N   1 
ATOM   1441 C  CA  . LYS A 1 200 ? 20.766  13.222  -7.005  1.00 33.92 ? 199 LYS A CA  1 
ATOM   1442 C  C   . LYS A 1 200 ? 19.406  13.301  -7.686  1.00 35.18 ? 199 LYS A C   1 
ATOM   1443 O  O   . LYS A 1 200 ? 18.991  14.376  -8.135  1.00 35.19 ? 199 LYS A O   1 
ATOM   1444 C  CB  . LYS A 1 200 ? 21.799  12.602  -7.948  1.00 40.23 ? 199 LYS A CB  1 
ATOM   1445 C  CG  . LYS A 1 200 ? 21.674  13.061  -9.396  1.00 43.34 ? 199 LYS A CG  1 
ATOM   1446 C  CD  . LYS A 1 200 ? 22.938  13.764  -9.872  1.00 50.25 ? 199 LYS A CD  1 
ATOM   1447 C  CE  . LYS A 1 200 ? 22.737  14.413  -11.240 1.00 50.04 ? 199 LYS A CE  1 
ATOM   1448 N  NZ  . LYS A 1 200 ? 24.025  14.894  -11.823 1.00 59.13 ? 199 LYS A NZ  1 
ATOM   1449 N  N   . ARG A 1 201 ? 18.693  12.172  -7.763  1.00 39.96 ? 200 ARG A N   1 
ATOM   1450 C  CA  . ARG A 1 201 ? 17.382  12.148  -8.411  1.00 37.78 ? 200 ARG A CA  1 
ATOM   1451 C  C   . ARG A 1 201 ? 16.399  13.073  -7.707  1.00 39.46 ? 200 ARG A C   1 
ATOM   1452 O  O   . ARG A 1 201 ? 15.666  13.829  -8.355  1.00 38.00 ? 200 ARG A O   1 
ATOM   1453 C  CB  . ARG A 1 201 ? 16.836  10.719  -8.438  1.00 36.78 ? 200 ARG A CB  1 
ATOM   1454 C  CG  . ARG A 1 201 ? 17.712  9.717   -9.175  1.00 36.98 ? 200 ARG A CG  1 
ATOM   1455 C  CD  . ARG A 1 201 ? 17.805  10.051  -10.648 1.00 37.97 ? 200 ARG A CD  1 
ATOM   1456 N  NE  . ARG A 1 201 ? 16.481  10.286  -11.204 1.00 50.48 ? 200 ARG A NE  1 
ATOM   1457 C  CZ  . ARG A 1 201 ? 16.227  11.134  -12.191 1.00 46.95 ? 200 ARG A CZ  1 
ATOM   1458 N  NH1 . ARG A 1 201 ? 17.220  11.821  -12.741 1.00 45.39 ? 200 ARG A NH1 1 
ATOM   1459 N  NH2 . ARG A 1 201 ? 14.982  11.289  -12.628 1.00 35.98 ? 200 ARG A NH2 1 
ATOM   1460 N  N   . LEU A 1 202 ? 16.364  13.025  -6.373  1.00 36.01 ? 201 LEU A N   1 
ATOM   1461 C  CA  . LEU A 1 202 ? 15.363  13.793  -5.638  1.00 42.31 ? 201 LEU A CA  1 
ATOM   1462 C  C   . LEU A 1 202 ? 15.605  15.293  -5.761  1.00 42.10 ? 201 LEU A C   1 
ATOM   1463 O  O   . LEU A 1 202 ? 14.651  16.077  -5.809  1.00 39.91 ? 201 LEU A O   1 
ATOM   1464 C  CB  . LEU A 1 202 ? 15.346  13.361  -4.173  1.00 35.31 ? 201 LEU A CB  1 
ATOM   1465 C  CG  . LEU A 1 202 ? 14.855  11.927  -3.976  1.00 36.35 ? 201 LEU A CG  1 
ATOM   1466 C  CD1 . LEU A 1 202 ? 15.057  11.455  -2.543  1.00 38.64 ? 201 LEU A CD1 1 
ATOM   1467 C  CD2 . LEU A 1 202 ? 13.406  11.816  -4.387  1.00 36.05 ? 201 LEU A CD2 1 
ATOM   1468 N  N   . GLY A 1 203 ? 16.872  15.713  -5.811  1.00 42.74 ? 202 GLY A N   1 
ATOM   1469 C  CA  . GLY A 1 203 ? 17.205  17.111  -5.992  1.00 38.46 ? 202 GLY A CA  1 
ATOM   1470 C  C   . GLY A 1 203 ? 17.202  17.908  -4.698  1.00 42.63 ? 202 GLY A C   1 
ATOM   1471 O  O   . GLY A 1 203 ? 17.051  17.382  -3.593  1.00 44.20 ? 202 GLY A O   1 
ATOM   1472 N  N   . GLU A 1 204 ? 17.373  19.224  -4.858  1.00 49.18 ? 203 GLU A N   1 
ATOM   1473 C  CA  . GLU A 1 204 ? 17.389  20.142  -3.731  1.00 52.17 ? 203 GLU A CA  1 
ATOM   1474 C  C   . GLU A 1 204 ? 15.964  20.471  -3.287  1.00 52.43 ? 203 GLU A C   1 
ATOM   1475 O  O   . GLU A 1 204 ? 15.044  20.507  -4.109  1.00 50.21 ? 203 GLU A O   1 
ATOM   1476 C  CB  . GLU A 1 204 ? 18.118  21.431  -4.100  1.00 48.87 ? 203 GLU A CB  1 
ATOM   1477 C  CG  . GLU A 1 204 ? 19.581  21.249  -4.459  1.00 56.08 ? 203 GLU A CG  1 
ATOM   1478 C  CD  . GLU A 1 204 ? 20.432  20.848  -3.268  1.00 63.79 ? 203 GLU A CD  1 
ATOM   1479 O  OE1 . GLU A 1 204 ? 20.034  21.143  -2.119  1.00 66.98 ? 203 GLU A OE1 1 
ATOM   1480 O  OE2 . GLU A 1 204 ? 21.502  20.240  -3.483  1.00 63.51 ? 203 GLU A OE2 1 
ATOM   1481 N  N   . PRO A 1 205 ? 15.751  20.716  -1.980  1.00 55.55 ? 204 PRO A N   1 
ATOM   1482 C  CA  . PRO A 1 205 ? 16.749  20.662  -0.904  1.00 55.87 ? 204 PRO A CA  1 
ATOM   1483 C  C   . PRO A 1 205 ? 17.035  19.238  -0.439  1.00 55.04 ? 204 PRO A C   1 
ATOM   1484 O  O   . PRO A 1 205 ? 16.210  18.350  -0.662  1.00 51.26 ? 204 PRO A O   1 
ATOM   1485 C  CB  . PRO A 1 205 ? 16.099  21.470  0.231   1.00 50.50 ? 204 PRO A CB  1 
ATOM   1486 C  CG  . PRO A 1 205 ? 14.812  22.018  -0.328  1.00 50.33 ? 204 PRO A CG  1 
ATOM   1487 C  CD  . PRO A 1 205 ? 14.438  21.141  -1.471  1.00 53.17 ? 204 PRO A CD  1 
ATOM   1488 N  N   . GLY A 1 206 ? 18.184  19.034  0.201   1.00 52.03 ? 205 GLY A N   1 
ATOM   1489 C  CA  . GLY A 1 206 ? 18.542  17.730  0.721   1.00 45.60 ? 205 GLY A CA  1 
ATOM   1490 C  C   . GLY A 1 206 ? 17.492  17.159  1.651   1.00 44.23 ? 205 GLY A C   1 
ATOM   1491 O  O   . GLY A 1 206 ? 17.095  17.801  2.628   1.00 51.90 ? 205 GLY A O   1 
ATOM   1492 N  N   . ILE A 1 207 ? 17.028  15.952  1.348   1.00 47.53 ? 206 ILE A N   1 
ATOM   1493 C  CA  . ILE A 1 207 ? 15.985  15.308  2.133   1.00 44.66 ? 206 ILE A CA  1 
ATOM   1494 C  C   . ILE A 1 207 ? 16.455  14.020  2.795   1.00 45.52 ? 206 ILE A C   1 
ATOM   1495 O  O   . ILE A 1 207 ? 15.826  13.577  3.771   1.00 47.78 ? 206 ILE A O   1 
ATOM   1496 C  CB  . ILE A 1 207 ? 14.739  15.041  1.263   1.00 46.82 ? 206 ILE A CB  1 
ATOM   1497 C  CG1 . ILE A 1 207 ? 13.517  14.739  2.125   1.00 46.96 ? 206 ILE A CG1 1 
ATOM   1498 C  CG2 . ILE A 1 207 ? 15.003  13.917  0.271   1.00 49.06 ? 206 ILE A CG2 1 
ATOM   1499 C  CD1 . ILE A 1 207 ? 12.230  15.203  1.506   1.00 51.31 ? 206 ILE A CD1 1 
ATOM   1500 N  N   . ILE A 1 208 ? 17.536  13.410  2.324   1.00 47.05 ? 207 ILE A N   1 
ATOM   1501 C  CA  . ILE A 1 208 ? 18.084  12.195  2.912   1.00 45.74 ? 207 ILE A CA  1 
ATOM   1502 C  C   . ILE A 1 208 ? 19.334  12.573  3.692   1.00 43.63 ? 207 ILE A C   1 
ATOM   1503 O  O   . ILE A 1 208 ? 20.324  13.029  3.109   1.00 45.12 ? 207 ILE A O   1 
ATOM   1504 C  CB  . ILE A 1 208 ? 18.401  11.145  1.836   1.00 46.14 ? 207 ILE A CB  1 
ATOM   1505 C  CG1 . ILE A 1 208 ? 17.110  10.679  1.162   1.00 43.73 ? 207 ILE A CG1 1 
ATOM   1506 C  CG2 . ILE A 1 208 ? 19.161  9.965   2.438   1.00 42.13 ? 207 ILE A CG2 1 
ATOM   1507 C  CD1 . ILE A 1 208 ? 17.331  9.643   0.099   1.00 38.51 ? 207 ILE A CD1 1 
ATOM   1508 N  N   . ALA A 1 209 ? 19.291  12.385  5.007   1.00 46.14 ? 208 ALA A N   1 
ATOM   1509 C  CA  . ALA A 1 209 ? 20.404  12.727  5.881   1.00 49.71 ? 208 ALA A CA  1 
ATOM   1510 C  C   . ALA A 1 209 ? 21.232  11.488  6.193   1.00 46.76 ? 208 ALA A C   1 
ATOM   1511 O  O   . ALA A 1 209 ? 20.697  10.384  6.327   1.00 41.98 ? 208 ALA A O   1 
ATOM   1512 C  CB  . ALA A 1 209 ? 19.908  13.356  7.185   1.00 45.09 ? 208 ALA A CB  1 
ATOM   1513 N  N   . THR A 1 210 ? 22.539  11.682  6.308   1.00 46.87 ? 209 THR A N   1 
ATOM   1514 C  CA  . THR A 1 210 ? 23.461  10.623  6.694   1.00 45.96 ? 209 THR A CA  1 
ATOM   1515 C  C   . THR A 1 210 ? 23.798  10.774  8.170   1.00 50.50 ? 209 THR A C   1 
ATOM   1516 O  O   . THR A 1 210 ? 24.178  11.866  8.615   1.00 50.14 ? 209 THR A O   1 
ATOM   1517 C  CB  . THR A 1 210 ? 24.740  10.667  5.851   1.00 45.82 ? 209 THR A CB  1 
ATOM   1518 O  OG1 . THR A 1 210 ? 24.420  10.407  4.480   1.00 55.47 ? 209 THR A OG1 1 
ATOM   1519 C  CG2 . THR A 1 210 ? 25.732  9.618   6.330   1.00 45.20 ? 209 THR A CG2 1 
ATOM   1520 N  N   . VAL A 1 211 ? 23.638  9.693   8.927   1.00 50.46 ? 210 VAL A N   1 
ATOM   1521 C  CA  . VAL A 1 211 ? 24.078  9.628   10.315  1.00 52.28 ? 210 VAL A CA  1 
ATOM   1522 C  C   . VAL A 1 211 ? 25.383  8.824   10.339  1.00 54.63 ? 210 VAL A C   1 
ATOM   1523 O  O   . VAL A 1 211 ? 25.343  7.611   10.086  1.00 52.87 ? 210 VAL A O   1 
ATOM   1524 C  CB  . VAL A 1 211 ? 23.011  9.003   11.220  1.00 52.28 ? 210 VAL A CB  1 
ATOM   1525 C  CG1 . VAL A 1 211 ? 23.514  8.918   12.656  1.00 55.74 ? 210 VAL A CG1 1 
ATOM   1526 C  CG2 . VAL A 1 211 ? 21.718  9.816   11.135  1.00 45.07 ? 210 VAL A CG2 1 
ATOM   1527 N  N   . PRO A 1 212 ? 26.524  9.441   10.673  1.00 60.71 ? 211 PRO A N   1 
ATOM   1528 C  CA  . PRO A 1 212 ? 27.830  8.889   10.247  1.00 58.75 ? 211 PRO A CA  1 
ATOM   1529 C  C   . PRO A 1 212 ? 28.052  7.412   10.537  1.00 59.75 ? 211 PRO A C   1 
ATOM   1530 O  O   . PRO A 1 212 ? 28.552  6.695   9.662   1.00 65.50 ? 211 PRO A O   1 
ATOM   1531 C  CB  . PRO A 1 212 ? 28.832  9.768   11.008  1.00 64.31 ? 211 PRO A CB  1 
ATOM   1532 C  CG  . PRO A 1 212 ? 28.112  11.063  11.204  1.00 60.52 ? 211 PRO A CG  1 
ATOM   1533 C  CD  . PRO A 1 212 ? 26.677  10.683  11.448  1.00 57.65 ? 211 PRO A CD  1 
ATOM   1534 N  N   . GLY A 1 213 ? 27.691  6.925   11.720  1.00 60.66 ? 212 GLY A N   1 
ATOM   1535 C  CA  . GLY A 1 213 ? 28.015  5.552   12.058  1.00 62.11 ? 212 GLY A CA  1 
ATOM   1536 C  C   . GLY A 1 213 ? 26.875  4.560   11.939  1.00 61.73 ? 212 GLY A C   1 
ATOM   1537 O  O   . GLY A 1 213 ? 27.105  3.348   12.006  1.00 56.98 ? 212 GLY A O   1 
ATOM   1538 N  N   . VAL A 1 214 ? 25.650  5.047   11.754  1.00 57.20 ? 213 VAL A N   1 
ATOM   1539 C  CA  . VAL A 1 214 ? 24.451  4.227   11.866  1.00 55.49 ? 213 VAL A CA  1 
ATOM   1540 C  C   . VAL A 1 214 ? 23.777  4.013   10.514  1.00 53.41 ? 213 VAL A C   1 
ATOM   1541 O  O   . VAL A 1 214 ? 23.507  2.877   10.123  1.00 53.81 ? 213 VAL A O   1 
ATOM   1542 C  CB  . VAL A 1 214 ? 23.462  4.830   12.888  1.00 58.88 ? 213 VAL A CB  1 
ATOM   1543 C  CG1 . VAL A 1 214 ? 22.507  3.750   13.393  1.00 60.46 ? 213 VAL A CG1 1 
ATOM   1544 C  CG2 . VAL A 1 214 ? 24.226  5.466   14.048  1.00 57.16 ? 213 VAL A CG2 1 
ATOM   1545 N  N   . GLY A 1 215 ? 23.474  5.094   9.793   1.00 47.76 ? 214 GLY A N   1 
ATOM   1546 C  CA  . GLY A 1 215 ? 22.829  4.944   8.498   1.00 45.62 ? 214 GLY A CA  1 
ATOM   1547 C  C   . GLY A 1 215 ? 22.221  6.204   7.913   1.00 45.59 ? 214 GLY A C   1 
ATOM   1548 O  O   . GLY A 1 215 ? 22.840  7.273   7.940   1.00 46.88 ? 214 GLY A O   1 
ATOM   1549 N  N   . TYR A 1 216 ? 21.007  6.087   7.373   1.00 43.39 ? 215 TYR A N   1 
ATOM   1550 C  CA  . TYR A 1 216 ? 20.341  7.182   6.680   1.00 42.56 ? 215 TYR A CA  1 
ATOM   1551 C  C   . TYR A 1 216 ? 18.922  7.353   7.202   1.00 41.13 ? 215 TYR A C   1 
ATOM   1552 O  O   . TYR A 1 216 ? 18.339  6.448   7.802   1.00 38.83 ? 215 TYR A O   1 
ATOM   1553 C  CB  . TYR A 1 216 ? 20.299  6.954   5.162   1.00 40.80 ? 215 TYR A CB  1 
ATOM   1554 C  CG  . TYR A 1 216 ? 21.624  6.549   4.565   1.00 38.68 ? 215 TYR A CG  1 
ATOM   1555 C  CD1 . TYR A 1 216 ? 22.545  7.504   4.164   1.00 46.52 ? 215 TYR A CD1 1 
ATOM   1556 C  CD2 . TYR A 1 216 ? 21.955  5.214   4.408   1.00 38.92 ? 215 TYR A CD2 1 
ATOM   1557 C  CE1 . TYR A 1 216 ? 23.761  7.141   3.618   1.00 46.37 ? 215 TYR A CE1 1 
ATOM   1558 C  CE2 . TYR A 1 216 ? 23.168  4.838   3.864   1.00 44.81 ? 215 TYR A CE2 1 
ATOM   1559 C  CZ  . TYR A 1 216 ? 24.066  5.806   3.471   1.00 44.18 ? 215 TYR A CZ  1 
ATOM   1560 O  OH  . TYR A 1 216 ? 25.275  5.440   2.930   1.00 43.48 ? 215 TYR A OH  1 
ATOM   1561 N  N   . ARG A 1 217 ? 18.365  8.532   6.939   1.00 40.80 ? 216 ARG A N   1 
ATOM   1562 C  CA  . ARG A 1 217 ? 17.027  8.873   7.393   1.00 41.37 ? 216 ARG A CA  1 
ATOM   1563 C  C   . ARG A 1 217 ? 16.504  10.026  6.550   1.00 41.59 ? 216 ARG A C   1 
ATOM   1564 O  O   . ARG A 1 217 ? 17.276  10.751  5.914   1.00 41.64 ? 216 ARG A O   1 
ATOM   1565 C  CB  . ARG A 1 217 ? 17.020  9.249   8.877   1.00 41.24 ? 216 ARG A CB  1 
ATOM   1566 C  CG  . ARG A 1 217 ? 17.636  10.603  9.170   1.00 41.25 ? 216 ARG A CG  1 
ATOM   1567 C  CD  . ARG A 1 217 ? 17.735  10.851  10.668  1.00 46.79 ? 216 ARG A CD  1 
ATOM   1568 N  NE  . ARG A 1 217 ? 18.411  12.109  10.966  1.00 53.66 ? 216 ARG A NE  1 
ATOM   1569 C  CZ  . ARG A 1 217 ? 17.794  13.284  11.054  1.00 58.81 ? 216 ARG A CZ  1 
ATOM   1570 N  NH1 . ARG A 1 217 ? 16.482  13.362  10.868  1.00 54.71 ? 216 ARG A NH1 1 
ATOM   1571 N  NH2 . ARG A 1 217 ? 18.488  14.379  11.328  1.00 63.95 ? 216 ARG A NH2 1 
ATOM   1572 N  N   . ILE A 1 218 ? 15.183  10.184  6.553   1.00 36.78 ? 217 ILE A N   1 
ATOM   1573 C  CA  . ILE A 1 218 ? 14.551  11.337  5.920   1.00 43.22 ? 217 ILE A CA  1 
ATOM   1574 C  C   . ILE A 1 218 ? 14.674  12.532  6.860   1.00 46.33 ? 217 ILE A C   1 
ATOM   1575 O  O   . ILE A 1 218 ? 14.258  12.468  8.021   1.00 48.76 ? 217 ILE A O   1 
ATOM   1576 C  CB  . ILE A 1 218 ? 13.082  11.051  5.579   1.00 45.14 ? 217 ILE A CB  1 
ATOM   1577 C  CG1 . ILE A 1 218 ? 12.965  9.819   4.682   1.00 39.86 ? 217 ILE A CG1 1 
ATOM   1578 C  CG2 . ILE A 1 218 ? 12.454  12.256  4.898   1.00 38.67 ? 217 ILE A CG2 1 
ATOM   1579 C  CD1 . ILE A 1 218 ? 13.601  9.986   3.319   1.00 36.12 ? 217 ILE A CD1 1 
ATOM   1580 N  N   . ASP A 1 219 ? 15.244  13.626  6.359   1.00 46.48 ? 218 ASP A N   1 
ATOM   1581 C  CA  . ASP A 1 219 ? 15.427  14.825  7.167   1.00 56.38 ? 218 ASP A CA  1 
ATOM   1582 C  C   . ASP A 1 219 ? 14.116  15.589  7.315   1.00 57.99 ? 218 ASP A C   1 
ATOM   1583 O  O   . ASP A 1 219 ? 13.368  15.759  6.349   1.00 59.42 ? 218 ASP A O   1 
ATOM   1584 C  CB  . ASP A 1 219 ? 16.488  15.730  6.540   1.00 61.93 ? 218 ASP A CB  1 
ATOM   1585 C  CG  . ASP A 1 219 ? 17.125  16.665  7.550   1.00 69.43 ? 218 ASP A CG  1 
ATOM   1586 O  OD1 . ASP A 1 219 ? 16.792  16.561  8.752   1.00 69.60 ? 218 ASP A OD1 1 
ATOM   1587 O  OD2 . ASP A 1 219 ? 17.961  17.501  7.142   1.00 65.01 ? 218 ASP A OD2 1 
ATOM   1588 N  N   . THR A 1 220 ? 13.855  16.059  8.535   1.00 63.54 ? 219 THR A N   1 
ATOM   1589 C  CA  . THR A 1 220 ? 12.610  16.747  8.888   1.00 67.86 ? 219 THR A CA  1 
ATOM   1590 C  C   . THR A 1 220 ? 11.397  15.860  8.619   1.00 61.35 ? 219 THR A C   1 
ATOM   1591 O  O   . THR A 1 220 ? 11.127  14.921  9.367   1.00 60.26 ? 219 THR A O   1 
ATOM   1592 C  CB  . THR A 1 220 ? 12.444  18.088  8.127   1.00 65.63 ? 219 THR A CB  1 
ATOM   1593 O  OG1 . THR A 1 220 ? 13.352  19.061  8.658   1.00 66.93 ? 219 THR A OG1 1 
ATOM   1594 C  CG2 . THR A 1 220 ? 11.018  18.609  8.257   1.00 55.21 ? 219 THR A CG2 1 
HETATM 1595 MG MG  . MG  B 2 .   ? -17.879 -10.643 -10.959 1.00 46.96 ? 301 MG  A MG  1 
HETATM 1596 O  O   . HOH C 3 .   ? 18.443  -0.407  10.664  1.00 43.13 ? 401 HOH A O   1 
HETATM 1597 O  O   . HOH C 3 .   ? -19.804 -10.229 -10.176 1.00 44.21 ? 402 HOH A O   1 
HETATM 1598 O  O   . HOH C 3 .   ? -0.533  -4.631  -15.143 1.00 52.06 ? 403 HOH A O   1 
HETATM 1599 O  O   . HOH C 3 .   ? -18.471 -11.012 -12.912 1.00 46.95 ? 404 HOH A O   1 
HETATM 1600 O  O   . HOH C 3 .   ? -27.308 -6.580  -8.640  1.00 43.74 ? 405 HOH A O   1 
HETATM 1601 O  O   . HOH C 3 .   ? -3.673  -8.420  16.705  1.00 32.43 ? 406 HOH A O   1 
HETATM 1602 O  O   . HOH C 3 .   ? 18.265  14.437  -0.269  1.00 47.86 ? 407 HOH A O   1 
HETATM 1603 O  O   . HOH C 3 .   ? 18.203  15.164  -2.852  1.00 34.96 ? 408 HOH A O   1 
HETATM 1604 O  O   . HOH C 3 .   ? -2.475  -7.210  2.682   1.00 35.97 ? 409 HOH A O   1 
HETATM 1605 O  O   . HOH C 3 .   ? 9.115   7.289   -9.391  1.00 39.97 ? 410 HOH A O   1 
HETATM 1606 O  O   . HOH C 3 .   ? -17.028 -8.389  14.264  1.00 38.69 ? 411 HOH A O   1 
HETATM 1607 O  O   . HOH C 3 .   ? 20.649  3.846   -8.417  1.00 34.37 ? 412 HOH A O   1 
HETATM 1608 O  O   . HOH C 3 .   ? -18.107 -12.560 -9.990  1.00 45.49 ? 413 HOH A O   1 
HETATM 1609 O  O   . HOH C 3 .   ? 11.377  1.166   7.245   1.00 34.35 ? 414 HOH A O   1 
HETATM 1610 O  O   . HOH C 3 .   ? -6.879  -8.356  9.960   1.00 39.31 ? 415 HOH A O   1 
HETATM 1611 O  O   . HOH C 3 .   ? -20.576 3.204   2.678   1.00 35.85 ? 416 HOH A O   1 
HETATM 1612 O  O   . HOH C 3 .   ? 16.854  -1.081  -10.118 1.00 40.29 ? 417 HOH A O   1 
HETATM 1613 O  O   . HOH C 3 .   ? 0.494   1.486   0.732   1.00 30.22 ? 418 HOH A O   1 
HETATM 1614 O  O   . HOH C 3 .   ? 5.600   2.928   7.708   1.00 40.85 ? 419 HOH A O   1 
HETATM 1615 O  O   . HOH C 3 .   ? 11.271  -1.555  -0.311  1.00 35.32 ? 420 HOH A O   1 
HETATM 1616 O  O   . HOH C 3 .   ? 13.641  8.004   7.701   1.00 36.25 ? 421 HOH A O   1 
HETATM 1617 O  O   . HOH C 3 .   ? 6.874   3.792   2.192   1.00 32.77 ? 422 HOH A O   1 
HETATM 1618 O  O   . HOH C 3 .   ? 20.972  0.091   -7.304  1.00 34.67 ? 423 HOH A O   1 
HETATM 1619 O  O   . HOH C 3 .   ? 4.332   15.120  -3.645  1.00 38.88 ? 424 HOH A O   1 
HETATM 1620 O  O   . HOH C 3 .   ? 23.050  -4.064  -7.120  1.00 38.98 ? 425 HOH A O   1 
HETATM 1621 O  O   . HOH C 3 .   ? -14.865 0.698   -16.367 1.00 45.36 ? 426 HOH A O   1 
HETATM 1622 O  O   . HOH C 3 .   ? -24.364 -10.529 -1.583  1.00 39.90 ? 427 HOH A O   1 
HETATM 1623 O  O   . HOH C 3 .   ? 9.536   5.910   -11.433 1.00 41.12 ? 428 HOH A O   1 
# 
